data_4BC3
#
_entry.id   4BC3
#
_cell.length_a   99.790
_cell.length_b   99.790
_cell.length_c   157.540
_cell.angle_alpha   90.00
_cell.angle_beta   90.00
_cell.angle_gamma   120.00
#
_symmetry.space_group_name_H-M   'P 32'
#
loop_
_entity.id
_entity.type
_entity.pdbx_description
1 polymer 'XYLULOSE KINASE'
2 non-polymer 1,2-ETHANEDIOL
3 water water
#
_entity_poly.entity_id   1
_entity_poly.type   'polypeptide(L)'
_entity_poly.pdbx_seq_one_letter_code
;GA(MSE)AEHAPRRCCLGWDFSTQQVKVVAVDAELNVFYEESVHFDRDLPEFGTQGGVHVHKDGLTVTSPVL(MSE)WVQ
ALDIILEK(MSE)KASGFDFSQVLALSGAGQQHGSIYWKAGAQQALTSLSPDLRLHQQLQDCFSISDCPVW(MSE)DSST
TAQCRQLEAAVGGAQALSCLTGSRAYERFTGNQIAKIYQQNPEAYSHTERISLVSSFAASLFLGSYSPIDYSDGSG
(MSE)NLLQIQDKVWSQACLGACAPHLEEKLSPPVPSCSVVGAISSYYVQRYGFPPGCKVVAFTGDNPASLAG(MSE)RL
EEGDIAVSLGTSDTLFLWLQEP(MSE)PALEGHIFCNPVDSQHY(MSE)ALLCFKNGSL(MSE)REKIRNESVSRSWSDF
SKALQSTE(MSE)GNGGNLGFYFDV(MSE)EITPEIIGRHRFNTENHKVAAFPGDVEVRALIEGQF(MSE)AKRIHAEGL
GYRV(MSE)SKTKILATGGASHNREILQVLADVFDAPVYVIDTANSACVGSAYRAFHGLAGGTDVPFSEVVKLAPNPRLA
ATPSPGASQVYEALLPQYAKLEQRILSQTRGPPE
;
_entity_poly.pdbx_strand_id   A,B,C
#
loop_
_chem_comp.id
_chem_comp.type
_chem_comp.name
_chem_comp.formula
EDO non-polymer 1,2-ETHANEDIOL 'C2 H6 O2'
#
# COMPACT_ATOMS: atom_id res chain seq x y z
N ARG A 9 8.87 -26.54 -2.93
N ARG A 9 8.93 -26.68 -2.92
CA ARG A 9 9.83 -25.47 -2.67
CA ARG A 9 9.79 -25.53 -2.67
C ARG A 9 10.28 -25.47 -1.19
C ARG A 9 10.26 -25.50 -1.19
N ARG A 10 11.42 -26.15 -0.87
CA ARG A 10 11.95 -26.17 0.50
C ARG A 10 12.54 -24.79 0.79
N CYS A 11 12.44 -24.33 2.02
CA CYS A 11 12.98 -23.01 2.33
C CYS A 11 13.48 -22.89 3.74
N CYS A 12 14.17 -21.79 4.00
CA CYS A 12 14.54 -21.34 5.34
C CYS A 12 13.91 -19.97 5.56
N LEU A 13 13.59 -19.64 6.84
CA LEU A 13 13.09 -18.32 7.19
C LEU A 13 14.23 -17.54 7.84
N GLY A 14 14.25 -16.26 7.55
CA GLY A 14 15.22 -15.31 8.11
C GLY A 14 14.43 -14.20 8.75
N TRP A 15 14.49 -14.08 10.07
CA TRP A 15 13.74 -13.09 10.85
C TRP A 15 14.59 -11.86 11.19
N ASP A 16 13.95 -10.73 11.42
CA ASP A 16 14.63 -9.52 11.88
C ASP A 16 13.72 -8.79 12.86
N PHE A 17 14.07 -8.85 14.13
CA PHE A 17 13.36 -8.16 15.22
C PHE A 17 14.04 -6.82 15.34
N SER A 18 13.59 -5.88 14.54
CA SER A 18 14.20 -4.56 14.39
C SER A 18 13.49 -3.48 15.26
N THR A 19 14.02 -2.28 15.23
CA THR A 19 13.52 -1.17 16.08
C THR A 19 12.07 -0.81 15.75
N GLN A 20 11.74 -0.67 14.46
CA GLN A 20 10.43 -0.22 14.01
C GLN A 20 9.49 -1.30 13.52
N GLN A 21 10.00 -2.52 13.38
CA GLN A 21 9.19 -3.60 12.85
C GLN A 21 9.78 -4.97 13.12
N VAL A 22 8.97 -6.00 12.93
CA VAL A 22 9.38 -7.40 12.84
C VAL A 22 9.23 -7.74 11.38
N LYS A 23 10.28 -8.27 10.77
CA LYS A 23 10.27 -8.62 9.35
C LYS A 23 10.74 -10.08 9.15
N VAL A 24 10.27 -10.71 8.08
CA VAL A 24 10.68 -12.07 7.76
C VAL A 24 10.81 -12.20 6.26
N VAL A 25 11.75 -13.02 5.84
CA VAL A 25 11.90 -13.45 4.45
C VAL A 25 11.92 -14.98 4.45
N ALA A 26 11.43 -15.57 3.36
CA ALA A 26 11.56 -17.01 3.07
C ALA A 26 12.47 -17.07 1.86
N VAL A 27 13.47 -17.91 1.96
CA VAL A 27 14.47 -18.06 0.91
C VAL A 27 14.46 -19.52 0.50
N ASP A 28 14.33 -19.83 -0.80
CA ASP A 28 14.34 -21.21 -1.23
C ASP A 28 15.77 -21.73 -1.35
N ALA A 29 15.94 -23.05 -1.70
CA ALA A 29 17.27 -23.67 -1.79
C ALA A 29 18.13 -23.07 -2.90
N GLU A 30 17.51 -22.43 -3.90
CA GLU A 30 18.26 -21.69 -4.90
C GLU A 30 18.73 -20.33 -4.35
N LEU A 31 18.39 -20.00 -3.08
CA LEU A 31 18.75 -18.75 -2.39
C LEU A 31 18.01 -17.57 -3.04
N ASN A 32 16.76 -17.86 -3.60
CA ASN A 32 15.78 -16.91 -4.12
C ASN A 32 14.97 -16.38 -2.93
N VAL A 33 14.92 -15.05 -2.69
CA VAL A 33 14.00 -14.54 -1.68
C VAL A 33 12.65 -14.48 -2.34
N PHE A 34 11.74 -15.35 -1.97
CA PHE A 34 10.47 -15.41 -2.68
C PHE A 34 9.29 -14.90 -1.88
N TYR A 35 9.52 -14.52 -0.62
CA TYR A 35 8.44 -14.06 0.23
C TYR A 35 9.00 -13.13 1.26
N GLU A 36 8.28 -12.07 1.55
CA GLU A 36 8.65 -11.12 2.58
C GLU A 36 7.40 -10.62 3.25
N GLU A 37 7.45 -10.45 4.58
CA GLU A 37 6.31 -9.91 5.30
C GLU A 37 6.84 -9.12 6.48
N SER A 38 6.02 -8.19 6.99
CA SER A 38 6.43 -7.38 8.12
C SER A 38 5.25 -6.88 8.91
N VAL A 39 5.50 -6.60 10.20
CA VAL A 39 4.56 -5.95 11.13
C VAL A 39 5.24 -4.69 11.63
N HIS A 40 4.64 -3.54 11.38
CA HIS A 40 5.18 -2.23 11.72
C HIS A 40 4.58 -1.82 13.07
N PHE A 41 5.42 -1.53 14.06
CA PHE A 41 4.95 -1.30 15.41
C PHE A 41 4.02 -0.12 15.59
N ASP A 42 4.42 1.10 15.18
CA ASP A 42 3.53 2.27 15.35
C ASP A 42 2.21 2.08 14.61
N ARG A 43 2.30 1.59 13.37
CA ARG A 43 1.10 1.43 12.54
C ARG A 43 0.21 0.26 12.98
N ASP A 44 0.77 -0.92 13.26
CA ASP A 44 0.01 -2.16 13.51
C ASP A 44 -0.25 -2.48 14.98
N LEU A 45 0.52 -1.89 15.91
CA LEU A 45 0.28 -2.02 17.36
C LEU A 45 0.29 -0.61 17.97
N PRO A 46 -0.57 0.30 17.45
CA PRO A 46 -0.55 1.70 17.92
C PRO A 46 -0.92 1.91 19.40
N GLU A 47 -1.56 0.92 20.01
CA GLU A 47 -1.94 0.99 21.43
C GLU A 47 -0.75 1.14 22.38
N PHE A 48 0.47 0.74 21.97
CA PHE A 48 1.63 0.93 22.84
C PHE A 48 2.11 2.37 22.86
N GLY A 49 1.64 3.21 21.92
CA GLY A 49 2.00 4.62 21.91
C GLY A 49 3.43 4.89 21.53
N THR A 50 4.07 3.95 20.78
CA THR A 50 5.44 4.18 20.38
C THR A 50 5.52 5.19 19.23
N GLN A 51 6.70 5.75 19.05
CA GLN A 51 7.05 6.60 17.90
C GLN A 51 8.38 6.08 17.41
N GLY A 52 8.42 5.60 16.20
CA GLY A 52 9.61 4.94 15.68
C GLY A 52 9.88 3.61 16.40
N GLY A 53 8.83 2.98 16.93
CA GLY A 53 8.92 1.71 17.65
C GLY A 53 9.42 1.80 19.07
N VAL A 54 9.68 3.02 19.56
CA VAL A 54 10.25 3.24 20.90
C VAL A 54 9.50 4.32 21.69
N HIS A 55 9.84 4.39 22.98
CA HIS A 55 9.37 5.43 23.89
C HIS A 55 10.57 6.22 24.34
N VAL A 56 10.66 7.51 23.98
CA VAL A 56 11.72 8.38 24.49
C VAL A 56 11.12 8.94 25.79
N HIS A 57 11.77 8.72 26.92
CA HIS A 57 11.18 9.13 28.18
C HIS A 57 11.37 10.66 28.43
N LYS A 58 10.71 11.18 29.50
CA LYS A 58 10.76 12.60 29.88
C LYS A 58 12.20 13.15 30.00
N ASP A 59 13.15 12.35 30.48
CA ASP A 59 14.54 12.80 30.64
C ASP A 59 15.25 13.05 29.27
N GLY A 60 14.68 12.58 28.15
CA GLY A 60 15.31 12.73 26.84
C GLY A 60 16.46 11.78 26.54
N LEU A 61 16.78 10.88 27.48
CA LEU A 61 17.89 9.94 27.41
C LEU A 61 17.44 8.48 27.45
N THR A 62 16.40 8.17 28.23
CA THR A 62 15.96 6.79 28.38
C THR A 62 15.09 6.48 27.19
N VAL A 63 15.35 5.35 26.53
CA VAL A 63 14.64 4.95 25.32
C VAL A 63 14.35 3.46 25.45
N THR A 64 13.08 3.09 25.42
CA THR A 64 12.66 1.73 25.62
C THR A 64 11.62 1.30 24.59
N SER A 65 11.37 -0.03 24.56
CA SER A 65 10.30 -0.65 23.82
C SER A 65 9.60 -1.68 24.70
N PRO A 66 8.28 -1.81 24.62
CA PRO A 66 7.59 -2.83 25.44
C PRO A 66 7.88 -4.25 24.91
N VAL A 67 8.41 -5.13 25.76
CA VAL A 67 8.70 -6.52 25.35
C VAL A 67 7.46 -7.25 24.80
N LEU A 68 6.27 -7.03 25.41
CA LEU A 68 5.07 -7.70 24.92
C LEU A 68 4.66 -7.20 23.53
N MSE A 69 5.10 -6.01 23.10
CA MSE A 69 4.84 -5.55 21.74
C MSE A 69 5.60 -6.42 20.74
O MSE A 69 5.04 -6.78 19.70
CB MSE A 69 5.24 -4.07 21.58
CG MSE A 69 4.95 -3.50 20.20
SE MSE A 69 5.60 -1.66 20.14
CE MSE A 69 7.43 -1.97 20.06
H MSE A 69 5.60 -5.34 23.67
HA MSE A 69 3.77 -5.61 21.53
HB2 MSE A 69 4.68 -3.47 22.29
HB3 MSE A 69 6.30 -3.95 21.75
HG2 MSE A 69 5.45 -4.07 19.43
HG3 MSE A 69 3.87 -3.49 20.03
HE1 MSE A 69 7.63 -2.72 19.30
HE2 MSE A 69 7.89 -1.03 19.80
HE3 MSE A 69 7.79 -2.32 21.02
N TRP A 70 6.84 -6.77 21.05
CA TRP A 70 7.64 -7.66 20.19
C TRP A 70 7.05 -9.06 20.13
N VAL A 71 6.55 -9.57 21.26
CA VAL A 71 5.90 -10.89 21.30
C VAL A 71 4.64 -10.85 20.45
N GLN A 72 3.83 -9.83 20.64
CA GLN A 72 2.60 -9.73 19.86
C GLN A 72 2.88 -9.57 18.36
N ALA A 73 3.96 -8.87 17.98
CA ALA A 73 4.32 -8.67 16.58
C ALA A 73 4.68 -10.01 15.94
N LEU A 74 5.21 -10.92 16.73
CA LEU A 74 5.47 -12.26 16.23
C LEU A 74 4.18 -13.03 15.99
N ASP A 75 3.28 -12.99 16.92
CA ASP A 75 1.97 -13.61 16.73
C ASP A 75 1.29 -13.07 15.47
N ILE A 76 1.29 -11.74 15.29
CA ILE A 76 0.61 -11.11 14.16
C ILE A 76 1.25 -11.56 12.84
N ILE A 77 2.58 -11.53 12.77
CA ILE A 77 3.22 -11.83 11.50
C ILE A 77 3.02 -13.32 11.12
N LEU A 78 3.05 -14.27 12.05
CA LEU A 78 2.80 -15.68 11.77
C LEU A 78 1.37 -15.86 11.23
N GLU A 79 0.43 -15.10 11.77
CA GLU A 79 -0.97 -15.15 11.33
C GLU A 79 -1.15 -14.49 9.93
N LYS A 80 -0.40 -13.43 9.65
CA LYS A 80 -0.36 -12.72 8.35
C LYS A 80 0.23 -13.69 7.28
N MSE A 81 1.26 -14.42 7.68
CA MSE A 81 1.87 -15.44 6.82
C MSE A 81 0.88 -16.55 6.50
O MSE A 81 0.68 -16.86 5.33
CB MSE A 81 3.12 -16.01 7.50
CG MSE A 81 4.25 -15.04 7.50
SE MSE A 81 5.72 -15.77 8.56
CE MSE A 81 6.46 -16.84 7.38
H MSE A 81 1.72 -14.30 8.57
HA MSE A 81 2.14 -14.96 5.89
HB2 MSE A 81 2.91 -16.25 8.54
HB3 MSE A 81 3.44 -16.91 6.98
HG2 MSE A 81 4.63 -14.96 6.49
HG3 MSE A 81 3.95 -14.06 7.86
HE1 MSE A 81 6.78 -16.24 6.53
HE2 MSE A 81 7.32 -17.33 7.84
HE3 MSE A 81 5.73 -17.59 7.07
N LYS A 82 0.25 -17.11 7.49
CA LYS A 82 -0.76 -18.12 7.30
C LYS A 82 -1.93 -17.59 6.40
N ALA A 83 -2.47 -16.39 6.70
CA ALA A 83 -3.55 -15.79 5.94
C ALA A 83 -3.20 -15.62 4.45
N SER A 84 -1.92 -15.36 4.13
CA SER A 84 -1.49 -15.21 2.75
C SER A 84 -1.29 -16.57 2.03
N GLY A 85 -1.41 -17.70 2.76
CA GLY A 85 -1.27 -19.03 2.21
C GLY A 85 0.13 -19.60 2.32
N PHE A 86 1.00 -19.02 3.16
CA PHE A 86 2.38 -19.50 3.32
C PHE A 86 2.36 -20.96 3.77
N ASP A 87 3.17 -21.79 3.10
CA ASP A 87 3.23 -23.21 3.38
C ASP A 87 4.37 -23.47 4.37
N PHE A 88 4.03 -23.56 5.67
CA PHE A 88 5.02 -23.76 6.72
C PHE A 88 5.63 -25.16 6.71
N SER A 89 4.95 -26.17 6.11
CA SER A 89 5.52 -27.54 6.06
C SER A 89 6.83 -27.59 5.27
N GLN A 90 7.12 -26.56 4.45
CA GLN A 90 8.32 -26.50 3.62
C GLN A 90 9.53 -25.90 4.33
N VAL A 91 9.39 -25.46 5.57
CA VAL A 91 10.47 -24.78 6.27
C VAL A 91 11.43 -25.79 6.90
N LEU A 92 12.66 -25.85 6.41
CA LEU A 92 13.69 -26.75 6.92
C LEU A 92 14.38 -26.23 8.17
N ALA A 93 14.61 -24.92 8.20
CA ALA A 93 15.27 -24.27 9.33
C ALA A 93 14.98 -22.80 9.34
N LEU A 94 15.30 -22.17 10.44
CA LEU A 94 15.14 -20.74 10.57
C LEU A 94 16.20 -20.16 11.47
N SER A 95 16.50 -18.91 11.23
CA SER A 95 17.36 -18.11 12.11
C SER A 95 16.90 -16.67 12.04
N GLY A 96 17.57 -15.82 12.76
CA GLY A 96 17.14 -14.43 12.79
C GLY A 96 18.14 -13.50 13.40
N ALA A 97 17.76 -12.24 13.33
CA ALA A 97 18.53 -11.17 13.86
C ALA A 97 17.69 -10.35 14.79
N GLY A 98 18.35 -9.72 15.74
CA GLY A 98 17.73 -8.76 16.63
C GLY A 98 18.51 -7.46 16.63
N GLN A 99 17.80 -6.34 16.71
CA GLN A 99 18.41 -5.02 16.99
C GLN A 99 19.37 -5.24 18.15
N GLN A 100 20.60 -4.80 18.01
CA GLN A 100 21.63 -5.09 18.97
C GLN A 100 21.41 -4.37 20.30
N HIS A 101 22.09 -4.90 21.32
CA HIS A 101 22.21 -4.32 22.67
C HIS A 101 20.95 -4.43 23.53
N GLY A 102 19.76 -4.25 22.96
CA GLY A 102 18.51 -4.31 23.72
C GLY A 102 18.38 -5.58 24.53
N SER A 103 17.74 -5.50 25.71
CA SER A 103 17.70 -6.65 26.63
C SER A 103 16.33 -6.92 27.18
N ILE A 104 16.07 -8.21 27.44
CA ILE A 104 14.82 -8.73 27.95
C ILE A 104 15.10 -9.40 29.29
N TYR A 105 14.22 -9.15 30.28
CA TYR A 105 14.36 -9.62 31.63
C TYR A 105 13.22 -10.57 31.90
N TRP A 106 13.51 -11.86 31.95
CA TRP A 106 12.50 -12.90 32.14
C TRP A 106 12.25 -13.12 33.61
N LYS A 107 11.00 -13.13 34.01
CA LYS A 107 10.60 -13.33 35.40
C LYS A 107 10.78 -14.78 35.82
N ALA A 108 11.07 -15.00 37.10
CA ALA A 108 11.16 -16.35 37.67
C ALA A 108 9.91 -17.14 37.33
N GLY A 109 10.08 -18.34 36.79
CA GLY A 109 8.98 -19.19 36.35
C GLY A 109 8.66 -19.10 34.87
N ALA A 110 9.24 -18.12 34.14
CA ALA A 110 8.92 -17.95 32.72
C ALA A 110 9.30 -19.17 31.85
N GLN A 111 10.39 -19.89 32.18
CA GLN A 111 10.75 -21.03 31.32
C GLN A 111 9.68 -22.12 31.38
N GLN A 112 8.98 -22.27 32.52
CA GLN A 112 7.88 -23.25 32.62
C GLN A 112 6.76 -22.85 31.65
N ALA A 113 6.49 -21.55 31.52
CA ALA A 113 5.49 -21.05 30.56
C ALA A 113 5.95 -21.32 29.11
N LEU A 114 7.24 -21.10 28.80
CA LEU A 114 7.76 -21.36 27.45
C LEU A 114 7.68 -22.83 27.05
N THR A 115 8.03 -23.71 27.99
CA THR A 115 8.07 -25.15 27.69
C THR A 115 6.65 -25.78 27.70
N SER A 116 5.64 -25.05 28.20
CA SER A 116 4.28 -25.56 28.24
C SER A 116 3.32 -24.77 27.32
N LEU A 117 3.82 -24.11 26.26
CA LEU A 117 2.95 -23.36 25.35
C LEU A 117 1.92 -24.27 24.72
N SER A 118 0.66 -23.82 24.70
CA SER A 118 -0.46 -24.53 24.10
C SER A 118 -0.67 -23.98 22.70
N PRO A 119 -0.80 -24.82 21.65
CA PRO A 119 -1.04 -24.29 20.30
C PRO A 119 -2.42 -23.67 20.08
N ASP A 120 -3.34 -23.77 21.04
CA ASP A 120 -4.67 -23.17 20.93
C ASP A 120 -4.66 -21.66 21.26
N LEU A 121 -3.53 -21.14 21.77
CA LEU A 121 -3.46 -19.73 22.16
C LEU A 121 -2.29 -19.03 21.51
N ARG A 122 -2.35 -17.72 21.39
CA ARG A 122 -1.22 -16.95 20.91
C ARG A 122 -0.13 -16.89 21.96
N LEU A 123 1.06 -16.54 21.53
CA LEU A 123 2.20 -16.37 22.44
C LEU A 123 1.97 -15.28 23.47
N HIS A 124 1.58 -14.07 23.03
CA HIS A 124 1.38 -12.95 23.95
C HIS A 124 0.40 -13.34 25.07
N GLN A 125 -0.66 -14.05 24.75
CA GLN A 125 -1.64 -14.44 25.75
C GLN A 125 -0.99 -15.31 26.86
N GLN A 126 -0.06 -16.19 26.50
CA GLN A 126 0.59 -17.15 27.40
C GLN A 126 1.83 -16.63 28.12
N LEU A 127 2.48 -15.60 27.57
CA LEU A 127 3.70 -15.03 28.14
C LEU A 127 3.45 -13.66 28.77
N GLN A 128 2.19 -13.29 28.91
CA GLN A 128 1.73 -12.00 29.46
C GLN A 128 2.40 -11.63 30.80
N ASP A 129 2.60 -12.61 31.67
CA ASP A 129 3.17 -12.39 33.02
C ASP A 129 4.62 -12.89 33.15
N CYS A 130 5.34 -13.12 32.03
CA CYS A 130 6.69 -13.70 32.03
C CYS A 130 7.86 -12.71 32.08
N PHE A 131 7.63 -11.41 32.09
CA PHE A 131 8.70 -10.43 32.05
C PHE A 131 8.75 -9.60 33.33
N SER A 132 9.94 -9.51 33.94
CA SER A 132 10.15 -8.77 35.18
C SER A 132 10.31 -7.27 34.87
N ILE A 133 10.62 -6.91 33.63
CA ILE A 133 10.75 -5.55 33.12
C ILE A 133 9.86 -5.46 31.90
N SER A 134 8.91 -4.56 31.88
CA SER A 134 8.00 -4.47 30.73
C SER A 134 8.59 -3.57 29.65
N ASP A 135 9.31 -2.49 30.02
CA ASP A 135 9.91 -1.54 29.07
C ASP A 135 11.40 -1.82 28.95
N CYS A 136 11.78 -2.45 27.86
CA CYS A 136 13.17 -2.87 27.62
C CYS A 136 14.02 -1.75 27.12
N PRO A 137 15.25 -1.63 27.61
CA PRO A 137 16.14 -0.64 27.03
C PRO A 137 16.59 -1.12 25.67
N VAL A 138 16.68 -0.19 24.72
CA VAL A 138 17.07 -0.50 23.35
C VAL A 138 18.32 0.29 23.01
N TRP A 139 18.82 0.09 21.79
CA TRP A 139 20.07 0.65 21.32
C TRP A 139 20.14 2.19 21.33
N MSE A 140 19.01 2.87 21.32
CA MSE A 140 18.96 4.34 21.29
C MSE A 140 19.09 4.94 22.68
O MSE A 140 19.26 6.15 22.79
CB MSE A 140 17.66 4.79 20.65
CG MSE A 140 17.49 4.30 19.23
SE MSE A 140 15.75 4.84 18.49
CE MSE A 140 15.78 6.63 18.97
H MSE A 140 18.09 2.44 21.31
HA MSE A 140 19.76 4.71 20.66
HB2 MSE A 140 16.84 4.41 21.25
HB3 MSE A 140 17.65 5.88 20.65
HG2 MSE A 140 18.30 4.70 18.61
HG3 MSE A 140 17.52 3.21 19.22
HE1 MSE A 140 16.78 7.02 18.76
HE2 MSE A 140 15.04 7.16 18.36
HE3 MSE A 140 15.54 6.72 20.02
N ASP A 141 19.04 4.12 23.76
CA ASP A 141 19.14 4.63 25.13
C ASP A 141 20.52 5.23 25.42
N SER A 142 20.57 6.42 26.04
CA SER A 142 21.84 7.10 26.37
C SER A 142 21.83 7.57 27.82
N SER A 143 21.12 6.84 28.70
CA SER A 143 20.89 7.23 30.09
C SER A 143 21.83 6.65 31.13
N THR A 144 22.83 5.86 30.72
CA THR A 144 23.67 5.11 31.65
C THR A 144 25.11 5.60 31.74
N THR A 145 25.35 6.90 31.54
CA THR A 145 26.71 7.44 31.62
C THR A 145 27.39 7.11 32.97
N ALA A 146 26.69 7.22 34.09
CA ALA A 146 27.27 6.91 35.39
C ALA A 146 27.77 5.46 35.46
N GLN A 147 26.95 4.53 34.93
CA GLN A 147 27.29 3.11 34.92
C GLN A 147 28.48 2.85 34.00
N CYS A 148 28.55 3.52 32.85
CA CYS A 148 29.68 3.38 31.92
C CYS A 148 30.97 3.72 32.60
N ARG A 149 31.02 4.88 33.30
CA ARG A 149 32.22 5.34 34.00
C ARG A 149 32.58 4.39 35.13
N GLN A 150 31.58 3.86 35.85
CA GLN A 150 31.84 2.89 36.93
C GLN A 150 32.47 1.59 36.39
N LEU A 151 31.96 1.10 35.26
CA LEU A 151 32.46 -0.15 34.67
C LEU A 151 33.89 0.04 34.20
N GLU A 152 34.17 1.13 33.51
CA GLU A 152 35.55 1.41 33.06
C GLU A 152 36.50 1.52 34.26
N ALA A 153 36.07 2.18 35.35
CA ALA A 153 36.91 2.30 36.55
C ALA A 153 37.16 0.93 37.19
N ALA A 154 36.15 0.05 37.20
CA ALA A 154 36.27 -1.27 37.82
C ALA A 154 37.25 -2.20 37.06
N VAL A 155 37.45 -2.01 35.73
CA VAL A 155 38.29 -2.95 34.99
C VAL A 155 39.62 -2.35 34.50
N GLY A 156 39.96 -1.15 34.96
CA GLY A 156 41.25 -0.52 34.64
C GLY A 156 41.24 0.52 33.55
N GLY A 157 40.08 1.02 33.18
CA GLY A 157 39.93 2.08 32.20
C GLY A 157 39.21 1.72 30.93
N ALA A 158 38.93 2.74 30.13
CA ALA A 158 38.22 2.62 28.88
C ALA A 158 38.94 1.69 27.91
N GLN A 159 40.24 1.86 27.75
CA GLN A 159 41.00 1.00 26.83
C GLN A 159 41.04 -0.43 27.32
N ALA A 160 41.17 -0.65 28.66
CA ALA A 160 41.15 -2.00 29.26
C ALA A 160 39.85 -2.70 28.92
N LEU A 161 38.74 -1.98 29.06
CA LEU A 161 37.42 -2.57 28.77
C LEU A 161 37.32 -2.91 27.28
N SER A 162 37.86 -2.06 26.37
CA SER A 162 37.89 -2.37 24.93
C SER A 162 38.78 -3.58 24.65
N CYS A 163 39.97 -3.64 25.22
CA CYS A 163 40.86 -4.80 25.03
C CYS A 163 40.12 -6.08 25.38
N LEU A 164 39.38 -6.03 26.50
CA LEU A 164 38.65 -7.19 26.99
C LEU A 164 37.40 -7.55 26.14
N THR A 165 36.56 -6.58 25.84
CA THR A 165 35.24 -6.79 25.25
C THR A 165 35.02 -6.25 23.81
N GLY A 166 36.03 -5.63 23.18
CA GLY A 166 35.92 -5.06 21.84
C GLY A 166 35.41 -3.63 21.73
N SER A 167 34.96 -3.05 22.84
CA SER A 167 34.45 -1.71 22.91
C SER A 167 34.70 -1.11 24.27
N ARG A 168 34.93 0.22 24.34
CA ARG A 168 34.95 0.91 25.64
C ARG A 168 33.49 0.93 26.11
N ALA A 169 33.15 1.58 27.22
CA ALA A 169 31.78 1.57 27.67
C ALA A 169 30.93 2.54 26.85
N TYR A 170 29.86 2.02 26.26
CA TYR A 170 28.89 2.81 25.53
C TYR A 170 27.57 2.66 26.26
N GLU A 171 26.84 3.75 26.38
CA GLU A 171 25.62 3.81 27.14
C GLU A 171 24.61 2.72 26.74
N ARG A 172 24.49 2.47 25.45
CA ARG A 172 23.54 1.48 24.95
C ARG A 172 23.95 0.02 25.22
N PHE A 173 25.24 -0.24 25.49
CA PHE A 173 25.74 -1.60 25.65
C PHE A 173 25.10 -2.22 26.87
N THR A 174 24.71 -3.47 26.72
CA THR A 174 23.84 -4.18 27.66
C THR A 174 24.29 -4.21 29.11
N GLY A 175 25.56 -4.45 29.38
CA GLY A 175 26.03 -4.50 30.76
C GLY A 175 25.71 -3.24 31.57
N ASN A 176 25.80 -2.07 30.92
CA ASN A 176 25.53 -0.77 31.55
C ASN A 176 24.03 -0.61 31.82
N GLN A 177 23.20 -1.16 30.93
CA GLN A 177 21.75 -1.14 31.11
C GLN A 177 21.36 -2.09 32.25
N ILE A 178 22.01 -3.26 32.32
CA ILE A 178 21.73 -4.23 33.39
C ILE A 178 22.12 -3.61 34.73
N ALA A 179 23.29 -2.94 34.79
CA ALA A 179 23.74 -2.27 36.01
C ALA A 179 22.72 -1.23 36.48
N LYS A 180 22.17 -0.43 35.56
CA LYS A 180 21.17 0.59 35.89
C LYS A 180 19.92 -0.06 36.50
N ILE A 181 19.46 -1.19 35.91
CA ILE A 181 18.26 -1.89 36.39
C ILE A 181 18.53 -2.47 37.78
N TYR A 182 19.71 -3.04 37.99
CA TYR A 182 20.04 -3.58 39.31
C TYR A 182 20.04 -2.46 40.37
N GLN A 183 20.67 -1.33 40.06
CA GLN A 183 20.74 -0.15 40.98
C GLN A 183 19.37 0.54 41.19
N GLN A 184 18.56 0.71 40.14
CA GLN A 184 17.29 1.44 40.27
C GLN A 184 16.08 0.57 40.53
N ASN A 185 16.14 -0.68 40.10
CA ASN A 185 15.03 -1.61 40.25
C ASN A 185 15.57 -2.99 40.73
N PRO A 186 16.16 -3.06 41.94
CA PRO A 186 16.69 -4.34 42.44
C PRO A 186 15.62 -5.41 42.70
N GLU A 187 14.37 -5.00 42.96
CA GLU A 187 13.30 -5.99 43.17
C GLU A 187 13.05 -6.73 41.88
N ALA A 188 12.90 -5.99 40.78
CA ALA A 188 12.68 -6.63 39.49
C ALA A 188 13.90 -7.48 39.13
N TYR A 189 15.10 -6.98 39.41
CA TYR A 189 16.33 -7.74 39.14
C TYR A 189 16.34 -9.03 39.96
N SER A 190 15.96 -8.99 41.24
CA SER A 190 15.94 -10.20 42.07
C SER A 190 14.91 -11.23 41.57
N HIS A 191 13.85 -10.78 40.87
CA HIS A 191 12.83 -11.66 40.29
C HIS A 191 13.15 -12.09 38.87
N THR A 192 14.36 -11.76 38.34
CA THR A 192 14.75 -12.13 36.98
C THR A 192 15.55 -13.43 37.01
N GLU A 193 15.08 -14.46 36.32
CA GLU A 193 15.77 -15.74 36.24
C GLU A 193 16.66 -15.81 35.01
N ARG A 194 16.38 -14.99 33.98
CA ARG A 194 17.15 -15.04 32.76
C ARG A 194 17.16 -13.68 32.08
N ILE A 195 18.29 -13.33 31.48
CA ILE A 195 18.45 -12.08 30.72
C ILE A 195 18.86 -12.46 29.32
N SER A 196 18.16 -11.92 28.34
CA SER A 196 18.39 -12.16 26.93
C SER A 196 18.67 -10.88 26.18
N LEU A 197 19.32 -11.00 25.03
CA LEU A 197 19.39 -9.94 24.04
C LEU A 197 18.13 -10.06 23.18
N VAL A 198 17.82 -9.06 22.37
CA VAL A 198 16.63 -9.18 21.52
C VAL A 198 16.78 -10.43 20.64
N SER A 199 17.96 -10.63 20.06
CA SER A 199 18.26 -11.81 19.22
C SER A 199 17.96 -13.14 19.94
N SER A 200 18.52 -13.34 21.16
CA SER A 200 18.35 -14.61 21.88
C SER A 200 16.95 -14.74 22.50
N PHE A 201 16.28 -13.62 22.76
CA PHE A 201 14.89 -13.59 23.21
C PHE A 201 14.01 -14.18 22.06
N ALA A 202 14.22 -13.72 20.84
CA ALA A 202 13.44 -14.19 19.68
C ALA A 202 13.71 -15.69 19.42
N ALA A 203 14.97 -16.11 19.54
CA ALA A 203 15.31 -17.53 19.39
C ALA A 203 14.58 -18.37 20.45
N SER A 204 14.49 -17.86 21.68
CA SER A 204 13.79 -18.54 22.78
C SER A 204 12.33 -18.72 22.47
N LEU A 205 11.72 -17.73 21.83
CA LEU A 205 10.30 -17.82 21.47
C LEU A 205 10.08 -18.99 20.49
N PHE A 206 10.99 -19.19 19.50
CA PHE A 206 10.87 -20.29 18.52
C PHE A 206 11.18 -21.67 19.14
N LEU A 207 12.14 -21.73 20.07
CA LEU A 207 12.50 -22.96 20.76
C LEU A 207 11.45 -23.42 21.76
N GLY A 208 10.74 -22.48 22.36
CA GLY A 208 9.85 -22.81 23.48
C GLY A 208 10.69 -23.16 24.70
N SER A 209 11.90 -22.57 24.79
CA SER A 209 12.85 -22.73 25.90
C SER A 209 13.94 -21.68 25.71
N TYR A 210 14.75 -21.40 26.74
CA TYR A 210 15.72 -20.34 26.62
C TYR A 210 16.82 -20.68 25.65
N SER A 211 17.06 -19.79 24.72
CA SER A 211 18.18 -19.93 23.81
C SER A 211 19.41 -19.32 24.45
N PRO A 212 20.59 -19.87 24.21
CA PRO A 212 21.80 -19.16 24.61
C PRO A 212 22.02 -17.91 23.74
N ILE A 213 22.89 -17.00 24.22
CA ILE A 213 23.37 -15.81 23.50
C ILE A 213 24.54 -16.27 22.61
N ASP A 214 24.63 -15.75 21.39
CA ASP A 214 25.71 -16.16 20.51
C ASP A 214 26.96 -15.29 20.76
N TYR A 215 28.12 -15.74 20.31
CA TYR A 215 29.34 -14.95 20.53
C TYR A 215 29.28 -13.57 19.89
N SER A 216 28.67 -13.46 18.69
CA SER A 216 28.69 -12.21 17.95
C SER A 216 27.81 -11.12 18.59
N ASP A 217 26.51 -11.37 18.78
CA ASP A 217 25.67 -10.39 19.47
C ASP A 217 26.07 -10.27 20.94
N GLY A 218 26.55 -11.35 21.54
CA GLY A 218 27.09 -11.35 22.90
C GLY A 218 28.27 -10.40 23.10
N SER A 219 28.93 -9.98 21.98
CA SER A 219 30.02 -9.02 22.00
C SER A 219 29.55 -7.53 22.13
N GLY A 220 28.24 -7.28 22.11
CA GLY A 220 27.68 -5.91 22.20
C GLY A 220 27.16 -5.56 23.58
N MSE A 221 27.82 -6.08 24.63
CA MSE A 221 27.35 -5.95 26.00
C MSE A 221 28.33 -5.36 26.97
O MSE A 221 27.93 -5.11 28.13
CB MSE A 221 26.95 -7.34 26.54
CG MSE A 221 25.97 -8.09 25.61
SE MSE A 221 25.53 -9.89 26.34
CE MSE A 221 24.10 -9.37 27.52
H MSE A 221 28.67 -6.64 24.55
HA MSE A 221 26.46 -5.34 26.03
HB2 MSE A 221 27.83 -7.97 26.66
HB3 MSE A 221 26.46 -7.24 27.51
HG2 MSE A 221 25.05 -7.50 25.56
HG3 MSE A 221 26.42 -8.22 24.63
HE1 MSE A 221 24.45 -8.59 28.20
HE2 MSE A 221 23.27 -9.02 26.92
HE3 MSE A 221 23.80 -10.24 28.08
N ASN A 222 29.61 -5.20 26.62
CA ASN A 222 30.69 -4.87 27.54
C ASN A 222 30.81 -5.96 28.63
N LEU A 223 30.54 -7.25 28.27
CA LEU A 223 30.62 -8.36 29.23
C LEU A 223 31.44 -9.56 28.73
N LEU A 224 31.37 -9.88 27.42
CA LEU A 224 32.06 -11.05 26.89
C LEU A 224 33.54 -10.77 26.64
N GLN A 225 34.42 -11.71 27.04
CA GLN A 225 35.85 -11.66 26.69
C GLN A 225 35.92 -12.19 25.26
N ILE A 226 36.07 -11.30 24.28
CA ILE A 226 35.97 -11.69 22.88
C ILE A 226 37.07 -12.67 22.45
N GLN A 227 38.24 -12.64 23.10
CA GLN A 227 39.35 -13.53 22.74
C GLN A 227 39.08 -14.97 23.14
N ASP A 228 38.74 -15.20 24.40
CA ASP A 228 38.51 -16.52 24.99
C ASP A 228 37.03 -16.96 24.91
N LYS A 229 36.13 -16.06 24.51
CA LYS A 229 34.71 -16.35 24.31
C LYS A 229 34.06 -16.90 25.57
N VAL A 230 34.39 -16.29 26.70
CA VAL A 230 33.78 -16.57 28.01
C VAL A 230 33.36 -15.23 28.58
N TRP A 231 32.40 -15.20 29.49
CA TRP A 231 32.03 -13.94 30.13
C TRP A 231 33.22 -13.44 30.95
N SER A 232 33.47 -12.13 30.96
CA SER A 232 34.50 -11.55 31.79
C SER A 232 33.96 -11.48 33.19
N GLN A 233 34.56 -12.20 34.16
CA GLN A 233 34.07 -12.16 35.53
C GLN A 233 34.17 -10.75 36.11
N ALA A 234 35.22 -9.99 35.74
CA ALA A 234 35.40 -8.62 36.21
C ALA A 234 34.26 -7.73 35.73
N CYS A 235 33.86 -7.86 34.45
CA CYS A 235 32.75 -7.05 33.91
C CYS A 235 31.45 -7.47 34.54
N LEU A 236 31.19 -8.77 34.64
CA LEU A 236 29.94 -9.26 35.23
C LEU A 236 29.75 -8.70 36.66
N GLY A 237 30.77 -8.87 37.48
CA GLY A 237 30.75 -8.42 38.88
C GLY A 237 30.63 -6.91 39.03
N ALA A 238 31.15 -6.14 38.07
CA ALA A 238 31.08 -4.70 38.11
C ALA A 238 29.69 -4.20 37.67
N CYS A 239 28.88 -5.05 37.01
CA CYS A 239 27.55 -4.66 36.53
C CYS A 239 26.46 -5.06 37.53
N ALA A 240 26.30 -6.34 37.83
CA ALA A 240 25.23 -6.78 38.73
C ALA A 240 25.54 -8.16 39.29
N PRO A 241 25.02 -8.49 40.51
CA PRO A 241 25.31 -9.79 41.12
C PRO A 241 24.48 -10.91 40.54
N HIS A 242 24.99 -12.14 40.67
CA HIS A 242 24.35 -13.35 40.12
C HIS A 242 24.08 -13.20 38.62
N LEU A 243 24.84 -12.38 37.94
CA LEU A 243 24.54 -12.09 36.54
C LEU A 243 24.89 -13.28 35.62
N GLU A 244 25.99 -14.01 35.87
CA GLU A 244 26.38 -15.15 35.02
C GLU A 244 25.26 -16.20 34.90
N GLU A 245 24.61 -16.52 36.03
CA GLU A 245 23.51 -17.50 36.11
C GLU A 245 22.36 -17.10 35.19
N LYS A 246 22.13 -15.80 35.08
CA LYS A 246 21.03 -15.26 34.28
C LYS A 246 21.34 -15.23 32.78
N LEU A 247 22.62 -15.14 32.43
CA LEU A 247 23.00 -15.11 31.04
C LEU A 247 23.17 -16.49 30.44
N SER A 248 23.76 -17.42 31.21
CA SER A 248 24.09 -18.76 30.75
C SER A 248 25.31 -18.70 29.78
N PRO A 249 26.04 -19.81 29.57
CA PRO A 249 27.20 -19.73 28.68
C PRO A 249 26.84 -19.34 27.23
N PRO A 250 27.69 -18.51 26.60
CA PRO A 250 27.45 -18.14 25.21
C PRO A 250 27.85 -19.27 24.24
N VAL A 251 27.36 -19.25 23.00
CA VAL A 251 27.66 -20.29 22.02
C VAL A 251 28.13 -19.72 20.69
N PRO A 252 28.83 -20.55 19.88
CA PRO A 252 29.16 -20.11 18.52
C PRO A 252 27.88 -19.76 17.75
N SER A 253 27.94 -18.74 16.94
CA SER A 253 26.79 -18.28 16.17
C SER A 253 26.23 -19.39 15.26
N CYS A 254 27.09 -20.24 14.71
CA CYS A 254 26.62 -21.32 13.84
C CYS A 254 26.39 -22.55 14.67
N SER A 255 25.43 -22.47 15.57
CA SER A 255 25.00 -23.55 16.42
C SER A 255 23.54 -23.81 16.14
N VAL A 256 23.14 -25.09 16.09
CA VAL A 256 21.74 -25.45 16.09
C VAL A 256 21.39 -25.42 17.60
N VAL A 257 20.49 -24.54 18.01
CA VAL A 257 20.15 -24.37 19.44
C VAL A 257 18.97 -25.28 19.85
N GLY A 258 18.31 -25.88 18.87
CA GLY A 258 17.26 -26.85 19.11
C GLY A 258 16.33 -26.99 17.94
N ALA A 259 15.33 -27.85 18.11
CA ALA A 259 14.27 -27.99 17.12
C ALA A 259 13.24 -26.92 17.45
N ILE A 260 12.41 -26.58 16.49
CA ILE A 260 11.33 -25.64 16.71
C ILE A 260 10.35 -26.26 17.75
N SER A 261 9.73 -25.42 18.60
CA SER A 261 8.77 -25.90 19.57
C SER A 261 7.61 -26.61 18.87
N SER A 262 7.05 -27.66 19.52
CA SER A 262 5.86 -28.34 19.02
C SER A 262 4.70 -27.34 18.91
N TYR A 263 4.76 -26.20 19.66
CA TYR A 263 3.77 -25.12 19.55
C TYR A 263 3.58 -24.71 18.10
N TYR A 264 4.69 -24.49 17.39
CA TYR A 264 4.65 -24.02 15.99
C TYR A 264 4.27 -25.15 15.03
N VAL A 265 4.67 -26.39 15.35
CA VAL A 265 4.31 -27.53 14.53
C VAL A 265 2.78 -27.69 14.51
N GLN A 266 2.18 -27.62 15.67
CA GLN A 266 0.76 -27.82 15.83
C GLN A 266 -0.08 -26.61 15.43
N ARG A 267 0.35 -25.40 15.77
CA ARG A 267 -0.45 -24.20 15.44
C ARG A 267 -0.33 -23.77 13.97
N TYR A 268 0.88 -23.84 13.40
CA TYR A 268 1.14 -23.32 12.06
C TYR A 268 1.53 -24.34 11.02
N GLY A 269 1.89 -25.54 11.40
CA GLY A 269 2.24 -26.58 10.44
C GLY A 269 3.69 -26.61 10.07
N PHE A 270 4.59 -26.06 10.91
CA PHE A 270 6.01 -26.24 10.68
C PHE A 270 6.31 -27.75 10.79
N PRO A 271 7.32 -28.28 10.10
CA PRO A 271 7.64 -29.70 10.31
C PRO A 271 8.37 -29.90 11.64
N PRO A 272 8.18 -31.06 12.30
CA PRO A 272 8.83 -31.28 13.60
C PRO A 272 10.37 -31.23 13.57
N GLY A 273 10.97 -31.57 12.44
CA GLY A 273 12.43 -31.53 12.32
C GLY A 273 12.99 -30.15 12.04
N CYS A 274 12.14 -29.11 11.91
CA CYS A 274 12.64 -27.75 11.61
C CYS A 274 13.66 -27.30 12.65
N LYS A 275 14.85 -26.92 12.20
CA LYS A 275 15.94 -26.52 13.11
C LYS A 275 15.99 -25.03 13.38
N VAL A 276 16.29 -24.65 14.61
CA VAL A 276 16.48 -23.26 15.01
C VAL A 276 18.00 -23.05 15.11
N VAL A 277 18.56 -22.24 14.23
CA VAL A 277 19.99 -21.89 14.27
C VAL A 277 20.13 -20.63 15.12
N ALA A 278 21.15 -20.57 16.00
CA ALA A 278 21.30 -19.45 16.93
C ALA A 278 21.11 -18.10 16.22
N PHE A 279 20.38 -17.23 16.87
CA PHE A 279 20.13 -15.89 16.32
C PHE A 279 21.37 -15.04 16.59
N THR A 280 21.48 -13.91 15.89
CA THR A 280 22.59 -13.01 16.13
C THR A 280 22.12 -11.55 16.03
N GLY A 281 23.04 -10.61 16.14
CA GLY A 281 22.70 -9.20 16.07
C GLY A 281 22.37 -8.83 14.62
N ASP A 282 21.62 -7.74 14.38
CA ASP A 282 21.30 -7.33 13.00
C ASP A 282 22.55 -6.90 12.19
N ASN A 283 23.52 -6.24 12.78
CA ASN A 283 24.74 -5.87 12.03
C ASN A 283 25.57 -7.13 11.73
N PRO A 284 25.76 -8.05 12.71
CA PRO A 284 26.43 -9.33 12.33
C PRO A 284 25.68 -10.11 11.23
N ALA A 285 24.35 -10.14 11.26
CA ALA A 285 23.52 -10.82 10.27
C ALA A 285 23.65 -10.19 8.90
N SER A 286 23.79 -8.85 8.85
CA SER A 286 23.98 -8.13 7.59
C SER A 286 25.35 -8.45 6.99
N LEU A 287 26.36 -8.63 7.82
CA LEU A 287 27.68 -9.04 7.33
C LEU A 287 27.59 -10.40 6.61
N ALA A 288 26.82 -11.34 7.19
CA ALA A 288 26.54 -12.66 6.60
C ALA A 288 25.72 -12.49 5.30
N GLY A 289 24.73 -11.62 5.33
CA GLY A 289 23.89 -11.33 4.17
C GLY A 289 24.66 -10.71 3.02
N MSE A 290 25.67 -9.94 3.34
CA MSE A 290 26.52 -9.30 2.33
C MSE A 290 27.67 -10.22 1.89
O MSE A 290 28.38 -9.87 0.93
CB MSE A 290 27.06 -7.98 2.86
CG MSE A 290 25.93 -6.96 2.97
SE MSE A 290 26.56 -5.19 3.51
CE MSE A 290 27.28 -5.62 5.23
H MSE A 290 25.93 -9.71 4.29
HA MSE A 290 25.94 -9.07 1.45
HB2 MSE A 290 27.47 -8.12 3.86
HB3 MSE A 290 27.81 -7.57 2.20
HG2 MSE A 290 25.46 -6.83 2.01
HG3 MSE A 290 25.18 -7.30 3.70
HE1 MSE A 290 26.53 -6.13 5.84
HE2 MSE A 290 28.15 -6.26 5.11
HE3 MSE A 290 27.58 -4.70 5.75
N ARG A 291 27.79 -11.40 2.52
CA ARG A 291 28.78 -12.43 2.19
C ARG A 291 30.20 -11.87 2.25
N LEU A 292 30.50 -11.06 3.26
CA LEU A 292 31.89 -10.61 3.42
C LEU A 292 32.78 -11.78 3.82
N GLU A 293 34.03 -11.72 3.40
CA GLU A 293 35.06 -12.71 3.73
C GLU A 293 36.28 -12.01 4.22
N GLU A 294 37.31 -12.77 4.54
CA GLU A 294 38.59 -12.24 4.93
C GLU A 294 39.03 -11.22 3.88
N GLY A 295 39.44 -10.06 4.36
CA GLY A 295 39.91 -8.97 3.52
C GLY A 295 38.84 -8.02 2.99
N ASP A 296 37.54 -8.29 3.27
CA ASP A 296 36.48 -7.44 2.73
C ASP A 296 35.99 -6.37 3.68
N ILE A 297 35.40 -5.33 3.09
CA ILE A 297 34.73 -4.25 3.82
C ILE A 297 33.42 -3.92 3.12
N ALA A 298 32.46 -3.47 3.89
CA ALA A 298 31.21 -2.94 3.36
C ALA A 298 31.04 -1.53 3.88
N VAL A 299 30.60 -0.61 3.01
CA VAL A 299 30.30 0.77 3.34
C VAL A 299 28.82 0.96 3.21
N SER A 300 28.12 1.17 4.31
CA SER A 300 26.69 1.48 4.28
C SER A 300 26.50 2.99 4.41
N LEU A 301 26.07 3.63 3.34
CA LEU A 301 25.96 5.09 3.25
C LEU A 301 24.53 5.54 3.57
N GLY A 302 24.39 6.45 4.51
CA GLY A 302 23.09 6.99 4.91
C GLY A 302 23.26 8.19 5.80
N THR A 303 22.19 8.53 6.57
CA THR A 303 22.19 9.64 7.54
C THR A 303 23.41 9.49 8.43
N SER A 304 23.66 8.24 8.84
CA SER A 304 24.90 7.82 9.45
C SER A 304 25.55 6.88 8.45
N ASP A 305 26.89 6.92 8.32
CA ASP A 305 27.59 5.94 7.48
C ASP A 305 28.10 4.86 8.42
N THR A 306 28.03 3.60 8.02
CA THR A 306 28.49 2.46 8.83
C THR A 306 29.45 1.65 8.01
N LEU A 307 30.59 1.36 8.61
CA LEU A 307 31.64 0.60 8.01
C LEU A 307 31.66 -0.78 8.66
N PHE A 308 31.57 -1.83 7.85
CA PHE A 308 31.63 -3.23 8.29
C PHE A 308 32.96 -3.78 7.83
N LEU A 309 33.74 -4.34 8.73
CA LEU A 309 35.05 -4.89 8.43
C LEU A 309 35.18 -6.32 8.87
N TRP A 310 35.89 -7.13 8.09
CA TRP A 310 36.32 -8.45 8.50
C TRP A 310 37.65 -8.24 9.20
N LEU A 311 37.83 -8.83 10.41
CA LEU A 311 39.14 -8.75 11.07
C LEU A 311 39.66 -10.12 11.51
N GLN A 312 40.88 -10.49 11.07
CA GLN A 312 41.52 -11.69 11.56
C GLN A 312 42.19 -11.41 12.92
N GLU A 313 42.90 -10.24 13.02
CA GLU A 313 43.69 -9.77 14.19
C GLU A 313 43.25 -8.33 14.65
N PRO A 314 42.21 -8.30 15.49
CA PRO A 314 41.65 -7.04 15.90
C PRO A 314 42.46 -6.31 16.95
N MSE A 315 42.35 -5.00 16.91
CA MSE A 315 43.00 -4.11 17.83
C MSE A 315 41.94 -3.18 18.39
O MSE A 315 41.72 -2.07 17.87
CB MSE A 315 44.12 -3.34 17.14
CG MSE A 315 45.16 -4.22 16.45
SE MSE A 315 46.29 -5.11 17.79
CE MSE A 315 46.96 -3.77 18.56
H MSE A 315 41.83 -4.49 16.21
HA MSE A 315 43.46 -4.67 18.64
HB2 MSE A 315 43.67 -2.72 16.36
HB3 MSE A 315 44.61 -2.71 17.88
HG2 MSE A 315 44.70 -4.97 15.82
HG3 MSE A 315 45.83 -3.60 15.85
HE1 MSE A 315 47.13 -2.97 17.86
HE2 MSE A 315 46.27 -3.46 19.34
HE3 MSE A 315 47.91 -4.09 19.00
N PRO A 316 41.22 -3.62 19.42
CA PRO A 316 40.17 -2.77 20.02
C PRO A 316 40.70 -1.41 20.45
N ALA A 317 39.85 -0.41 20.34
CA ALA A 317 40.21 0.98 20.56
C ALA A 317 39.13 1.73 21.33
N LEU A 318 39.36 3.05 21.52
CA LEU A 318 38.40 3.96 22.15
C LEU A 318 37.30 4.36 21.18
N GLU A 319 37.42 3.89 19.92
CA GLU A 319 36.39 4.03 18.89
C GLU A 319 36.11 2.69 18.24
N GLY A 320 35.00 2.63 17.54
CA GLY A 320 34.63 1.38 16.86
C GLY A 320 34.21 0.30 17.84
N HIS A 321 33.70 -0.80 17.26
CA HIS A 321 33.21 -1.96 18.00
C HIS A 321 33.70 -3.20 17.36
N ILE A 322 34.48 -4.00 18.07
CA ILE A 322 34.92 -5.29 17.58
C ILE A 322 34.03 -6.37 18.19
N PHE A 323 33.51 -7.24 17.33
CA PHE A 323 32.69 -8.37 17.76
C PHE A 323 33.27 -9.66 17.26
N CYS A 324 32.97 -10.78 17.96
CA CYS A 324 33.25 -12.10 17.42
C CYS A 324 32.49 -12.20 16.06
N ASN A 325 33.11 -12.80 15.08
CA ASN A 325 32.57 -12.90 13.73
C ASN A 325 31.44 -13.95 13.70
N PRO A 326 30.26 -13.60 13.14
CA PRO A 326 29.14 -14.54 13.13
C PRO A 326 29.34 -15.74 12.21
N VAL A 327 30.17 -15.66 11.20
CA VAL A 327 30.33 -16.77 10.25
C VAL A 327 31.72 -17.39 10.32
N ASP A 328 32.52 -17.00 11.30
CA ASP A 328 33.80 -17.65 11.58
C ASP A 328 34.12 -17.30 13.03
N SER A 329 33.72 -18.15 13.94
CA SER A 329 33.83 -17.90 15.38
C SER A 329 35.25 -17.78 15.89
N GLN A 330 36.28 -18.15 15.13
CA GLN A 330 37.66 -17.93 15.58
C GLN A 330 38.18 -16.54 15.21
N HIS A 331 37.44 -15.78 14.38
CA HIS A 331 37.90 -14.46 13.94
C HIS A 331 36.84 -13.43 14.31
N TYR A 332 36.97 -12.22 13.79
CA TYR A 332 36.22 -11.08 14.26
C TYR A 332 35.68 -10.21 13.14
N MSE A 333 34.90 -9.25 13.54
CA MSE A 333 34.38 -8.19 12.65
C MSE A 333 34.42 -6.90 13.42
O MSE A 333 34.58 -6.88 14.64
CB MSE A 333 32.95 -8.50 12.19
CG MSE A 333 31.97 -8.58 13.33
SE MSE A 333 30.11 -8.72 12.76
CE MSE A 333 29.93 -6.92 11.99
H MSE A 333 34.55 -9.16 14.49
HA MSE A 333 35.03 -8.11 11.78
HB2 MSE A 333 32.62 -7.71 11.52
HB3 MSE A 333 32.93 -9.46 11.66
HG2 MSE A 333 32.21 -9.46 13.92
HG3 MSE A 333 32.03 -7.69 13.93
HE1 MSE A 333 30.59 -6.23 12.50
HE2 MSE A 333 30.21 -6.99 10.94
HE3 MSE A 333 28.90 -6.58 12.08
N ALA A 334 34.26 -5.82 12.73
CA ALA A 334 34.16 -4.54 13.41
C ALA A 334 33.14 -3.67 12.70
N LEU A 335 32.55 -2.78 13.48
CA LEU A 335 31.71 -1.70 13.04
C LEU A 335 32.39 -0.39 13.39
N LEU A 336 32.38 0.58 12.45
CA LEU A 336 32.78 1.96 12.71
C LEU A 336 31.63 2.83 12.20
N CYS A 337 31.17 3.74 13.03
CA CYS A 337 30.01 4.59 12.81
C CYS A 337 30.45 6.04 12.59
N PHE A 338 29.88 6.69 11.58
CA PHE A 338 30.18 8.08 11.22
C PHE A 338 28.88 8.89 11.21
N LYS A 339 28.78 9.89 12.07
CA LYS A 339 27.57 10.73 12.19
C LYS A 339 27.34 11.66 11.00
N ASN A 340 28.43 12.16 10.39
CA ASN A 340 28.34 13.09 9.25
C ASN A 340 28.36 12.32 7.95
N GLY A 341 27.18 11.94 7.49
CA GLY A 341 27.03 11.14 6.28
C GLY A 341 26.29 11.85 5.19
N SER A 342 25.08 11.37 4.87
CA SER A 342 24.29 11.85 3.74
C SER A 342 23.86 13.32 3.89
N LEU A 343 23.57 13.78 5.11
CA LEU A 343 23.21 15.21 5.30
C LEU A 343 24.39 16.13 4.98
N MSE A 344 25.59 15.67 5.29
CA MSE A 344 26.81 16.46 5.00
C MSE A 344 27.05 16.48 3.46
O MSE A 344 27.36 17.55 2.92
CB MSE A 344 27.96 15.81 5.79
CG MSE A 344 29.13 16.64 5.97
SE MSE A 344 28.69 18.30 6.95
CE MSE A 344 29.02 19.39 5.39
H MSE A 344 25.77 14.78 5.74
HA MSE A 344 26.66 17.48 5.35
HB2 MSE A 344 27.62 15.58 6.80
HB3 MSE A 344 28.29 14.90 5.30
HG2 MSE A 344 29.86 16.09 6.55
HG3 MSE A 344 29.51 16.87 4.98
HE1 MSE A 344 29.79 18.93 4.77
HE2 MSE A 344 28.10 19.50 4.82
HE3 MSE A 344 29.37 20.36 5.74
N ARG A 345 26.84 15.34 2.73
CA ARG A 345 26.96 15.26 1.27
C ARG A 345 25.91 16.14 0.60
N GLU A 346 24.67 16.14 1.12
CA GLU A 346 23.59 16.98 0.58
C GLU A 346 23.90 18.47 0.81
N LYS A 347 24.42 18.82 1.98
CA LYS A 347 24.81 20.21 2.25
C LYS A 347 25.87 20.72 1.26
N ILE A 348 26.96 19.96 1.03
CA ILE A 348 28.00 20.38 0.09
C ILE A 348 27.40 20.46 -1.32
N ARG A 349 26.52 19.52 -1.70
CA ARG A 349 25.86 19.59 -2.99
C ARG A 349 25.11 20.94 -3.15
N ASN A 350 24.32 21.27 -2.13
CA ASN A 350 23.50 22.48 -2.10
C ASN A 350 24.34 23.75 -2.08
N GLU A 351 25.42 23.74 -1.32
CA GLU A 351 26.30 24.90 -1.24
C GLU A 351 27.17 25.11 -2.49
N SER A 352 27.83 24.06 -3.00
CA SER A 352 28.87 24.17 -4.04
C SER A 352 28.47 23.76 -5.46
N VAL A 353 27.44 22.93 -5.65
CA VAL A 353 27.10 22.47 -7.01
C VAL A 353 25.58 22.53 -7.29
N SER A 354 24.98 23.67 -6.93
CA SER A 354 23.61 24.09 -7.27
C SER A 354 22.52 23.09 -6.94
N ARG A 355 22.66 22.34 -5.86
CA ARG A 355 21.65 21.37 -5.39
C ARG A 355 21.43 20.21 -6.38
N SER A 356 22.43 19.92 -7.20
CA SER A 356 22.34 18.94 -8.26
C SER A 356 23.34 17.80 -8.10
N TRP A 357 22.85 16.54 -8.01
CA TRP A 357 23.74 15.36 -7.94
C TRP A 357 24.51 15.20 -9.24
N SER A 358 23.95 15.65 -10.38
CA SER A 358 24.65 15.55 -11.67
C SER A 358 25.89 16.46 -11.67
N ASP A 359 25.73 17.70 -11.18
CA ASP A 359 26.87 18.62 -11.10
C ASP A 359 27.88 18.10 -10.05
N PHE A 360 27.39 17.45 -9.01
CA PHE A 360 28.24 16.82 -7.96
C PHE A 360 29.18 15.76 -8.61
N SER A 361 28.60 14.94 -9.47
CA SER A 361 29.30 13.91 -10.22
C SER A 361 30.27 14.53 -11.19
N LYS A 362 29.86 15.62 -11.89
CA LYS A 362 30.76 16.33 -12.80
C LYS A 362 31.94 16.97 -12.05
N ALA A 363 31.74 17.44 -10.83
CA ALA A 363 32.84 17.96 -10.01
C ALA A 363 33.88 16.84 -9.76
N LEU A 364 33.40 15.65 -9.45
CA LEU A 364 34.31 14.52 -9.23
C LEU A 364 35.04 14.10 -10.52
N GLN A 365 34.34 14.12 -11.67
CA GLN A 365 34.94 13.77 -12.95
C GLN A 365 35.99 14.76 -13.40
N SER A 366 35.77 16.05 -13.10
CA SER A 366 36.63 17.16 -13.55
C SER A 366 37.80 17.47 -12.60
N THR A 367 37.97 16.71 -11.48
CA THR A 367 39.08 16.89 -10.55
C THR A 367 39.89 15.61 -10.52
N GLU A 368 41.20 15.74 -10.34
CA GLU A 368 42.11 14.60 -10.34
C GLU A 368 42.13 13.87 -8.99
N MSE A 369 42.58 12.60 -9.01
CA MSE A 369 42.77 11.83 -7.80
C MSE A 369 43.77 12.56 -6.95
O MSE A 369 44.78 13.04 -7.47
CB MSE A 369 43.28 10.41 -8.10
CG MSE A 369 42.32 9.55 -8.88
SE MSE A 369 43.14 7.76 -9.07
CE MSE A 369 44.61 8.22 -10.22
H MSE A 369 42.83 12.11 -9.87
HA MSE A 369 41.81 11.77 -7.28
HB2 MSE A 369 44.19 10.50 -8.68
HB3 MSE A 369 43.50 9.90 -7.16
HG2 MSE A 369 41.38 9.46 -8.34
HG3 MSE A 369 42.16 9.97 -9.87
HE1 MSE A 369 44.26 8.86 -11.03
HE2 MSE A 369 45.38 8.74 -9.65
HE3 MSE A 369 45.05 7.30 -10.63
N GLY A 370 43.47 12.70 -5.67
CA GLY A 370 44.33 13.41 -4.75
C GLY A 370 43.99 14.88 -4.63
N ASN A 371 43.13 15.42 -5.53
CA ASN A 371 42.56 16.76 -5.47
C ASN A 371 43.61 17.89 -5.40
N GLY A 372 44.74 17.68 -6.07
CA GLY A 372 45.85 18.62 -6.06
C GLY A 372 46.46 18.82 -4.69
N GLY A 373 46.25 17.86 -3.76
CA GLY A 373 46.74 17.94 -2.40
C GLY A 373 45.83 18.69 -1.44
N ASN A 374 44.65 19.15 -1.90
CA ASN A 374 43.67 19.82 -1.06
C ASN A 374 42.91 18.77 -0.25
N LEU A 375 42.89 18.88 1.07
CA LEU A 375 42.28 17.91 1.98
C LEU A 375 41.27 18.60 2.88
N GLY A 376 40.18 17.91 3.16
CA GLY A 376 39.12 18.45 4.01
C GLY A 376 38.43 17.45 4.90
N PHE A 377 38.01 17.95 6.06
CA PHE A 377 37.23 17.28 7.09
C PHE A 377 35.95 18.06 7.26
N TYR A 378 34.79 17.39 7.20
CA TYR A 378 33.50 18.07 7.22
C TYR A 378 32.59 17.48 8.28
N PHE A 379 32.58 18.14 9.45
CA PHE A 379 31.81 17.68 10.61
C PHE A 379 30.91 18.79 11.15
N ASP A 380 29.76 19.05 10.52
CA ASP A 380 28.83 20.08 11.02
C ASP A 380 28.19 19.65 12.34
N VAL A 381 28.00 18.30 12.55
CA VAL A 381 27.58 17.77 13.84
C VAL A 381 28.82 17.08 14.46
N MSE A 382 28.93 17.05 15.81
CA MSE A 382 30.04 16.40 16.50
C MSE A 382 30.17 14.97 15.98
O MSE A 382 29.17 14.23 15.94
CB MSE A 382 29.82 16.41 18.03
CG MSE A 382 30.85 15.61 18.83
SE MSE A 382 32.60 16.31 18.72
CE MSE A 382 32.52 17.88 19.85
H MSE A 382 28.26 17.46 16.43
HA MSE A 382 30.97 16.94 16.29
HB2 MSE A 382 29.88 17.44 18.38
HB3 MSE A 382 28.84 15.99 18.24
HG2 MSE A 382 30.56 15.65 19.89
HG3 MSE A 382 30.87 14.57 18.50
HE1 MSE A 382 32.08 17.59 20.81
HE2 MSE A 382 33.53 18.28 19.98
HE3 MSE A 382 31.87 18.62 19.36
N GLU A 383 31.35 14.62 15.47
CA GLU A 383 31.58 13.30 14.88
C GLU A 383 31.90 12.31 16.01
N ILE A 384 31.68 11.00 15.81
CA ILE A 384 32.06 10.01 16.84
C ILE A 384 33.35 9.32 16.39
N THR A 385 33.58 9.15 15.08
CA THR A 385 34.82 8.55 14.58
C THR A 385 35.56 9.53 13.68
N PRO A 386 36.53 10.33 14.16
CA PRO A 386 36.92 10.57 15.57
C PRO A 386 36.03 11.65 16.19
N GLU A 387 36.31 12.04 17.44
CA GLU A 387 35.54 13.05 18.14
C GLU A 387 36.04 14.46 17.81
N ILE A 388 35.59 14.98 16.67
CA ILE A 388 35.93 16.29 16.15
C ILE A 388 34.66 16.94 15.67
N ILE A 389 34.63 18.29 15.73
CA ILE A 389 33.54 19.05 15.18
C ILE A 389 34.14 20.16 14.32
N GLY A 390 33.36 20.59 13.35
CA GLY A 390 33.71 21.68 12.43
C GLY A 390 34.19 21.21 11.08
N ARG A 391 34.35 22.18 10.18
CA ARG A 391 34.93 21.95 8.87
C ARG A 391 36.37 22.40 8.93
N HIS A 392 37.29 21.59 8.41
CA HIS A 392 38.72 21.88 8.46
C HIS A 392 39.30 21.58 7.09
N ARG A 393 39.83 22.61 6.41
CA ARG A 393 40.34 22.48 5.05
C ARG A 393 41.80 22.83 5.02
N PHE A 394 42.58 22.08 4.23
CA PHE A 394 44.03 22.29 4.12
C PHE A 394 44.42 22.25 2.67
N ASN A 395 45.38 23.09 2.30
CA ASN A 395 45.87 23.15 0.92
C ASN A 395 47.05 22.17 0.77
N THR A 396 47.69 22.13 -0.40
CA THR A 396 48.79 21.16 -0.62
C THR A 396 50.04 21.36 0.27
N GLU A 397 50.25 22.55 0.85
CA GLU A 397 51.38 22.77 1.78
C GLU A 397 50.97 22.45 3.22
N ASN A 398 49.76 21.89 3.43
CA ASN A 398 49.19 21.58 4.73
C ASN A 398 48.94 22.82 5.56
N HIS A 399 48.67 23.94 4.89
CA HIS A 399 48.26 25.16 5.55
C HIS A 399 46.75 25.15 5.60
N LYS A 400 46.19 25.54 6.75
CA LYS A 400 44.74 25.69 6.89
C LYS A 400 44.24 26.75 5.90
N VAL A 401 43.07 26.50 5.29
CA VAL A 401 42.44 27.49 4.39
C VAL A 401 40.98 27.62 4.75
N ALA A 402 40.38 28.74 4.40
CA ALA A 402 39.00 29.09 4.74
C ALA A 402 37.98 28.43 3.85
N ALA A 403 38.34 28.17 2.59
CA ALA A 403 37.42 27.59 1.62
C ALA A 403 38.19 27.03 0.44
N PHE A 404 37.49 26.25 -0.36
CA PHE A 404 37.98 25.69 -1.61
C PHE A 404 37.11 26.12 -2.76
N PRO A 405 37.62 26.09 -4.02
CA PRO A 405 36.70 26.18 -5.17
C PRO A 405 35.65 25.05 -5.10
N GLY A 406 34.48 25.28 -5.68
CA GLY A 406 33.36 24.34 -5.63
C GLY A 406 33.65 22.87 -5.95
N ASP A 407 34.30 22.61 -7.08
CA ASP A 407 34.61 21.23 -7.47
C ASP A 407 35.64 20.57 -6.52
N VAL A 408 36.59 21.39 -6.03
CA VAL A 408 37.64 20.95 -5.08
C VAL A 408 36.96 20.59 -3.75
N GLU A 409 35.92 21.34 -3.35
CA GLU A 409 35.16 21.04 -2.14
C GLU A 409 34.46 19.68 -2.22
N VAL A 410 33.81 19.41 -3.36
CA VAL A 410 33.09 18.14 -3.57
C VAL A 410 34.07 16.97 -3.45
N ARG A 411 35.24 17.05 -4.14
CA ARG A 411 36.21 15.96 -4.04
C ARG A 411 36.79 15.87 -2.64
N ALA A 412 37.11 17.02 -1.98
CA ALA A 412 37.67 17.00 -0.61
C ALA A 412 36.70 16.27 0.32
N LEU A 413 35.40 16.49 0.16
CA LEU A 413 34.43 15.84 1.01
C LEU A 413 34.44 14.33 0.81
N ILE A 414 34.29 13.88 -0.45
CA ILE A 414 34.15 12.46 -0.78
C ILE A 414 35.46 11.71 -0.55
N GLU A 415 36.55 12.22 -1.08
CA GLU A 415 37.86 11.61 -0.92
C GLU A 415 38.25 11.56 0.57
N GLY A 416 37.97 12.62 1.33
CA GLY A 416 38.23 12.68 2.77
C GLY A 416 37.38 11.68 3.53
N GLN A 417 36.08 11.59 3.22
CA GLN A 417 35.21 10.61 3.89
C GLN A 417 35.73 9.18 3.68
N PHE A 418 36.15 8.84 2.48
CA PHE A 418 36.65 7.47 2.18
C PHE A 418 38.06 7.24 2.71
N MSE A 419 38.94 8.25 2.69
CA MSE A 419 40.25 8.10 3.31
C MSE A 419 40.11 7.90 4.81
O MSE A 419 40.84 7.08 5.36
CB MSE A 419 41.16 9.30 2.99
CG MSE A 419 41.73 9.22 1.60
SE MSE A 419 43.12 10.58 1.32
CE MSE A 419 42.02 12.10 1.44
H MSE A 419 38.75 9.16 2.29
HA MSE A 419 40.73 7.21 2.90
HB2 MSE A 419 40.59 10.22 3.07
HB3 MSE A 419 42.00 9.32 3.68
HG2 MSE A 419 42.17 8.24 1.44
HG3 MSE A 419 40.94 9.39 0.86
HE1 MSE A 419 41.05 11.86 0.99
HE2 MSE A 419 41.88 12.38 2.48
HE3 MSE A 419 42.49 12.91 0.88
N ALA A 420 39.15 8.58 5.46
CA ALA A 420 38.89 8.43 6.89
C ALA A 420 38.44 6.99 7.15
N LYS A 421 37.57 6.45 6.29
CA LYS A 421 37.12 5.09 6.50
C LYS A 421 38.31 4.11 6.40
N ARG A 422 39.20 4.29 5.42
CA ARG A 422 40.36 3.41 5.33
C ARG A 422 41.29 3.54 6.54
N ILE A 423 41.58 4.77 6.97
CA ILE A 423 42.50 5.01 8.10
C ILE A 423 41.96 4.40 9.40
N HIS A 424 40.67 4.62 9.69
CA HIS A 424 40.10 4.14 10.94
C HIS A 424 39.95 2.61 10.90
N ALA A 425 39.64 2.06 9.74
CA ALA A 425 39.58 0.60 9.56
C ALA A 425 40.96 -0.02 9.85
N GLU A 426 42.00 0.54 9.24
CA GLU A 426 43.34 0.04 9.43
C GLU A 426 43.81 0.18 10.89
N GLY A 427 43.31 1.18 11.63
CA GLY A 427 43.63 1.37 13.04
C GLY A 427 43.14 0.21 13.88
N LEU A 428 42.01 -0.38 13.48
CA LEU A 428 41.44 -1.56 14.16
C LEU A 428 42.04 -2.91 13.70
N GLY A 429 42.98 -2.91 12.74
CA GLY A 429 43.61 -4.13 12.27
C GLY A 429 43.29 -4.54 10.83
N TYR A 430 42.41 -3.80 10.16
CA TYR A 430 42.07 -4.09 8.76
C TYR A 430 43.24 -3.83 7.82
N ARG A 431 43.36 -4.64 6.76
CA ARG A 431 44.35 -4.43 5.72
C ARG A 431 43.75 -4.79 4.36
N VAL A 432 44.04 -4.03 3.34
CA VAL A 432 43.59 -4.37 1.99
C VAL A 432 44.43 -5.55 1.54
N MSE A 433 43.81 -6.53 0.90
CA MSE A 433 44.47 -7.74 0.42
C MSE A 433 44.23 -7.90 -1.07
O MSE A 433 43.35 -7.27 -1.63
CB MSE A 433 43.90 -8.96 1.16
CG MSE A 433 44.27 -8.99 2.62
SE MSE A 433 43.31 -10.44 3.56
CE MSE A 433 44.26 -11.99 2.76
H MSE A 433 42.82 -6.52 0.70
HA MSE A 433 45.54 -7.70 0.60
HB2 MSE A 433 42.82 -8.95 1.09
HB3 MSE A 433 44.30 -9.87 0.70
HG2 MSE A 433 45.34 -9.17 2.72
HG3 MSE A 433 43.99 -8.05 3.08
HE1 MSE A 433 45.31 -11.74 2.61
HE2 MSE A 433 44.17 -12.84 3.45
HE3 MSE A 433 43.78 -12.24 1.82
N SER A 434 44.99 -8.78 -1.70
CA SER A 434 44.80 -9.03 -3.13
C SER A 434 43.35 -9.50 -3.43
N LYS A 435 42.75 -10.29 -2.53
CA LYS A 435 41.37 -10.77 -2.71
C LYS A 435 40.27 -9.73 -2.35
N THR A 436 40.61 -8.61 -1.73
CA THR A 436 39.63 -7.65 -1.21
C THR A 436 38.56 -7.21 -2.23
N LYS A 437 37.32 -7.24 -1.78
CA LYS A 437 36.19 -6.64 -2.47
C LYS A 437 35.60 -5.62 -1.50
N ILE A 438 35.15 -4.49 -2.04
CA ILE A 438 34.46 -3.46 -1.27
C ILE A 438 33.01 -3.50 -1.70
N LEU A 439 32.12 -3.67 -0.75
CA LEU A 439 30.70 -3.62 -1.01
C LEU A 439 30.17 -2.26 -0.58
N ALA A 440 29.40 -1.60 -1.45
CA ALA A 440 28.79 -0.31 -1.14
C ALA A 440 27.28 -0.44 -1.17
N THR A 441 26.59 0.19 -0.22
CA THR A 441 25.13 0.18 -0.19
C THR A 441 24.62 1.53 0.36
N GLY A 442 23.35 1.82 0.16
CA GLY A 442 22.71 3.08 0.55
C GLY A 442 22.62 4.10 -0.56
N GLY A 443 22.05 5.28 -0.26
CA GLY A 443 21.77 6.29 -1.28
C GLY A 443 22.93 6.69 -2.17
N ALA A 444 24.06 7.04 -1.58
CA ALA A 444 25.24 7.46 -2.36
C ALA A 444 25.89 6.32 -3.10
N SER A 445 25.54 5.06 -2.79
CA SER A 445 26.08 3.93 -3.58
C SER A 445 25.48 3.92 -4.99
N HIS A 446 24.41 4.68 -5.22
CA HIS A 446 23.79 4.79 -6.54
C HIS A 446 24.57 5.82 -7.43
N ASN A 447 25.64 6.49 -6.92
CA ASN A 447 26.42 7.48 -7.69
C ASN A 447 27.76 6.87 -8.14
N ARG A 448 27.93 6.61 -9.45
CA ARG A 448 29.14 5.95 -9.99
C ARG A 448 30.43 6.72 -9.69
N GLU A 449 30.34 8.06 -9.70
CA GLU A 449 31.51 8.90 -9.48
C GLU A 449 31.94 8.82 -8.00
N ILE A 450 31.00 8.76 -7.05
CA ILE A 450 31.33 8.57 -5.62
C ILE A 450 32.02 7.20 -5.46
N LEU A 451 31.49 6.13 -6.08
CA LEU A 451 32.07 4.79 -5.90
C LEU A 451 33.42 4.67 -6.58
N GLN A 452 33.68 5.49 -7.59
CA GLN A 452 35.00 5.48 -8.21
C GLN A 452 36.04 5.98 -7.20
N VAL A 453 35.70 7.02 -6.39
CA VAL A 453 36.63 7.53 -5.39
C VAL A 453 36.89 6.44 -4.37
N LEU A 454 35.83 5.77 -3.95
CA LEU A 454 35.98 4.68 -2.98
C LEU A 454 36.95 3.60 -3.52
N ALA A 455 36.80 3.21 -4.78
CA ALA A 455 37.68 2.17 -5.38
C ALA A 455 39.10 2.65 -5.44
N ASP A 456 39.28 3.92 -5.80
CA ASP A 456 40.62 4.54 -5.89
C ASP A 456 41.31 4.58 -4.54
N VAL A 457 40.59 5.02 -3.49
CA VAL A 457 41.17 5.17 -2.16
C VAL A 457 41.64 3.82 -1.58
N PHE A 458 40.83 2.80 -1.73
CA PHE A 458 41.17 1.45 -1.23
C PHE A 458 41.99 0.63 -2.23
N ASP A 459 42.15 1.07 -3.49
CA ASP A 459 42.84 0.33 -4.55
C ASP A 459 42.24 -1.08 -4.66
N ALA A 460 40.92 -1.14 -4.71
CA ALA A 460 40.22 -2.42 -4.77
C ALA A 460 38.87 -2.23 -5.44
N PRO A 461 38.32 -3.30 -6.03
CA PRO A 461 37.05 -3.16 -6.73
C PRO A 461 35.87 -2.98 -5.79
N VAL A 462 34.91 -2.18 -6.26
CA VAL A 462 33.71 -1.83 -5.55
C VAL A 462 32.52 -2.43 -6.24
N TYR A 463 31.67 -3.06 -5.44
CA TYR A 463 30.45 -3.72 -5.85
C TYR A 463 29.29 -3.07 -5.14
N VAL A 464 28.16 -2.91 -5.81
CA VAL A 464 26.95 -2.29 -5.24
C VAL A 464 26.03 -3.40 -4.85
N ILE A 465 25.40 -3.29 -3.69
CA ILE A 465 24.50 -4.32 -3.23
C ILE A 465 23.29 -3.62 -2.60
N ASP A 466 22.11 -4.23 -2.77
CA ASP A 466 20.87 -3.74 -2.14
C ASP A 466 20.82 -4.44 -0.79
N THR A 467 20.55 -3.72 0.30
CA THR A 467 20.62 -4.29 1.63
C THR A 467 19.38 -3.98 2.44
N ALA A 468 18.23 -3.67 1.79
CA ALA A 468 16.99 -3.36 2.50
C ALA A 468 16.62 -4.48 3.47
N ASN A 469 16.91 -5.73 3.09
CA ASN A 469 16.61 -6.89 3.92
C ASN A 469 17.88 -7.67 4.28
N SER A 470 19.05 -7.04 4.41
CA SER A 470 20.29 -7.80 4.60
C SER A 470 20.31 -8.60 5.89
N ALA A 471 19.71 -8.09 6.99
CA ALA A 471 19.72 -8.87 8.22
C ALA A 471 18.79 -10.10 8.08
N CYS A 472 17.60 -9.97 7.43
CA CYS A 472 16.70 -11.09 7.17
C CYS A 472 17.38 -12.12 6.30
N VAL A 473 17.90 -11.68 5.16
CA VAL A 473 18.53 -12.56 4.17
C VAL A 473 19.75 -13.23 4.79
N GLY A 474 20.57 -12.46 5.50
CA GLY A 474 21.73 -13.03 6.17
C GLY A 474 21.35 -14.14 7.17
N SER A 475 20.22 -13.95 7.87
CA SER A 475 19.70 -14.90 8.81
C SER A 475 19.27 -16.20 8.08
N ALA A 476 18.60 -16.07 6.90
CA ALA A 476 18.20 -17.23 6.10
C ALA A 476 19.44 -17.96 5.56
N TYR A 477 20.47 -17.21 5.15
CA TYR A 477 21.73 -17.83 4.69
C TYR A 477 22.39 -18.62 5.82
N ARG A 478 22.37 -18.11 7.05
CA ARG A 478 22.96 -18.78 8.22
C ARG A 478 22.16 -20.04 8.56
N ALA A 479 20.85 -19.96 8.38
CA ALA A 479 20.05 -21.12 8.59
C ALA A 479 20.44 -22.22 7.56
N PHE A 480 20.54 -21.86 6.24
CA PHE A 480 20.99 -22.80 5.21
C PHE A 480 22.38 -23.36 5.56
N HIS A 481 23.29 -22.52 6.09
CA HIS A 481 24.61 -22.99 6.47
C HIS A 481 24.47 -24.08 7.49
N GLY A 482 23.67 -23.80 8.50
CA GLY A 482 23.43 -24.77 9.54
C GLY A 482 22.97 -26.09 8.96
N LEU A 483 22.10 -26.05 7.94
CA LEU A 483 21.64 -27.28 7.25
C LEU A 483 22.66 -27.94 6.30
N ALA A 484 23.54 -27.15 5.74
CA ALA A 484 24.48 -27.65 4.73
C ALA A 484 25.77 -28.24 5.32
N GLY A 485 25.83 -28.42 6.63
CA GLY A 485 27.00 -28.97 7.32
C GLY A 485 27.45 -28.21 8.55
N GLY A 486 26.97 -26.96 8.71
CA GLY A 486 27.38 -26.15 9.84
C GLY A 486 28.87 -25.89 9.79
N THR A 487 29.52 -26.00 10.96
CA THR A 487 30.96 -25.78 11.12
C THR A 487 31.80 -26.79 10.30
N ASP A 488 31.21 -27.84 9.72
CA ASP A 488 31.98 -28.74 8.85
C ASP A 488 32.30 -28.12 7.46
N VAL A 489 31.57 -27.06 7.08
CA VAL A 489 31.79 -26.41 5.77
C VAL A 489 31.89 -24.87 5.93
N PRO A 490 32.66 -24.18 5.08
CA PRO A 490 32.74 -22.71 5.18
C PRO A 490 31.41 -22.04 4.78
N PHE A 491 30.99 -21.04 5.53
CA PHE A 491 29.78 -20.29 5.21
C PHE A 491 29.83 -19.80 3.77
N SER A 492 30.99 -19.27 3.34
CA SER A 492 31.17 -18.67 2.00
C SER A 492 30.83 -19.66 0.90
N GLU A 493 31.16 -20.95 1.07
CA GLU A 493 30.89 -21.96 0.04
C GLU A 493 29.40 -22.25 -0.08
N VAL A 494 28.67 -22.18 1.03
CA VAL A 494 27.21 -22.42 1.00
C VAL A 494 26.47 -21.36 0.19
N VAL A 495 26.80 -20.10 0.39
CA VAL A 495 26.03 -19.08 -0.27
C VAL A 495 26.72 -18.46 -1.46
N LYS A 496 27.78 -19.12 -1.97
CA LYS A 496 28.42 -18.66 -3.20
C LYS A 496 27.46 -18.58 -4.37
N LEU A 497 26.52 -19.51 -4.44
CA LEU A 497 25.61 -19.58 -5.57
C LEU A 497 24.68 -18.35 -5.70
N ALA A 498 24.47 -17.57 -4.62
CA ALA A 498 23.63 -16.35 -4.73
C ALA A 498 24.23 -15.41 -5.81
N PRO A 499 23.46 -14.79 -6.73
CA PRO A 499 24.10 -13.97 -7.77
C PRO A 499 25.06 -12.93 -7.22
N ASN A 500 26.20 -12.79 -7.88
CA ASN A 500 27.23 -11.85 -7.43
C ASN A 500 26.73 -10.45 -7.55
N PRO A 501 27.11 -9.55 -6.61
CA PRO A 501 26.67 -8.15 -6.72
C PRO A 501 27.36 -7.50 -7.91
N ARG A 502 26.79 -6.43 -8.43
CA ARG A 502 27.32 -5.78 -9.61
C ARG A 502 28.53 -4.91 -9.35
N LEU A 503 29.56 -5.08 -10.19
CA LEU A 503 30.80 -4.30 -10.17
C LEU A 503 30.47 -2.89 -10.58
N ALA A 504 30.81 -1.91 -9.75
CA ALA A 504 30.53 -0.49 -9.99
C ALA A 504 31.78 0.25 -10.39
N ALA A 505 32.93 -0.13 -9.83
CA ALA A 505 34.15 0.55 -10.17
C ALA A 505 35.34 -0.27 -9.84
N THR A 506 36.42 -0.02 -10.58
CA THR A 506 37.73 -0.60 -10.33
C THR A 506 38.71 0.55 -10.20
N PRO A 507 39.76 0.42 -9.39
CA PRO A 507 40.67 1.55 -9.17
C PRO A 507 41.32 2.01 -10.47
N SER A 508 41.44 3.32 -10.66
CA SER A 508 42.04 3.86 -11.86
C SER A 508 43.55 3.65 -11.84
N PRO A 509 44.21 3.58 -13.00
CA PRO A 509 45.69 3.48 -12.98
C PRO A 509 46.31 4.66 -12.24
N GLY A 510 47.28 4.38 -11.39
CA GLY A 510 47.95 5.40 -10.61
C GLY A 510 47.32 5.68 -9.27
N ALA A 511 46.17 5.04 -8.95
CA ALA A 511 45.49 5.24 -7.67
C ALA A 511 46.40 4.86 -6.50
N SER A 512 47.08 3.71 -6.58
CA SER A 512 47.99 3.26 -5.51
C SER A 512 49.04 4.31 -5.15
N GLN A 513 49.68 4.93 -6.15
CA GLN A 513 50.74 5.90 -5.93
C GLN A 513 50.20 7.21 -5.30
N VAL A 514 49.02 7.65 -5.72
CA VAL A 514 48.42 8.86 -5.19
C VAL A 514 48.06 8.68 -3.71
N TYR A 515 47.26 7.67 -3.36
CA TYR A 515 46.78 7.54 -1.98
C TYR A 515 47.81 6.95 -1.01
N GLU A 516 48.84 6.25 -1.52
CA GLU A 516 49.91 5.75 -0.63
C GLU A 516 50.61 6.94 0.03
N ALA A 517 50.74 8.05 -0.70
CA ALA A 517 51.35 9.27 -0.20
C ALA A 517 50.33 10.16 0.54
N LEU A 518 49.08 10.22 0.08
CA LEU A 518 48.09 11.12 0.66
C LEU A 518 47.45 10.59 1.95
N LEU A 519 47.28 9.26 2.08
CA LEU A 519 46.64 8.69 3.27
C LEU A 519 47.36 9.05 4.59
N PRO A 520 48.71 8.89 4.69
CA PRO A 520 49.40 9.29 5.93
C PRO A 520 49.31 10.79 6.20
N GLN A 521 49.22 11.61 5.15
CA GLN A 521 49.11 13.06 5.31
C GLN A 521 47.76 13.40 5.91
N TYR A 522 46.68 12.77 5.41
CA TYR A 522 45.34 12.97 5.94
C TYR A 522 45.26 12.52 7.40
N ALA A 523 45.86 11.38 7.70
CA ALA A 523 45.91 10.86 9.08
C ALA A 523 46.65 11.84 10.01
N LYS A 524 47.76 12.41 9.53
CA LYS A 524 48.54 13.39 10.31
C LYS A 524 47.71 14.65 10.61
N LEU A 525 46.96 15.14 9.62
CA LEU A 525 46.10 16.32 9.82
C LEU A 525 44.95 16.02 10.78
N GLU A 526 44.48 14.78 10.81
CA GLU A 526 43.42 14.45 11.72
C GLU A 526 43.93 14.54 13.17
N GLN A 527 45.12 14.01 13.41
CA GLN A 527 45.74 14.06 14.76
C GLN A 527 46.01 15.52 15.16
N ARG A 528 46.47 16.33 14.19
CA ARG A 528 46.69 17.78 14.38
C ARG A 528 45.40 18.47 14.85
N ILE A 529 44.26 18.17 14.21
CA ILE A 529 42.97 18.73 14.65
C ILE A 529 42.62 18.22 16.05
N LEU A 530 42.79 16.91 16.32
CA LEU A 530 42.50 16.33 17.63
C LEU A 530 43.35 16.96 18.72
N SER A 531 44.63 17.24 18.45
CA SER A 531 45.54 17.86 19.44
C SER A 531 45.11 19.30 19.78
N GLN A 532 44.50 20.02 18.83
CA GLN A 532 44.03 21.39 19.04
C GLN A 532 42.74 21.43 19.89
N THR A 533 42.02 20.29 20.04
CA THR A 533 40.78 20.23 20.83
C THR A 533 41.14 20.14 22.32
N PRO B 8 -9.95 -22.12 -6.15
CA PRO B 8 -10.46 -20.80 -6.56
C PRO B 8 -10.72 -19.87 -5.37
N ARG B 9 -10.53 -18.54 -5.57
CA ARG B 9 -10.83 -17.60 -4.50
C ARG B 9 -12.32 -17.25 -4.45
N ARG B 10 -13.02 -18.00 -3.66
CA ARG B 10 -14.45 -17.76 -3.42
C ARG B 10 -14.58 -16.70 -2.33
N CYS B 11 -15.62 -15.91 -2.36
CA CYS B 11 -15.76 -14.86 -1.36
C CYS B 11 -17.21 -14.55 -1.04
N CYS B 12 -17.37 -13.78 0.03
CA CYS B 12 -18.64 -13.13 0.37
C CYS B 12 -18.40 -11.62 0.39
N LEU B 13 -19.45 -10.85 0.07
CA LEU B 13 -19.42 -9.38 0.16
C LEU B 13 -20.13 -8.98 1.44
N GLY B 14 -19.56 -8.02 2.10
CA GLY B 14 -20.13 -7.39 3.29
C GLY B 14 -20.37 -5.90 2.95
N TRP B 15 -21.61 -5.44 2.94
CA TRP B 15 -22.01 -4.06 2.64
C TRP B 15 -22.28 -3.24 3.90
N ASP B 16 -22.16 -1.92 3.80
CA ASP B 16 -22.51 -1.03 4.89
C ASP B 16 -23.13 0.23 4.29
N PHE B 17 -24.43 0.39 4.44
CA PHE B 17 -25.18 1.56 4.01
C PHE B 17 -25.20 2.49 5.20
N SER B 18 -24.17 3.28 5.34
CA SER B 18 -23.92 4.13 6.48
C SER B 18 -24.41 5.57 6.26
N THR B 19 -24.28 6.41 7.29
CA THR B 19 -24.78 7.80 7.21
C THR B 19 -24.08 8.60 6.14
N GLN B 20 -22.75 8.50 6.05
CA GLN B 20 -21.93 9.33 5.16
C GLN B 20 -21.46 8.64 3.91
N GLN B 21 -21.66 7.33 3.81
CA GLN B 21 -21.17 6.58 2.67
C GLN B 21 -21.81 5.22 2.53
N VAL B 22 -21.62 4.62 1.37
CA VAL B 22 -21.90 3.21 1.10
C VAL B 22 -20.51 2.56 0.95
N LYS B 23 -20.26 1.51 1.72
CA LYS B 23 -18.98 0.81 1.71
C LYS B 23 -19.15 -0.70 1.50
N VAL B 24 -18.14 -1.37 0.93
CA VAL B 24 -18.19 -2.80 0.72
C VAL B 24 -16.80 -3.38 0.96
N VAL B 25 -16.76 -4.60 1.46
CA VAL B 25 -15.56 -5.41 1.57
C VAL B 25 -15.86 -6.79 0.91
N ALA B 26 -14.84 -7.42 0.34
CA ALA B 26 -14.90 -8.80 -0.13
C ALA B 26 -13.97 -9.58 0.80
N VAL B 27 -14.48 -10.67 1.38
CA VAL B 27 -13.77 -11.52 2.31
C VAL B 27 -13.70 -12.93 1.72
N ASP B 28 -12.51 -13.54 1.66
CA ASP B 28 -12.36 -14.87 1.07
C ASP B 28 -12.80 -15.93 2.08
N ALA B 29 -12.86 -17.18 1.63
CA ALA B 29 -13.36 -18.27 2.47
C ALA B 29 -12.45 -18.55 3.70
N GLU B 30 -11.18 -18.11 3.64
CA GLU B 30 -10.25 -18.20 4.76
C GLU B 30 -10.46 -17.02 5.75
N LEU B 31 -11.46 -16.15 5.46
CA LEU B 31 -11.87 -14.99 6.23
C LEU B 31 -10.82 -13.86 6.25
N ASN B 32 -10.17 -13.66 5.14
CA ASN B 32 -9.29 -12.51 5.00
C ASN B 32 -9.97 -11.48 4.04
N VAL B 33 -9.90 -10.18 4.42
CA VAL B 33 -10.42 -9.08 3.62
C VAL B 33 -9.42 -8.85 2.50
N PHE B 34 -9.82 -8.93 1.26
CA PHE B 34 -8.85 -8.71 0.17
C PHE B 34 -9.25 -7.55 -0.74
N TYR B 35 -10.40 -6.92 -0.51
CA TYR B 35 -10.88 -5.84 -1.34
C TYR B 35 -11.80 -4.94 -0.54
N GLU B 36 -11.72 -3.63 -0.77
CA GLU B 36 -12.60 -2.66 -0.11
C GLU B 36 -12.87 -1.50 -1.06
N GLU B 37 -14.10 -0.98 -1.07
CA GLU B 37 -14.45 0.16 -1.89
C GLU B 37 -15.54 0.97 -1.21
N SER B 38 -15.66 2.24 -1.59
CA SER B 38 -16.69 3.10 -0.99
C SER B 38 -17.08 4.25 -1.90
N VAL B 39 -18.29 4.77 -1.63
CA VAL B 39 -18.86 5.94 -2.28
C VAL B 39 -19.30 6.87 -1.17
N HIS B 40 -18.76 8.10 -1.17
CA HIS B 40 -18.97 9.10 -0.12
C HIS B 40 -20.03 10.07 -0.59
N PHE B 41 -21.10 10.27 0.18
CA PHE B 41 -22.26 11.04 -0.27
C PHE B 41 -21.97 12.49 -0.54
N ASP B 42 -21.44 13.25 0.44
CA ASP B 42 -21.17 14.69 0.19
C ASP B 42 -20.17 14.88 -0.94
N ARG B 43 -19.11 14.05 -0.97
CA ARG B 43 -18.08 14.19 -1.99
C ARG B 43 -18.53 13.71 -3.38
N ASP B 44 -19.16 12.52 -3.49
CA ASP B 44 -19.48 11.88 -4.77
C ASP B 44 -20.88 12.14 -5.30
N LEU B 45 -21.82 12.56 -4.45
CA LEU B 45 -23.18 12.95 -4.89
C LEU B 45 -23.49 14.34 -4.27
N PRO B 46 -22.61 15.33 -4.51
CA PRO B 46 -22.80 16.66 -3.90
C PRO B 46 -24.08 17.39 -4.31
N GLU B 47 -24.68 17.01 -5.44
CA GLU B 47 -25.91 17.63 -5.94
C GLU B 47 -27.10 17.51 -4.98
N PHE B 48 -27.10 16.55 -4.06
CA PHE B 48 -28.19 16.44 -3.07
C PHE B 48 -28.07 17.54 -1.99
N GLY B 49 -26.92 18.19 -1.87
CA GLY B 49 -26.73 19.24 -0.88
C GLY B 49 -26.66 18.76 0.56
N THR B 50 -26.26 17.48 0.76
CA THR B 50 -26.14 16.98 2.10
C THR B 50 -24.85 17.50 2.77
N GLN B 51 -24.84 17.45 4.09
CA GLN B 51 -23.67 17.73 4.92
C GLN B 51 -23.61 16.58 5.91
N GLY B 52 -22.53 15.81 5.86
CA GLY B 52 -22.43 14.61 6.67
C GLY B 52 -23.41 13.53 6.22
N GLY B 53 -23.80 13.55 4.93
CA GLY B 53 -24.75 12.64 4.33
C GLY B 53 -26.21 12.89 4.63
N VAL B 54 -26.51 13.96 5.38
CA VAL B 54 -27.88 14.28 5.82
C VAL B 54 -28.27 15.72 5.56
N HIS B 55 -29.58 15.99 5.74
CA HIS B 55 -30.16 17.32 5.71
C HIS B 55 -30.75 17.59 7.07
N VAL B 56 -30.21 18.58 7.80
CA VAL B 56 -30.79 19.04 9.06
C VAL B 56 -31.81 20.08 8.63
N HIS B 57 -33.07 19.91 8.98
CA HIS B 57 -34.10 20.84 8.51
C HIS B 57 -34.11 22.15 9.34
N LYS B 58 -34.89 23.14 8.88
CA LYS B 58 -35.01 24.47 9.53
C LYS B 58 -35.35 24.39 11.02
N ASP B 59 -36.18 23.41 11.43
CA ASP B 59 -36.54 23.27 12.86
C ASP B 59 -35.36 22.84 13.75
N GLY B 60 -34.25 22.37 13.18
CA GLY B 60 -33.09 21.90 13.94
C GLY B 60 -33.24 20.51 14.56
N LEU B 61 -34.37 19.84 14.33
CA LEU B 61 -34.73 18.56 14.91
C LEU B 61 -34.94 17.46 13.84
N THR B 62 -35.56 17.80 12.72
CA THR B 62 -35.83 16.85 11.65
C THR B 62 -34.54 16.63 10.86
N VAL B 63 -34.10 15.37 10.73
CA VAL B 63 -32.88 15.04 10.00
C VAL B 63 -33.17 13.87 9.06
N THR B 64 -33.01 14.10 7.75
CA THR B 64 -33.30 13.13 6.73
C THR B 64 -32.15 12.96 5.71
N SER B 65 -32.26 11.93 4.89
CA SER B 65 -31.42 11.66 3.75
C SER B 65 -32.30 11.29 2.56
N PRO B 66 -31.96 11.72 1.33
CA PRO B 66 -32.79 11.35 0.16
C PRO B 66 -32.60 9.86 -0.17
N VAL B 67 -33.69 9.08 -0.19
CA VAL B 67 -33.61 7.64 -0.51
C VAL B 67 -32.95 7.38 -1.88
N LEU B 68 -33.24 8.21 -2.89
CA LEU B 68 -32.62 8.03 -4.20
C LEU B 68 -31.12 8.29 -4.21
N MSE B 69 -30.58 9.04 -3.25
CA MSE B 69 -29.12 9.19 -3.11
C MSE B 69 -28.50 7.85 -2.73
O MSE B 69 -27.45 7.50 -3.26
CB MSE B 69 -28.77 10.27 -2.06
CG MSE B 69 -27.26 10.49 -1.89
SE MSE B 69 -27.00 11.81 -0.51
CE MSE B 69 -27.40 10.73 1.00
H MSE B 69 -31.10 9.54 -2.54
HA MSE B 69 -28.70 9.53 -4.06
HB2 MSE B 69 -29.22 11.20 -2.36
HB3 MSE B 69 -29.15 9.95 -1.08
HG2 MSE B 69 -26.75 9.58 -1.62
HG3 MSE B 69 -26.85 10.91 -2.81
HE1 MSE B 69 -26.86 9.79 0.94
HE2 MSE B 69 -27.08 11.27 1.89
HE3 MSE B 69 -28.47 10.53 1.06
N TRP B 70 -29.12 7.08 -1.80
CA TRP B 70 -28.64 5.76 -1.40
C TRP B 70 -28.69 4.79 -2.58
N VAL B 71 -29.78 4.84 -3.37
CA VAL B 71 -29.92 3.96 -4.54
C VAL B 71 -28.82 4.32 -5.57
N GLN B 72 -28.68 5.62 -5.88
CA GLN B 72 -27.66 6.07 -6.84
C GLN B 72 -26.28 5.71 -6.37
N ALA B 73 -26.02 5.76 -5.05
CA ALA B 73 -24.67 5.41 -4.54
C ALA B 73 -24.35 3.91 -4.77
N LEU B 74 -25.37 3.02 -4.67
CA LEU B 74 -25.19 1.60 -4.97
C LEU B 74 -24.85 1.43 -6.44
N ASP B 75 -25.55 2.16 -7.36
CA ASP B 75 -25.24 2.14 -8.77
C ASP B 75 -23.79 2.52 -9.02
N ILE B 76 -23.30 3.57 -8.32
CA ILE B 76 -21.92 4.04 -8.50
C ILE B 76 -20.92 3.00 -8.00
N ILE B 77 -21.11 2.47 -6.80
CA ILE B 77 -20.09 1.55 -6.22
C ILE B 77 -19.99 0.25 -7.05
N LEU B 78 -21.12 -0.26 -7.59
CA LEU B 78 -21.06 -1.51 -8.38
C LEU B 78 -20.26 -1.27 -9.66
N GLU B 79 -20.48 -0.10 -10.28
CA GLU B 79 -19.72 0.29 -11.49
C GLU B 79 -18.22 0.49 -11.15
N LYS B 80 -17.92 1.05 -9.99
CA LYS B 80 -16.53 1.29 -9.52
C LYS B 80 -15.82 -0.09 -9.31
N MSE B 81 -16.52 -1.02 -8.70
CA MSE B 81 -16.02 -2.42 -8.50
C MSE B 81 -15.72 -3.09 -9.82
O MSE B 81 -14.64 -3.63 -10.01
CB MSE B 81 -17.06 -3.22 -7.70
CG MSE B 81 -17.13 -2.82 -6.27
SE MSE B 81 -18.67 -3.65 -5.42
CE MSE B 81 -17.84 -5.34 -5.09
H MSE B 81 -17.45 -0.86 -8.33
HA MSE B 81 -15.09 -2.38 -7.94
HB2 MSE B 81 -18.05 -3.07 -8.11
HB3 MSE B 81 -16.81 -4.29 -7.74
HG2 MSE B 81 -16.23 -3.20 -5.78
HG3 MSE B 81 -17.20 -1.73 -6.15
HE1 MSE B 81 -17.52 -5.80 -6.03
HE2 MSE B 81 -16.97 -5.19 -4.44
HE3 MSE B 81 -18.55 -6.00 -4.59
N LYS B 82 -16.64 -3.00 -10.75
CA LYS B 82 -16.53 -3.64 -12.05
C LYS B 82 -15.36 -3.02 -12.84
N ALA B 83 -15.21 -1.68 -12.79
CA ALA B 83 -14.11 -0.94 -13.44
C ALA B 83 -12.74 -1.31 -12.88
N SER B 84 -12.67 -1.64 -11.58
CA SER B 84 -11.39 -2.02 -10.96
C SER B 84 -10.98 -3.48 -11.28
N GLY B 85 -11.86 -4.23 -11.95
CA GLY B 85 -11.60 -5.63 -12.31
C GLY B 85 -12.08 -6.64 -11.29
N PHE B 86 -12.99 -6.24 -10.38
CA PHE B 86 -13.54 -7.14 -9.39
C PHE B 86 -14.21 -8.32 -10.09
N ASP B 87 -13.92 -9.54 -9.65
CA ASP B 87 -14.48 -10.76 -10.22
C ASP B 87 -15.72 -11.16 -9.47
N PHE B 88 -16.89 -10.75 -9.98
CA PHE B 88 -18.17 -11.04 -9.33
C PHE B 88 -18.56 -12.51 -9.40
N SER B 89 -18.03 -13.30 -10.36
CA SER B 89 -18.38 -14.71 -10.48
C SER B 89 -17.95 -15.53 -9.24
N GLN B 90 -17.05 -14.99 -8.41
CA GLN B 90 -16.55 -15.69 -7.23
C GLN B 90 -17.40 -15.44 -5.96
N VAL B 91 -18.45 -14.64 -6.06
CA VAL B 91 -19.23 -14.28 -4.89
C VAL B 91 -20.26 -15.38 -4.57
N LEU B 92 -20.11 -16.03 -3.43
CA LEU B 92 -21.03 -17.08 -2.97
C LEU B 92 -22.26 -16.53 -2.29
N ALA B 93 -22.06 -15.47 -1.52
CA ALA B 93 -23.15 -14.84 -0.80
C ALA B 93 -22.79 -13.41 -0.43
N LEU B 94 -23.79 -12.67 0.00
CA LEU B 94 -23.58 -11.33 0.48
C LEU B 94 -24.55 -11.00 1.57
N SER B 95 -24.13 -10.12 2.44
CA SER B 95 -24.99 -9.53 3.46
C SER B 95 -24.55 -8.11 3.68
N GLY B 96 -25.19 -7.43 4.61
CA GLY B 96 -24.85 -6.05 4.86
C GLY B 96 -25.46 -5.49 6.09
N ALA B 97 -25.07 -4.26 6.33
CA ALA B 97 -25.54 -3.48 7.43
C ALA B 97 -26.10 -2.19 6.93
N GLY B 98 -27.04 -1.65 7.69
CA GLY B 98 -27.59 -0.33 7.47
C GLY B 98 -27.50 0.48 8.75
N GLN B 99 -27.25 1.77 8.60
CA GLN B 99 -27.41 2.74 9.70
C GLN B 99 -28.77 2.45 10.34
N GLN B 100 -28.80 2.31 11.65
CA GLN B 100 -29.99 1.86 12.33
C GLN B 100 -31.12 2.90 12.32
N HIS B 101 -32.32 2.42 12.57
CA HIS B 101 -33.55 3.19 12.78
C HIS B 101 -34.13 3.84 11.53
N GLY B 102 -33.30 4.37 10.62
CA GLY B 102 -33.77 5.01 9.40
C GLY B 102 -34.75 4.17 8.63
N SER B 103 -35.75 4.80 7.98
CA SER B 103 -36.81 4.06 7.30
C SER B 103 -37.10 4.53 5.90
N ILE B 104 -37.52 3.59 5.06
CA ILE B 104 -37.84 3.78 3.65
C ILE B 104 -39.33 3.43 3.45
N TYR B 105 -40.04 4.24 2.69
CA TYR B 105 -41.47 4.11 2.44
C TYR B 105 -41.64 3.84 0.97
N TRP B 106 -41.97 2.60 0.64
CA TRP B 106 -42.11 2.18 -0.76
C TRP B 106 -43.51 2.46 -1.24
N LYS B 107 -43.62 3.09 -2.40
CA LYS B 107 -44.92 3.42 -3.00
C LYS B 107 -45.60 2.20 -3.57
N ALA B 108 -46.93 2.19 -3.56
CA ALA B 108 -47.73 1.11 -4.15
C ALA B 108 -47.24 0.87 -5.59
N GLY B 109 -46.97 -0.37 -5.91
CA GLY B 109 -46.48 -0.78 -7.23
C GLY B 109 -44.97 -0.94 -7.28
N ALA B 110 -44.22 -0.51 -6.24
CA ALA B 110 -42.76 -0.59 -6.27
C ALA B 110 -42.24 -2.03 -6.39
N GLN B 111 -42.91 -3.03 -5.79
CA GLN B 111 -42.39 -4.39 -5.91
C GLN B 111 -42.41 -4.89 -7.34
N GLN B 112 -43.39 -4.46 -8.16
CA GLN B 112 -43.42 -4.83 -9.58
C GLN B 112 -42.19 -4.25 -10.30
N ALA B 113 -41.75 -3.04 -9.92
CA ALA B 113 -40.54 -2.44 -10.49
C ALA B 113 -39.31 -3.23 -10.04
N LEU B 114 -39.24 -3.66 -8.77
CA LEU B 114 -38.09 -4.43 -8.26
C LEU B 114 -37.97 -5.78 -8.98
N THR B 115 -39.10 -6.47 -9.17
CA THR B 115 -39.09 -7.83 -9.74
C THR B 115 -38.91 -7.79 -11.27
N SER B 116 -39.03 -6.61 -11.90
CA SER B 116 -38.87 -6.48 -13.35
C SER B 116 -37.63 -5.64 -13.73
N LEU B 117 -36.61 -5.54 -12.86
CA LEU B 117 -35.42 -4.75 -13.20
C LEU B 117 -34.75 -5.29 -14.46
N SER B 118 -34.38 -4.39 -15.36
CA SER B 118 -33.69 -4.70 -16.61
C SER B 118 -32.21 -4.47 -16.40
N PRO B 119 -31.31 -5.43 -16.77
CA PRO B 119 -29.87 -5.21 -16.59
C PRO B 119 -29.25 -4.16 -17.51
N ASP B 120 -30.02 -3.61 -18.48
CA ASP B 120 -29.52 -2.56 -19.38
C ASP B 120 -29.58 -1.18 -18.74
N LEU B 121 -30.23 -1.05 -17.56
CA LEU B 121 -30.38 0.24 -16.92
C LEU B 121 -29.86 0.22 -15.50
N ARG B 122 -29.60 1.43 -14.99
CA ARG B 122 -29.18 1.59 -13.61
C ARG B 122 -30.38 1.39 -12.69
N LEU B 123 -30.13 1.08 -11.41
CA LEU B 123 -31.21 0.97 -10.43
C LEU B 123 -31.96 2.27 -10.27
N HIS B 124 -31.23 3.38 -10.15
CA HIS B 124 -31.89 4.64 -9.84
C HIS B 124 -32.82 5.07 -10.96
N GLN B 125 -32.53 4.69 -12.21
CA GLN B 125 -33.39 5.05 -13.34
C GLN B 125 -34.69 4.28 -13.31
N GLN B 126 -34.64 3.05 -12.80
CA GLN B 126 -35.81 2.18 -12.73
C GLN B 126 -36.64 2.34 -11.48
N LEU B 127 -36.06 2.83 -10.38
CA LEU B 127 -36.76 2.98 -9.09
C LEU B 127 -37.06 4.44 -8.75
N GLN B 128 -36.87 5.36 -9.73
CA GLN B 128 -37.03 6.80 -9.48
C GLN B 128 -38.42 7.19 -8.96
N ASP B 129 -39.48 6.44 -9.32
CA ASP B 129 -40.85 6.74 -8.87
C ASP B 129 -41.38 5.74 -7.83
N CYS B 130 -40.50 4.98 -7.16
CA CYS B 130 -40.90 3.90 -6.25
C CYS B 130 -41.02 4.28 -4.76
N PHE B 131 -40.76 5.53 -4.37
CA PHE B 131 -40.79 5.92 -2.96
C PHE B 131 -41.88 6.93 -2.69
N SER B 132 -42.73 6.66 -1.66
CA SER B 132 -43.84 7.54 -1.27
C SER B 132 -43.34 8.70 -0.39
N ILE B 133 -42.12 8.55 0.16
CA ILE B 133 -41.42 9.57 0.96
C ILE B 133 -40.04 9.70 0.33
N SER B 134 -39.64 10.89 -0.12
CA SER B 134 -38.32 11.07 -0.75
C SER B 134 -37.23 11.32 0.29
N ASP B 135 -37.55 12.05 1.36
CA ASP B 135 -36.57 12.37 2.43
C ASP B 135 -36.82 11.48 3.62
N CYS B 136 -35.96 10.47 3.80
CA CYS B 136 -36.12 9.49 4.87
C CYS B 136 -35.62 9.98 6.18
N PRO B 137 -36.36 9.71 7.29
CA PRO B 137 -35.82 10.05 8.60
C PRO B 137 -34.68 9.09 8.93
N VAL B 138 -33.62 9.63 9.52
CA VAL B 138 -32.44 8.84 9.89
C VAL B 138 -32.23 8.92 11.40
N TRP B 139 -31.21 8.23 11.89
CA TRP B 139 -30.94 8.06 13.31
C TRP B 139 -30.68 9.36 14.08
N MSE B 140 -30.31 10.44 13.38
CA MSE B 140 -30.02 11.71 14.01
C MSE B 140 -31.29 12.54 14.25
O MSE B 140 -31.21 13.56 14.94
CB MSE B 140 -29.05 12.49 13.14
CG MSE B 140 -27.74 11.77 12.92
SE MSE B 140 -26.53 12.76 11.74
CE MSE B 140 -26.66 14.41 12.50
H MSE B 140 -30.19 10.44 12.38
HA MSE B 140 -29.51 11.55 14.95
HB2 MSE B 140 -29.51 12.66 12.16
HB3 MSE B 140 -28.85 13.44 13.63
HG2 MSE B 140 -27.24 11.63 13.88
HG3 MSE B 140 -27.92 10.81 12.44
HE1 MSE B 140 -26.62 14.31 13.57
HE2 MSE B 140 -25.83 15.03 12.15
HE3 MSE B 140 -27.60 14.87 12.20
N ASP B 141 -32.45 12.12 13.72
CA ASP B 141 -33.72 12.85 13.90
C ASP B 141 -34.17 12.87 15.36
N SER B 142 -34.58 14.04 15.88
CA SER B 142 -35.05 14.18 17.26
C SER B 142 -36.38 14.96 17.30
N SER B 143 -37.20 14.83 16.26
CA SER B 143 -38.41 15.62 16.07
C SER B 143 -39.72 14.95 16.52
N THR B 144 -39.67 13.75 17.10
CA THR B 144 -40.87 12.98 17.41
C THR B 144 -41.18 12.84 18.90
N THR B 145 -40.82 13.83 19.72
CA THR B 145 -41.08 13.74 21.17
C THR B 145 -42.57 13.49 21.46
N ALA B 146 -43.49 14.16 20.75
CA ALA B 146 -44.92 13.97 20.98
C ALA B 146 -45.34 12.53 20.75
N GLN B 147 -44.82 11.91 19.67
CA GLN B 147 -45.12 10.52 19.33
C GLN B 147 -44.55 9.57 20.36
N CYS B 148 -43.34 9.83 20.88
CA CYS B 148 -42.73 9.01 21.91
C CYS B 148 -43.61 8.94 23.15
N ARG B 149 -44.09 10.10 23.61
CA ARG B 149 -44.94 10.17 24.81
C ARG B 149 -46.29 9.49 24.55
N GLN B 150 -46.83 9.62 23.34
CA GLN B 150 -48.10 8.95 23.01
C GLN B 150 -47.95 7.42 23.02
N LEU B 151 -46.82 6.90 22.49
CA LEU B 151 -46.60 5.46 22.41
C LEU B 151 -46.45 4.90 23.83
N GLU B 152 -45.66 5.56 24.67
CA GLU B 152 -45.50 5.10 26.06
C GLU B 152 -46.84 5.10 26.80
N ALA B 153 -47.67 6.13 26.59
CA ALA B 153 -49.00 6.18 27.23
C ALA B 153 -49.90 5.06 26.72
N ALA B 154 -49.83 4.73 25.42
CA ALA B 154 -50.67 3.69 24.82
C ALA B 154 -50.34 2.27 25.33
N VAL B 155 -49.09 2.00 25.77
CA VAL B 155 -48.74 0.62 26.17
C VAL B 155 -48.51 0.45 27.68
N GLY B 156 -48.83 1.46 28.47
CA GLY B 156 -48.72 1.37 29.92
C GLY B 156 -47.49 1.99 30.57
N GLY B 157 -46.78 2.83 29.82
CA GLY B 157 -45.63 3.57 30.32
C GLY B 157 -44.30 3.22 29.70
N ALA B 158 -43.30 4.02 30.02
CA ALA B 158 -41.95 3.90 29.48
C ALA B 158 -41.36 2.54 29.81
N GLN B 159 -41.49 2.08 31.06
CA GLN B 159 -40.92 0.79 31.45
C GLN B 159 -41.66 -0.37 30.77
N ALA B 160 -43.00 -0.28 30.60
CA ALA B 160 -43.77 -1.29 29.87
C ALA B 160 -43.26 -1.42 28.44
N LEU B 161 -43.04 -0.26 27.78
CA LEU B 161 -42.52 -0.25 26.42
C LEU B 161 -41.12 -0.86 26.37
N SER B 162 -40.32 -0.62 27.39
CA SER B 162 -38.97 -1.18 27.46
C SER B 162 -38.99 -2.68 27.71
N CYS B 163 -39.86 -3.16 28.58
CA CYS B 163 -40.00 -4.60 28.80
C CYS B 163 -40.33 -5.28 27.49
N LEU B 164 -41.25 -4.71 26.72
CA LEU B 164 -41.65 -5.27 25.45
C LEU B 164 -40.58 -5.22 24.39
N THR B 165 -40.02 -4.04 24.14
CA THR B 165 -39.20 -3.79 22.96
C THR B 165 -37.70 -3.56 23.20
N GLY B 166 -37.28 -3.57 24.47
CA GLY B 166 -35.89 -3.40 24.83
C GLY B 166 -35.42 -1.98 25.12
N SER B 167 -36.25 -1.00 24.76
CA SER B 167 -36.03 0.40 24.95
C SER B 167 -37.33 1.10 25.30
N ARG B 168 -37.23 2.18 26.07
CA ARG B 168 -38.37 3.08 26.23
C ARG B 168 -38.46 3.84 24.88
N ALA B 169 -39.35 4.83 24.76
CA ALA B 169 -39.45 5.50 23.47
C ALA B 169 -38.32 6.51 23.25
N TYR B 170 -37.61 6.37 22.12
CA TYR B 170 -36.55 7.28 21.69
C TYR B 170 -36.99 7.88 20.36
N GLU B 171 -36.72 9.16 20.20
CA GLU B 171 -37.19 9.92 19.04
C GLU B 171 -36.76 9.30 17.72
N ARG B 172 -35.53 8.81 17.64
CA ARG B 172 -35.02 8.23 16.40
C ARG B 172 -35.61 6.84 16.08
N PHE B 173 -36.19 6.14 17.07
CA PHE B 173 -36.69 4.79 16.88
C PHE B 173 -37.83 4.83 15.89
N THR B 174 -37.80 3.87 14.99
CA THR B 174 -38.65 3.85 13.78
C THR B 174 -40.14 3.98 13.99
N GLY B 175 -40.71 3.30 14.96
CA GLY B 175 -42.14 3.39 15.21
C GLY B 175 -42.63 4.81 15.41
N ASN B 176 -41.83 5.64 16.10
CA ASN B 176 -42.17 7.04 16.37
C ASN B 176 -42.09 7.87 15.09
N GLN B 177 -41.15 7.52 14.20
CA GLN B 177 -41.00 8.20 12.92
C GLN B 177 -42.17 7.82 12.01
N ILE B 178 -42.56 6.53 12.03
CA ILE B 178 -43.71 6.07 11.23
C ILE B 178 -44.97 6.78 11.72
N ALA B 179 -45.16 6.86 13.05
CA ALA B 179 -46.32 7.53 13.63
C ALA B 179 -46.39 8.98 13.16
N LYS B 180 -45.26 9.70 13.14
CA LYS B 180 -45.23 11.10 12.68
C LYS B 180 -45.66 11.20 11.21
N ILE B 181 -45.19 10.27 10.36
CA ILE B 181 -45.55 10.28 8.94
C ILE B 181 -47.04 9.99 8.76
N TYR B 182 -47.57 9.03 9.51
CA TYR B 182 -49.00 8.71 9.45
C TYR B 182 -49.85 9.90 9.87
N GLN B 183 -49.40 10.60 10.94
CA GLN B 183 -50.12 11.76 11.45
C GLN B 183 -50.03 12.97 10.53
N GLN B 184 -48.83 13.29 10.05
CA GLN B 184 -48.62 14.48 9.24
C GLN B 184 -48.84 14.30 7.78
N ASN B 185 -48.70 13.07 7.27
CA ASN B 185 -48.84 12.82 5.87
C ASN B 185 -49.57 11.51 5.62
N PRO B 186 -50.83 11.44 6.06
CA PRO B 186 -51.60 10.22 5.85
C PRO B 186 -51.79 9.85 4.37
N GLU B 187 -51.73 10.81 3.45
CA GLU B 187 -51.85 10.51 2.03
C GLU B 187 -50.64 9.70 1.57
N ALA B 188 -49.43 10.15 1.91
CA ALA B 188 -48.23 9.38 1.55
C ALA B 188 -48.27 8.02 2.23
N TYR B 189 -48.71 7.97 3.49
CA TYR B 189 -48.82 6.72 4.22
C TYR B 189 -49.83 5.77 3.52
N SER B 190 -50.99 6.30 3.06
CA SER B 190 -51.97 5.45 2.37
C SER B 190 -51.45 4.91 1.02
N HIS B 191 -50.45 5.61 0.41
CA HIS B 191 -49.81 5.16 -0.84
C HIS B 191 -48.59 4.29 -0.59
N THR B 192 -48.30 3.93 0.68
CA THR B 192 -47.14 3.10 1.02
C THR B 192 -47.54 1.63 1.13
N GLU B 193 -46.95 0.77 0.31
CA GLU B 193 -47.25 -0.67 0.35
C GLU B 193 -46.26 -1.42 1.23
N ARG B 194 -45.09 -0.84 1.50
CA ARG B 194 -44.08 -1.52 2.30
C ARG B 194 -43.20 -0.50 3.01
N ILE B 195 -42.80 -0.81 4.24
CA ILE B 195 -41.88 0.02 5.02
C ILE B 195 -40.67 -0.84 5.37
N SER B 196 -39.49 -0.32 5.10
CA SER B 196 -38.23 -0.98 5.37
C SER B 196 -37.35 -0.14 6.28
N LEU B 197 -36.40 -0.81 6.94
CA LEU B 197 -35.28 -0.15 7.59
C LEU B 197 -34.23 0.06 6.51
N VAL B 198 -33.18 0.86 6.77
CA VAL B 198 -32.13 1.03 5.76
C VAL B 198 -31.53 -0.35 5.42
N SER B 199 -31.28 -1.18 6.45
CA SER B 199 -30.75 -2.53 6.28
C SER B 199 -31.61 -3.38 5.33
N SER B 200 -32.93 -3.47 5.59
CA SER B 200 -33.82 -4.33 4.80
C SER B 200 -34.14 -3.70 3.42
N PHE B 201 -34.06 -2.38 3.30
CA PHE B 201 -34.17 -1.67 2.03
C PHE B 201 -33.00 -2.11 1.12
N ALA B 202 -31.78 -2.08 1.64
CA ALA B 202 -30.61 -2.49 0.87
C ALA B 202 -30.69 -3.98 0.47
N ALA B 203 -31.16 -4.85 1.39
CA ALA B 203 -31.34 -6.27 1.06
C ALA B 203 -32.35 -6.42 -0.08
N SER B 204 -33.40 -5.62 -0.07
CA SER B 204 -34.43 -5.62 -1.12
C SER B 204 -33.85 -5.26 -2.46
N LEU B 205 -32.93 -4.31 -2.49
CA LEU B 205 -32.29 -3.91 -3.74
C LEU B 205 -31.52 -5.09 -4.36
N PHE B 206 -30.81 -5.89 -3.53
CA PHE B 206 -30.07 -7.06 -4.03
C PHE B 206 -30.98 -8.23 -4.44
N LEU B 207 -32.09 -8.44 -3.72
CA LEU B 207 -33.05 -9.48 -4.04
C LEU B 207 -33.85 -9.19 -5.29
N GLY B 208 -34.11 -7.91 -5.57
CA GLY B 208 -35.04 -7.54 -6.62
C GLY B 208 -36.44 -7.91 -6.18
N SER B 209 -36.70 -7.85 -4.86
CA SER B 209 -38.00 -8.11 -4.20
C SER B 209 -37.85 -7.71 -2.75
N TYR B 210 -38.95 -7.55 -2.01
CA TYR B 210 -38.84 -7.06 -0.65
C TYR B 210 -38.21 -8.06 0.27
N SER B 211 -37.22 -7.62 1.01
CA SER B 211 -36.62 -8.41 2.04
C SER B 211 -37.37 -8.24 3.34
N PRO B 212 -37.44 -9.28 4.18
CA PRO B 212 -37.96 -9.06 5.53
C PRO B 212 -36.93 -8.29 6.37
N ILE B 213 -37.38 -7.75 7.51
CA ILE B 213 -36.58 -7.10 8.53
C ILE B 213 -36.04 -8.20 9.45
N ASP B 214 -34.79 -8.09 9.89
CA ASP B 214 -34.26 -9.12 10.79
C ASP B 214 -34.61 -8.82 12.25
N TYR B 215 -34.48 -9.81 13.13
CA TYR B 215 -34.79 -9.58 14.54
C TYR B 215 -33.93 -8.48 15.17
N SER B 216 -32.64 -8.42 14.83
CA SER B 216 -31.74 -7.52 15.51
C SER B 216 -31.99 -6.05 15.13
N ASP B 217 -31.94 -5.67 13.84
CA ASP B 217 -32.26 -4.30 13.46
C ASP B 217 -33.73 -4.00 13.71
N GLY B 218 -34.59 -5.01 13.58
CA GLY B 218 -36.01 -4.90 13.90
C GLY B 218 -36.28 -4.53 15.35
N SER B 219 -35.27 -4.70 16.24
CA SER B 219 -35.35 -4.32 17.66
C SER B 219 -35.14 -2.79 17.91
N GLY B 220 -34.78 -2.03 16.87
CA GLY B 220 -34.51 -0.60 16.99
C GLY B 220 -35.69 0.26 16.55
N MSE B 221 -36.92 -0.22 16.77
CA MSE B 221 -38.12 0.44 16.28
C MSE B 221 -39.17 0.77 17.31
O MSE B 221 -40.14 1.44 16.93
CB MSE B 221 -38.78 -0.48 15.22
CG MSE B 221 -37.83 -0.94 14.11
SE MSE B 221 -38.75 -2.13 12.85
CE MSE B 221 -39.48 -0.83 11.67
H MSE B 221 -37.13 -1.07 17.29
HA MSE B 221 -37.86 1.35 15.75
HB2 MSE B 221 -39.19 -1.37 15.69
HB3 MSE B 221 -39.60 0.04 14.72
HG2 MSE B 221 -37.47 -0.06 13.57
HG3 MSE B 221 -36.98 -1.48 14.55
HE1 MSE B 221 -40.06 -0.12 12.26
HE2 MSE B 221 -38.68 -0.30 11.16
HE3 MSE B 221 -40.12 -1.32 10.95
N ASN B 222 -39.07 0.29 18.56
CA ASN B 222 -40.14 0.34 19.57
C ASN B 222 -41.38 -0.40 19.04
N LEU B 223 -41.17 -1.49 18.25
CA LEU B 223 -42.29 -2.30 17.72
C LEU B 223 -42.17 -3.80 17.95
N LEU B 224 -40.96 -4.36 17.89
CA LEU B 224 -40.76 -5.78 18.03
C LEU B 224 -40.78 -6.22 19.50
N GLN B 225 -41.46 -7.31 19.78
CA GLN B 225 -41.46 -7.96 21.10
C GLN B 225 -40.19 -8.80 21.09
N ILE B 226 -39.13 -8.30 21.72
CA ILE B 226 -37.81 -8.92 21.62
C ILE B 226 -37.75 -10.35 22.14
N GLN B 227 -38.49 -10.71 23.15
CA GLN B 227 -38.31 -12.07 23.62
C GLN B 227 -39.06 -13.10 22.80
N ASP B 228 -40.31 -12.84 22.38
CA ASP B 228 -41.08 -13.77 21.55
C ASP B 228 -40.78 -13.58 20.05
N LYS B 229 -40.05 -12.51 19.68
CA LYS B 229 -39.62 -12.24 18.32
C LYS B 229 -40.84 -12.21 17.37
N VAL B 230 -41.86 -11.46 17.79
CA VAL B 230 -43.07 -11.15 16.98
C VAL B 230 -43.32 -9.66 17.16
N TRP B 231 -44.01 -9.02 16.22
CA TRP B 231 -44.35 -7.62 16.40
C TRP B 231 -45.28 -7.48 17.59
N SER B 232 -45.12 -6.41 18.38
CA SER B 232 -46.05 -6.14 19.47
C SER B 232 -47.28 -5.52 18.85
N GLN B 233 -48.44 -6.18 18.93
CA GLN B 233 -49.67 -5.64 18.36
C GLN B 233 -50.03 -4.29 18.99
N ALA B 234 -49.78 -4.15 20.30
CA ALA B 234 -50.07 -2.90 21.00
C ALA B 234 -49.22 -1.75 20.46
N CYS B 235 -47.92 -2.00 20.21
CA CYS B 235 -47.03 -0.96 19.67
C CYS B 235 -47.40 -0.64 18.25
N LEU B 236 -47.63 -1.66 17.43
CA LEU B 236 -48.02 -1.44 16.03
C LEU B 236 -49.26 -0.53 15.93
N GLY B 237 -50.31 -0.91 16.63
CA GLY B 237 -51.57 -0.18 16.63
C GLY B 237 -51.44 1.24 17.17
N ALA B 238 -50.54 1.46 18.12
CA ALA B 238 -50.32 2.79 18.69
C ALA B 238 -49.53 3.70 17.76
N CYS B 239 -48.81 3.13 16.75
CA CYS B 239 -47.99 3.91 15.83
C CYS B 239 -48.73 4.25 14.56
N ALA B 240 -49.16 3.24 13.79
CA ALA B 240 -49.88 3.47 12.52
C ALA B 240 -50.58 2.22 12.09
N PRO B 241 -51.56 2.29 11.22
CA PRO B 241 -52.29 1.07 10.87
C PRO B 241 -51.68 0.22 9.79
N HIS B 242 -52.06 -1.08 9.79
CA HIS B 242 -51.67 -2.04 8.77
C HIS B 242 -50.16 -2.28 8.76
N LEU B 243 -49.49 -2.14 9.91
CA LEU B 243 -48.04 -2.31 9.93
C LEU B 243 -47.61 -3.74 9.87
N GLU B 244 -48.43 -4.68 10.29
CA GLU B 244 -48.08 -6.10 10.17
C GLU B 244 -47.90 -6.41 8.65
N GLU B 245 -48.75 -5.78 7.80
CA GLU B 245 -48.69 -5.97 6.33
C GLU B 245 -47.55 -5.15 5.72
N LYS B 246 -47.42 -3.84 6.06
CA LYS B 246 -46.35 -3.03 5.47
C LYS B 246 -44.96 -3.50 5.94
N LEU B 247 -44.83 -4.08 7.17
CA LEU B 247 -43.50 -4.54 7.65
C LEU B 247 -43.23 -5.97 7.27
N SER B 248 -44.28 -6.82 7.34
CA SER B 248 -44.19 -8.24 7.08
C SER B 248 -43.49 -8.94 8.28
N PRO B 249 -43.63 -10.27 8.45
CA PRO B 249 -43.01 -10.91 9.62
C PRO B 249 -41.50 -10.77 9.64
N PRO B 250 -40.91 -10.56 10.83
CA PRO B 250 -39.45 -10.45 10.94
C PRO B 250 -38.81 -11.83 10.89
N VAL B 251 -37.51 -11.90 10.61
CA VAL B 251 -36.83 -13.17 10.48
C VAL B 251 -35.53 -13.20 11.29
N PRO B 252 -35.03 -14.42 11.60
CA PRO B 252 -33.72 -14.51 12.25
C PRO B 252 -32.66 -13.86 11.38
N SER B 253 -31.71 -13.18 11.99
CA SER B 253 -30.67 -12.46 11.26
C SER B 253 -29.88 -13.36 10.35
N CYS B 254 -29.67 -14.64 10.69
N CYS B 254 -29.63 -14.62 10.72
CA CYS B 254 -28.83 -15.48 9.83
CA CYS B 254 -28.91 -15.52 9.83
C CYS B 254 -29.52 -16.14 8.60
C CYS B 254 -29.92 -16.35 9.04
N SER B 255 -30.68 -15.67 8.22
CA SER B 255 -31.60 -16.26 7.28
C SER B 255 -31.18 -15.96 5.88
N VAL B 256 -31.29 -16.94 4.98
CA VAL B 256 -31.12 -16.68 3.56
C VAL B 256 -32.47 -16.11 3.13
N VAL B 257 -32.51 -14.88 2.66
CA VAL B 257 -33.77 -14.24 2.25
C VAL B 257 -34.10 -14.44 0.76
N GLY B 258 -33.16 -14.93 -0.01
CA GLY B 258 -33.36 -15.27 -1.41
C GLY B 258 -32.07 -15.32 -2.17
N ALA B 259 -32.16 -15.61 -3.45
CA ALA B 259 -31.02 -15.55 -4.35
C ALA B 259 -30.89 -14.11 -4.82
N ILE B 260 -29.72 -13.74 -5.29
CA ILE B 260 -29.49 -12.41 -5.85
C ILE B 260 -30.39 -12.26 -7.10
N SER B 261 -30.87 -11.06 -7.37
CA SER B 261 -31.68 -10.80 -8.56
C SER B 261 -30.89 -11.12 -9.82
N SER B 262 -31.58 -11.61 -10.87
CA SER B 262 -30.97 -11.86 -12.17
C SER B 262 -30.39 -10.54 -12.72
N TYR B 263 -30.89 -9.38 -12.25
CA TYR B 263 -30.36 -8.07 -12.61
C TYR B 263 -28.85 -8.03 -12.42
N TYR B 264 -28.39 -8.46 -11.26
CA TYR B 264 -26.95 -8.44 -10.92
C TYR B 264 -26.17 -9.54 -11.65
N VAL B 265 -26.81 -10.68 -11.88
CA VAL B 265 -26.17 -11.79 -12.62
C VAL B 265 -25.82 -11.30 -14.02
N GLN B 266 -26.78 -10.67 -14.67
CA GLN B 266 -26.65 -10.22 -16.06
C GLN B 266 -25.84 -8.93 -16.20
N ARG B 267 -26.03 -7.96 -15.32
CA ARG B 267 -25.31 -6.68 -15.44
C ARG B 267 -23.84 -6.78 -14.96
N TYR B 268 -23.59 -7.48 -13.85
CA TYR B 268 -22.28 -7.50 -13.22
C TYR B 268 -21.57 -8.86 -13.19
N GLY B 269 -22.25 -9.95 -13.48
CA GLY B 269 -21.61 -11.26 -13.52
C GLY B 269 -21.58 -11.98 -12.19
N PHE B 270 -22.51 -11.65 -11.28
CA PHE B 270 -22.64 -12.45 -10.07
C PHE B 270 -23.12 -13.84 -10.49
N PRO B 271 -22.81 -14.91 -9.76
CA PRO B 271 -23.35 -16.22 -10.15
C PRO B 271 -24.83 -16.32 -9.77
N PRO B 272 -25.65 -17.04 -10.55
CA PRO B 272 -27.08 -17.14 -10.21
C PRO B 272 -27.39 -17.74 -8.84
N GLY B 273 -26.52 -18.60 -8.32
CA GLY B 273 -26.73 -19.21 -7.01
C GLY B 273 -26.31 -18.32 -5.83
N CYS B 274 -25.81 -17.10 -6.10
CA CYS B 274 -25.37 -16.20 -5.02
C CYS B 274 -26.50 -15.94 -4.05
N LYS B 275 -26.28 -16.19 -2.76
CA LYS B 275 -27.32 -16.05 -1.74
C LYS B 275 -27.28 -14.67 -1.07
N VAL B 276 -28.44 -14.12 -0.78
CA VAL B 276 -28.57 -12.90 -0.01
C VAL B 276 -28.95 -13.30 1.40
N VAL B 277 -28.10 -13.02 2.39
CA VAL B 277 -28.36 -13.31 3.79
C VAL B 277 -28.94 -12.02 4.39
N ALA B 278 -29.97 -12.15 5.22
CA ALA B 278 -30.67 -11.00 5.77
C ALA B 278 -29.71 -9.92 6.30
N PHE B 279 -30.00 -8.70 5.98
CA PHE B 279 -29.16 -7.60 6.42
C PHE B 279 -29.50 -7.28 7.89
N THR B 280 -28.64 -6.56 8.56
CA THR B 280 -28.89 -6.15 9.95
C THR B 280 -28.43 -4.69 10.18
N GLY B 281 -28.55 -4.23 11.41
CA GLY B 281 -28.14 -2.88 11.75
C GLY B 281 -26.63 -2.79 11.79
N ASP B 282 -26.04 -1.59 11.63
CA ASP B 282 -24.58 -1.47 11.67
C ASP B 282 -23.99 -1.80 13.07
N ASN B 283 -24.64 -1.44 14.16
CA ASN B 283 -24.09 -1.80 15.49
C ASN B 283 -24.21 -3.32 15.70
N PRO B 284 -25.36 -3.96 15.38
CA PRO B 284 -25.38 -5.44 15.44
C PRO B 284 -24.30 -6.09 14.58
N ALA B 285 -24.06 -5.57 13.34
CA ALA B 285 -23.06 -6.12 12.42
C ALA B 285 -21.65 -5.96 12.98
N SER B 286 -21.41 -4.86 13.69
CA SER B 286 -20.10 -4.63 14.31
C SER B 286 -19.87 -5.61 15.47
N LEU B 287 -20.92 -5.95 16.21
CA LEU B 287 -20.81 -6.97 17.26
C LEU B 287 -20.35 -8.31 16.67
N ALA B 288 -20.89 -8.69 15.49
CA ALA B 288 -20.51 -9.90 14.75
C ALA B 288 -19.07 -9.76 14.25
N GLY B 289 -18.71 -8.57 13.75
CA GLY B 289 -17.37 -8.30 13.24
C GLY B 289 -16.32 -8.34 14.33
N MSE B 290 -16.71 -7.98 15.55
CA MSE B 290 -15.84 -8.01 16.73
C MSE B 290 -15.86 -9.40 17.41
O MSE B 290 -15.14 -9.59 18.37
CB MSE B 290 -16.23 -6.90 17.70
CG MSE B 290 -15.91 -5.55 17.14
SE MSE B 290 -16.32 -4.09 18.45
CE MSE B 290 -18.16 -4.33 18.66
H MSE B 290 -17.64 -7.63 15.76
HA MSE B 290 -14.82 -7.82 16.42
HB2 MSE B 290 -17.30 -6.94 17.90
HB3 MSE B 290 -15.69 -7.01 18.64
HG2 MSE B 290 -14.85 -5.52 16.89
HG3 MSE B 290 -16.49 -5.37 16.22
HE1 MSE B 290 -18.63 -4.33 17.67
HE2 MSE B 290 -18.32 -5.27 19.17
HE3 MSE B 290 -18.55 -3.51 19.25
N ARG B 291 -16.73 -10.33 16.94
CA ARG B 291 -16.81 -11.71 17.40
C ARG B 291 -17.10 -11.78 18.89
N LEU B 292 -18.00 -10.90 19.42
CA LEU B 292 -18.41 -11.03 20.82
C LEU B 292 -19.11 -12.36 21.08
N GLU B 293 -18.91 -12.92 22.26
CA GLU B 293 -19.61 -14.12 22.73
C GLU B 293 -20.23 -13.85 24.06
N GLU B 294 -20.92 -14.86 24.58
CA GLU B 294 -21.49 -14.82 25.90
C GLU B 294 -20.45 -14.37 26.89
N GLY B 295 -20.82 -13.39 27.70
CA GLY B 295 -20.00 -12.82 28.75
C GLY B 295 -19.14 -11.67 28.28
N ASP B 296 -19.19 -11.31 26.98
CA ASP B 296 -18.32 -10.26 26.46
C ASP B 296 -18.95 -8.89 26.34
N ILE B 297 -18.08 -7.87 26.30
CA ILE B 297 -18.48 -6.48 26.07
C ILE B 297 -17.52 -5.90 25.05
N ALA B 298 -17.92 -4.79 24.47
CA ALA B 298 -17.03 -3.97 23.66
C ALA B 298 -17.22 -2.51 23.98
N VAL B 299 -16.12 -1.76 23.96
CA VAL B 299 -16.16 -0.30 24.19
C VAL B 299 -15.66 0.35 22.91
N SER B 300 -16.51 1.04 22.21
CA SER B 300 -16.18 1.77 21.01
C SER B 300 -15.98 3.20 21.48
N LEU B 301 -14.73 3.65 21.51
CA LEU B 301 -14.35 4.96 22.04
C LEU B 301 -14.28 6.00 20.91
N GLY B 302 -14.99 7.10 21.07
CA GLY B 302 -15.02 8.17 20.08
C GLY B 302 -15.68 9.40 20.63
N THR B 303 -16.14 10.31 19.75
CA THR B 303 -16.86 11.54 20.13
C THR B 303 -17.98 11.16 21.07
N SER B 304 -18.66 10.08 20.74
CA SER B 304 -19.58 9.38 21.61
C SER B 304 -18.93 8.04 21.92
N ASP B 305 -19.06 7.55 23.16
CA ASP B 305 -18.58 6.21 23.46
C ASP B 305 -19.81 5.31 23.40
N THR B 306 -19.64 4.15 22.86
CA THR B 306 -20.74 3.19 22.75
C THR B 306 -20.31 1.92 23.39
N LEU B 307 -21.10 1.45 24.33
CA LEU B 307 -20.84 0.21 25.01
C LEU B 307 -21.74 -0.87 24.42
N PHE B 308 -21.14 -1.96 23.99
CA PHE B 308 -21.82 -3.15 23.47
C PHE B 308 -21.77 -4.20 24.50
N LEU B 309 -22.89 -4.88 24.81
CA LEU B 309 -22.94 -5.97 25.75
C LEU B 309 -23.60 -7.19 25.13
N TRP B 310 -23.12 -8.38 25.44
CA TRP B 310 -23.81 -9.63 25.16
C TRP B 310 -24.72 -9.86 26.36
N LEU B 311 -25.98 -10.21 26.15
CA LEU B 311 -26.89 -10.53 27.24
C LEU B 311 -27.64 -11.82 26.98
N GLN B 312 -27.59 -12.77 27.90
CA GLN B 312 -28.39 -13.99 27.81
C GLN B 312 -29.84 -13.68 28.19
N GLU B 313 -30.10 -12.96 29.24
CA GLU B 313 -31.51 -12.64 29.47
C GLU B 313 -31.57 -11.14 29.76
N PRO B 314 -32.42 -10.44 29.04
CA PRO B 314 -32.41 -8.97 29.13
C PRO B 314 -33.21 -8.43 30.29
N MSE B 315 -32.78 -7.30 30.84
CA MSE B 315 -33.43 -6.54 31.89
C MSE B 315 -33.60 -5.12 31.34
O MSE B 315 -32.80 -4.24 31.63
CB MSE B 315 -32.59 -6.55 33.15
CG MSE B 315 -32.33 -7.95 33.68
SE MSE B 315 -34.03 -8.71 34.37
CE MSE B 315 -34.11 -7.49 35.84
H MSE B 315 -31.91 -6.85 30.55
HA MSE B 315 -34.41 -6.94 32.14
HB2 MSE B 315 -31.63 -6.06 33.00
HB3 MSE B 315 -33.15 -6.00 33.91
HG2 MSE B 315 -31.96 -8.61 32.89
HG3 MSE B 315 -31.60 -7.91 34.49
HE1 MSE B 315 -33.10 -7.26 36.18
HE2 MSE B 315 -34.58 -6.57 35.48
HE3 MSE B 315 -34.70 -7.93 36.63
N PRO B 316 -34.53 -4.92 30.38
CA PRO B 316 -34.68 -3.60 29.77
C PRO B 316 -34.95 -2.51 30.81
N ALA B 317 -34.38 -1.34 30.56
CA ALA B 317 -34.46 -0.23 31.51
C ALA B 317 -34.91 1.03 30.82
N LEU B 318 -34.97 2.12 31.60
CA LEU B 318 -35.30 3.47 31.11
C LEU B 318 -34.08 4.10 30.43
N GLU B 319 -32.93 3.43 30.47
CA GLU B 319 -31.72 3.80 29.71
C GLU B 319 -31.25 2.57 28.92
N GLY B 320 -30.49 2.80 27.87
CA GLY B 320 -29.94 1.74 27.06
C GLY B 320 -30.94 1.10 26.14
N HIS B 321 -30.42 0.22 25.30
CA HIS B 321 -31.19 -0.42 24.27
C HIS B 321 -30.84 -1.86 24.17
N ILE B 322 -31.82 -2.72 24.40
CA ILE B 322 -31.61 -4.14 24.23
C ILE B 322 -32.19 -4.55 22.89
N PHE B 323 -31.39 -5.26 22.10
CA PHE B 323 -31.82 -5.85 20.84
C PHE B 323 -31.67 -7.37 20.84
N CYS B 324 -32.41 -8.05 19.95
CA CYS B 324 -32.16 -9.45 19.65
C CYS B 324 -30.72 -9.51 19.13
N ASN B 325 -30.03 -10.57 19.51
CA ASN B 325 -28.62 -10.74 19.12
C ASN B 325 -28.54 -11.20 17.64
N PRO B 326 -27.70 -10.54 16.83
CA PRO B 326 -27.63 -10.92 15.42
C PRO B 326 -26.95 -12.24 15.15
N VAL B 327 -26.09 -12.71 16.05
CA VAL B 327 -25.40 -13.96 15.80
C VAL B 327 -25.87 -15.11 16.70
N ASP B 328 -26.90 -14.89 17.51
CA ASP B 328 -27.54 -15.93 18.28
C ASP B 328 -28.95 -15.42 18.56
N SER B 329 -29.89 -15.79 17.71
CA SER B 329 -31.26 -15.27 17.75
C SER B 329 -32.02 -15.65 19.01
N GLN B 330 -31.56 -16.60 19.82
CA GLN B 330 -32.26 -16.87 21.08
C GLN B 330 -31.81 -15.95 22.21
N HIS B 331 -30.74 -15.17 22.01
CA HIS B 331 -30.21 -14.31 23.05
C HIS B 331 -30.14 -12.86 22.57
N TYR B 332 -29.48 -11.98 23.36
CA TYR B 332 -29.60 -10.55 23.14
C TYR B 332 -28.27 -9.80 23.18
N MSE B 333 -28.38 -8.54 22.83
CA MSE B 333 -27.30 -7.57 22.91
C MSE B 333 -27.84 -6.26 23.44
O MSE B 333 -29.05 -6.02 23.41
CB MSE B 333 -26.63 -7.37 21.54
CG MSE B 333 -27.52 -6.72 20.53
SE MSE B 333 -26.56 -6.22 18.88
CE MSE B 333 -25.53 -4.64 19.55
H MSE B 333 -29.23 -8.16 22.42
HA MSE B 333 -26.55 -7.93 23.60
HB2 MSE B 333 -25.73 -6.76 21.64
HB3 MSE B 333 -26.38 -8.36 21.15
HG2 MSE B 333 -28.31 -7.42 20.25
HG3 MSE B 333 -27.97 -5.81 20.93
HE1 MSE B 333 -25.97 -4.26 20.47
HE2 MSE B 333 -24.50 -4.97 19.75
HE3 MSE B 333 -25.53 -3.87 18.78
N ALA B 334 -26.96 -5.43 23.91
CA ALA B 334 -27.36 -4.10 24.36
C ALA B 334 -26.36 -3.07 23.94
N LEU B 335 -26.88 -1.86 23.72
CA LEU B 335 -26.10 -0.67 23.51
C LEU B 335 -26.41 0.34 24.63
N LEU B 336 -25.34 0.97 25.16
CA LEU B 336 -25.38 2.09 26.11
C LEU B 336 -24.56 3.18 25.45
N CYS B 337 -25.15 4.35 25.28
CA CYS B 337 -24.52 5.48 24.60
C CYS B 337 -24.09 6.52 25.61
N PHE B 338 -22.88 7.06 25.44
CA PHE B 338 -22.29 8.07 26.33
C PHE B 338 -21.88 9.26 25.47
N LYS B 339 -22.49 10.42 25.70
CA LYS B 339 -22.21 11.65 24.93
C LYS B 339 -20.84 12.24 25.23
N ASN B 340 -20.35 12.12 26.47
CA ASN B 340 -19.06 12.68 26.88
C ASN B 340 -17.97 11.64 26.73
N GLY B 341 -17.34 11.65 25.58
CA GLY B 341 -16.30 10.70 25.24
C GLY B 341 -14.95 11.33 24.98
N SER B 342 -14.51 11.27 23.72
CA SER B 342 -13.19 11.70 23.32
C SER B 342 -12.95 13.21 23.53
N LEU B 343 -13.97 14.05 23.37
CA LEU B 343 -13.78 15.49 23.59
C LEU B 343 -13.48 15.77 25.07
N MSE B 344 -14.03 15.00 26.03
CA MSE B 344 -13.69 15.15 27.47
C MSE B 344 -12.30 14.68 27.74
O MSE B 344 -11.56 15.32 28.49
CB MSE B 344 -14.65 14.33 28.35
CG MSE B 344 -16.02 14.85 28.39
SE MSE B 344 -16.07 16.77 28.88
CE MSE B 344 -14.99 16.57 30.34
H MSE B 344 -14.73 14.29 25.85
HA MSE B 344 -13.75 16.20 27.74
HB2 MSE B 344 -14.70 13.31 27.95
HB3 MSE B 344 -14.27 14.26 29.37
HG2 MSE B 344 -16.51 14.68 27.43
HG3 MSE B 344 -16.51 14.31 29.19
HE1 MSE B 344 -15.33 15.65 30.82
HE2 MSE B 344 -13.94 16.49 30.05
HE3 MSE B 344 -15.13 17.42 31.01
N ARG B 345 -11.92 13.55 27.12
CA ARG B 345 -10.56 13.04 27.32
C ARG B 345 -9.54 14.05 26.79
N GLU B 346 -9.81 14.66 25.61
CA GLU B 346 -8.90 15.67 25.04
C GLU B 346 -8.87 16.93 25.91
N LYS B 347 -10.03 17.37 26.41
CA LYS B 347 -10.08 18.54 27.28
C LYS B 347 -9.23 18.34 28.56
N ILE B 348 -9.37 17.19 29.24
CA ILE B 348 -8.60 16.92 30.46
C ILE B 348 -7.11 16.85 30.10
N ARG B 349 -6.77 16.23 28.95
CA ARG B 349 -5.37 16.19 28.50
C ARG B 349 -4.81 17.62 28.38
N ASN B 350 -5.56 18.49 27.70
CA ASN B 350 -5.17 19.87 27.45
C ASN B 350 -5.07 20.71 28.74
N GLU B 351 -5.99 20.51 29.67
CA GLU B 351 -6.05 21.23 30.93
C GLU B 351 -5.01 20.77 31.96
N SER B 352 -4.83 19.45 32.11
CA SER B 352 -4.03 18.89 33.19
C SER B 352 -2.68 18.28 32.81
N VAL B 353 -2.45 17.88 31.56
CA VAL B 353 -1.18 17.22 31.20
C VAL B 353 -0.61 17.75 29.88
N SER B 354 -0.58 19.09 29.76
CA SER B 354 0.10 19.86 28.72
C SER B 354 -0.20 19.46 27.27
N ARG B 355 -1.42 19.04 26.99
CA ARG B 355 -1.89 18.69 25.65
C ARG B 355 -1.14 17.47 25.09
N SER B 356 -0.55 16.64 25.98
CA SER B 356 0.26 15.48 25.60
C SER B 356 -0.39 14.14 26.02
N TRP B 357 -0.61 13.22 25.05
CA TRP B 357 -1.11 11.86 25.36
C TRP B 357 -0.05 11.07 26.11
N SER B 358 1.24 11.39 25.92
CA SER B 358 2.31 10.70 26.65
C SER B 358 2.27 11.08 28.14
N ASP B 359 2.10 12.37 28.44
CA ASP B 359 1.98 12.79 29.84
C ASP B 359 0.69 12.25 30.45
N PHE B 360 -0.35 12.11 29.63
CA PHE B 360 -1.62 11.53 30.05
C PHE B 360 -1.42 10.08 30.49
N SER B 361 -0.64 9.29 29.71
CA SER B 361 -0.28 7.93 30.10
C SER B 361 0.56 7.91 31.35
N LYS B 362 1.53 8.84 31.47
CA LYS B 362 2.37 8.91 32.68
C LYS B 362 1.54 9.23 33.91
N ALA B 363 0.51 10.08 33.77
CA ALA B 363 -0.37 10.36 34.92
C ALA B 363 -1.05 9.06 35.39
N LEU B 364 -1.53 8.25 34.46
CA LEU B 364 -2.15 6.96 34.80
C LEU B 364 -1.13 5.97 35.43
N GLN B 365 0.10 5.94 34.92
CA GLN B 365 1.16 5.07 35.47
C GLN B 365 1.59 5.46 36.88
N SER B 366 1.59 6.77 37.16
CA SER B 366 2.06 7.33 38.43
C SER B 366 0.96 7.42 39.52
N THR B 367 -0.28 6.98 39.24
CA THR B 367 -1.36 6.98 40.23
C THR B 367 -1.80 5.53 40.44
N GLU B 368 -2.22 5.19 41.66
CA GLU B 368 -2.65 3.85 42.01
C GLU B 368 -4.08 3.56 41.59
N MSE B 369 -4.41 2.27 41.48
CA MSE B 369 -5.77 1.84 41.21
C MSE B 369 -6.64 2.34 42.33
O MSE B 369 -6.24 2.25 43.50
CB MSE B 369 -5.88 0.29 41.11
CG MSE B 369 -5.11 -0.33 39.98
SE MSE B 369 -5.46 -2.29 39.98
CE MSE B 369 -4.54 -2.72 41.66
H MSE B 369 -3.74 1.51 41.60
HA MSE B 369 -6.09 2.27 40.26
HB2 MSE B 369 -5.49 -0.12 42.05
HB3 MSE B 369 -6.92 0.00 41.00
HG2 MSE B 369 -5.46 0.09 39.03
HG3 MSE B 369 -4.04 -0.16 40.10
HE1 MSE B 369 -3.57 -2.23 41.67
HE2 MSE B 369 -5.15 -2.38 42.49
HE3 MSE B 369 -4.44 -3.80 41.70
N GLY B 370 -7.78 2.91 41.99
CA GLY B 370 -8.68 3.48 42.97
C GLY B 370 -8.42 4.96 43.25
N ASN B 371 -7.29 5.50 42.77
CA ASN B 371 -6.96 6.92 42.79
C ASN B 371 -7.01 7.55 44.19
N GLY B 372 -6.63 6.77 45.20
CA GLY B 372 -6.66 7.22 46.59
C GLY B 372 -8.05 7.55 47.09
N GLY B 373 -9.10 7.02 46.43
CA GLY B 373 -10.48 7.30 46.78
C GLY B 373 -11.07 8.56 46.14
N ASN B 374 -10.31 9.27 45.29
CA ASN B 374 -10.78 10.46 44.57
C ASN B 374 -11.61 10.01 43.41
N LEU B 375 -12.85 10.48 43.29
CA LEU B 375 -13.80 10.08 42.25
C LEU B 375 -14.32 11.28 41.51
N GLY B 376 -14.53 11.14 40.20
CA GLY B 376 -15.00 12.22 39.37
C GLY B 376 -15.94 11.82 38.26
N PHE B 377 -16.85 12.73 37.96
CA PHE B 377 -17.84 12.66 36.87
C PHE B 377 -17.59 13.85 35.99
N TYR B 378 -17.44 13.65 34.67
CA TYR B 378 -17.07 14.73 33.76
C TYR B 378 -18.02 14.83 32.59
N PHE B 379 -19.02 15.71 32.72
CA PHE B 379 -20.08 15.90 31.73
C PHE B 379 -20.22 17.36 31.31
N ASP B 380 -19.35 17.83 30.42
CA ASP B 380 -19.45 19.23 29.93
C ASP B 380 -20.70 19.44 29.09
N VAL B 381 -21.23 18.38 28.46
CA VAL B 381 -22.51 18.46 27.74
C VAL B 381 -23.42 17.51 28.51
N MSE B 382 -24.73 17.73 28.41
CA MSE B 382 -25.72 16.90 29.08
C MSE B 382 -25.50 15.44 28.65
O MSE B 382 -25.44 15.14 27.48
CB MSE B 382 -27.16 17.38 28.76
CG MSE B 382 -28.25 16.49 29.29
SE MSE B 382 -28.33 16.37 31.24
CE MSE B 382 -29.09 18.18 31.63
H MSE B 382 -25.13 18.49 27.88
HA MSE B 382 -25.56 17.00 30.16
HB2 MSE B 382 -27.30 18.37 29.19
HB3 MSE B 382 -27.26 17.43 27.68
HG2 MSE B 382 -29.20 16.91 28.96
HG3 MSE B 382 -28.14 15.49 28.88
HE1 MSE B 382 -29.99 18.32 31.04
HE2 MSE B 382 -29.32 18.22 32.69
HE3 MSE B 382 -28.35 18.94 31.37
N GLU B 383 -25.29 14.58 29.62
CA GLU B 383 -25.03 13.17 29.36
C GLU B 383 -26.35 12.45 29.12
N ILE B 384 -26.30 11.33 28.41
CA ILE B 384 -27.44 10.45 28.09
C ILE B 384 -27.55 9.38 29.18
N THR B 385 -26.43 8.73 29.45
CA THR B 385 -26.34 7.62 30.39
C THR B 385 -25.39 8.00 31.54
N PRO B 386 -25.89 8.48 32.68
CA PRO B 386 -27.26 8.90 32.99
C PRO B 386 -27.46 10.36 32.56
N GLU B 387 -28.64 10.94 32.86
CA GLU B 387 -28.98 12.30 32.49
C GLU B 387 -28.48 13.29 33.55
N ILE B 388 -27.19 13.62 33.48
CA ILE B 388 -26.49 14.55 34.38
C ILE B 388 -25.66 15.47 33.54
N ILE B 389 -25.42 16.69 34.05
CA ILE B 389 -24.53 17.65 33.42
C ILE B 389 -23.59 18.20 34.50
N GLY B 390 -22.42 18.62 34.05
CA GLY B 390 -21.39 19.23 34.89
C GLY B 390 -20.28 18.31 35.27
N ARG B 391 -19.24 18.88 35.87
CA ARG B 391 -18.14 18.12 36.44
C ARG B 391 -18.39 18.03 37.92
N HIS B 392 -18.25 16.85 38.49
CA HIS B 392 -18.50 16.61 39.92
C HIS B 392 -17.35 15.77 40.45
N ARG B 393 -16.58 16.33 41.38
CA ARG B 393 -15.40 15.70 41.95
C ARG B 393 -15.56 15.49 43.43
N PHE B 394 -15.11 14.34 43.93
CA PHE B 394 -15.23 14.00 45.33
C PHE B 394 -13.93 13.45 45.82
N ASN B 395 -13.55 13.80 47.07
CA ASN B 395 -12.31 13.32 47.65
C ASN B 395 -12.59 12.00 48.39
N THR B 396 -11.56 11.49 49.04
CA THR B 396 -11.54 10.26 49.85
C THR B 396 -12.71 10.13 50.86
N GLU B 397 -13.16 11.25 51.46
CA GLU B 397 -14.24 11.30 52.46
C GLU B 397 -15.62 11.57 51.83
N ASN B 398 -15.72 11.51 50.50
CA ASN B 398 -16.93 11.76 49.72
C ASN B 398 -17.41 13.22 49.90
N HIS B 399 -16.46 14.14 50.16
CA HIS B 399 -16.73 15.56 50.18
C HIS B 399 -16.53 16.08 48.78
N LYS B 400 -17.40 16.93 48.31
CA LYS B 400 -17.29 17.47 46.98
C LYS B 400 -16.16 18.52 46.95
N VAL B 401 -15.31 18.48 45.95
CA VAL B 401 -14.15 19.36 45.86
C VAL B 401 -14.18 20.07 44.52
N ALA B 402 -13.50 21.22 44.45
CA ALA B 402 -13.48 22.07 43.26
C ALA B 402 -12.54 21.57 42.18
N ALA B 403 -11.47 20.89 42.56
CA ALA B 403 -10.46 20.42 41.61
C ALA B 403 -9.61 19.33 42.25
N PHE B 404 -8.86 18.64 41.40
CA PHE B 404 -7.89 17.64 41.80
C PHE B 404 -6.50 18.03 41.32
N PRO B 405 -5.42 17.46 41.92
CA PRO B 405 -4.11 17.55 41.26
C PRO B 405 -4.20 16.93 39.83
N GLY B 406 -3.36 17.39 38.92
CA GLY B 406 -3.39 16.99 37.51
C GLY B 406 -3.45 15.49 37.22
N ASP B 407 -2.56 14.71 37.83
CA ASP B 407 -2.53 13.25 37.60
C ASP B 407 -3.78 12.56 38.16
N VAL B 408 -4.29 13.08 39.30
CA VAL B 408 -5.49 12.57 39.98
C VAL B 408 -6.69 12.84 39.07
N GLU B 409 -6.71 13.99 38.39
CA GLU B 409 -7.79 14.33 37.45
C GLU B 409 -7.85 13.34 36.27
N VAL B 410 -6.69 13.03 35.71
CA VAL B 410 -6.60 12.11 34.56
C VAL B 410 -7.16 10.75 34.96
N ARG B 411 -6.73 10.20 36.12
CA ARG B 411 -7.22 8.91 36.58
C ARG B 411 -8.71 8.99 36.92
N ALA B 412 -9.17 10.06 37.58
CA ALA B 412 -10.59 10.20 37.94
C ALA B 412 -11.45 10.16 36.68
N LEU B 413 -10.98 10.81 35.60
CA LEU B 413 -11.74 10.80 34.37
C LEU B 413 -11.85 9.38 33.78
N ILE B 414 -10.73 8.73 33.61
CA ILE B 414 -10.66 7.40 32.94
C ILE B 414 -11.30 6.32 33.80
N GLU B 415 -10.91 6.26 35.06
CA GLU B 415 -11.48 5.30 36.02
C GLU B 415 -12.99 5.50 36.15
N GLY B 416 -13.43 6.74 36.23
CA GLY B 416 -14.85 7.06 36.34
C GLY B 416 -15.62 6.67 35.10
N GLN B 417 -15.07 7.00 33.90
CA GLN B 417 -15.75 6.63 32.66
C GLN B 417 -15.95 5.09 32.57
N PHE B 418 -14.93 4.32 32.96
CA PHE B 418 -15.03 2.85 32.88
C PHE B 418 -15.87 2.26 34.01
N MSE B 419 -15.83 2.84 35.21
CA MSE B 419 -16.70 2.38 36.28
C MSE B 419 -18.14 2.65 35.94
O MSE B 419 -18.98 1.78 36.21
CB MSE B 419 -16.31 3.03 37.62
CG MSE B 419 -15.11 2.40 38.25
SE MSE B 419 -14.85 3.05 40.10
CE MSE B 419 -14.42 4.82 39.70
H MSE B 419 -15.20 3.60 35.45
HA MSE B 419 -16.57 1.31 36.41
HB2 MSE B 419 -16.09 4.09 37.48
HB3 MSE B 419 -17.14 2.94 38.33
HG2 MSE B 419 -15.24 1.32 38.29
HG3 MSE B 419 -14.22 2.65 37.68
HE1 MSE B 419 -13.85 4.84 38.77
HE2 MSE B 419 -15.34 5.40 39.59
HE3 MSE B 419 -13.82 5.23 40.52
N ALA B 420 -18.44 3.77 35.25
CA ALA B 420 -19.80 4.07 34.81
C ALA B 420 -20.25 3.04 33.80
N LYS B 421 -19.39 2.67 32.88
CA LYS B 421 -19.74 1.63 31.88
C LYS B 421 -20.08 0.31 32.59
N ARG B 422 -19.29 -0.09 33.59
CA ARG B 422 -19.58 -1.33 34.31
C ARG B 422 -20.89 -1.26 35.07
N ILE B 423 -21.13 -0.16 35.79
CA ILE B 423 -22.33 -0.02 36.62
C ILE B 423 -23.61 -0.04 35.73
N HIS B 424 -23.59 0.72 34.64
CA HIS B 424 -24.76 0.80 33.77
C HIS B 424 -24.96 -0.55 32.98
N ALA B 425 -23.87 -1.26 32.65
CA ALA B 425 -23.93 -2.59 32.02
C ALA B 425 -24.59 -3.57 32.97
N GLU B 426 -24.14 -3.55 34.24
CA GLU B 426 -24.73 -4.42 35.27
C GLU B 426 -26.22 -4.11 35.52
N GLY B 427 -26.64 -2.86 35.34
CA GLY B 427 -28.06 -2.51 35.46
C GLY B 427 -28.96 -3.18 34.43
N LEU B 428 -28.42 -3.53 33.26
CA LEU B 428 -29.16 -4.21 32.17
C LEU B 428 -29.09 -5.76 32.23
N GLY B 429 -28.47 -6.33 33.25
CA GLY B 429 -28.32 -7.78 33.46
C GLY B 429 -26.91 -8.31 33.25
N TYR B 430 -26.00 -7.50 32.66
CA TYR B 430 -24.66 -8.01 32.39
C TYR B 430 -23.87 -8.41 33.65
N ARG B 431 -23.10 -9.51 33.55
CA ARG B 431 -22.19 -9.92 34.62
C ARG B 431 -20.88 -10.40 34.00
N VAL B 432 -19.79 -9.99 34.60
CA VAL B 432 -18.49 -10.46 34.18
C VAL B 432 -18.45 -11.95 34.53
N MSE B 433 -17.92 -12.78 33.62
CA MSE B 433 -17.80 -14.24 33.74
C MSE B 433 -16.35 -14.63 33.63
O MSE B 433 -15.51 -13.84 33.17
CB MSE B 433 -18.60 -14.93 32.60
CG MSE B 433 -20.09 -14.74 32.73
SE MSE B 433 -20.99 -15.42 31.17
CE MSE B 433 -20.69 -17.37 31.38
H MSE B 433 -17.53 -12.44 32.75
HA MSE B 433 -18.19 -14.59 34.69
HB2 MSE B 433 -18.29 -14.51 31.65
HB3 MSE B 433 -18.39 -15.99 32.61
HG2 MSE B 433 -20.45 -15.30 33.61
HG3 MSE B 433 -20.33 -13.69 32.85
HE1 MSE B 433 -20.72 -17.63 32.44
HE2 MSE B 433 -21.46 -17.92 30.84
HE3 MSE B 433 -19.71 -17.63 30.97
N SER B 434 -16.04 -15.87 34.01
CA SER B 434 -14.68 -16.35 33.91
C SER B 434 -14.14 -16.27 32.46
N LYS B 435 -15.00 -16.51 31.47
CA LYS B 435 -14.60 -16.44 30.05
C LYS B 435 -14.56 -15.01 29.46
N THR B 436 -15.07 -14.00 30.15
CA THR B 436 -15.21 -12.64 29.60
C THR B 436 -13.99 -12.09 28.94
N LYS B 437 -14.17 -11.51 27.75
CA LYS B 437 -13.19 -10.69 27.07
C LYS B 437 -13.87 -9.35 26.83
N ILE B 438 -13.07 -8.27 26.86
CA ILE B 438 -13.53 -6.91 26.58
C ILE B 438 -12.86 -6.49 25.29
N LEU B 439 -13.61 -6.13 24.29
CA LEU B 439 -13.07 -5.58 23.04
C LEU B 439 -13.04 -4.07 23.11
N ALA B 440 -11.88 -3.43 22.82
CA ALA B 440 -11.77 -1.97 22.82
C ALA B 440 -11.34 -1.49 21.45
N THR B 441 -12.00 -0.45 20.95
CA THR B 441 -11.69 0.12 19.64
C THR B 441 -11.88 1.65 19.67
N GLY B 442 -11.36 2.34 18.67
CA GLY B 442 -11.42 3.80 18.57
C GLY B 442 -10.14 4.49 19.04
N GLY B 443 -10.11 5.83 18.97
CA GLY B 443 -8.93 6.60 19.26
C GLY B 443 -8.26 6.27 20.56
N ALA B 444 -9.05 6.16 21.65
CA ALA B 444 -8.49 5.90 22.99
C ALA B 444 -8.01 4.48 23.17
N SER B 445 -8.31 3.59 22.20
CA SER B 445 -7.79 2.22 22.27
C SER B 445 -6.33 2.19 21.83
N HIS B 446 -5.81 3.36 21.36
CA HIS B 446 -4.40 3.53 21.02
C HIS B 446 -3.56 4.00 22.25
N ASN B 447 -4.09 3.82 23.46
CA ASN B 447 -3.41 4.15 24.70
C ASN B 447 -3.57 2.97 25.61
N ARG B 448 -2.51 2.20 25.78
CA ARG B 448 -2.58 1.01 26.59
C ARG B 448 -2.79 1.32 28.08
N GLU B 449 -2.38 2.54 28.58
CA GLU B 449 -2.58 2.90 29.98
C GLU B 449 -4.09 3.10 30.20
N ILE B 450 -4.80 3.65 29.22
CA ILE B 450 -6.25 3.73 29.28
C ILE B 450 -6.84 2.31 29.33
N LEU B 451 -6.39 1.45 28.42
CA LEU B 451 -6.90 0.08 28.35
C LEU B 451 -6.54 -0.72 29.62
N GLN B 452 -5.45 -0.39 30.31
CA GLN B 452 -5.13 -1.04 31.58
C GLN B 452 -6.23 -0.73 32.61
N VAL B 453 -6.71 0.53 32.67
CA VAL B 453 -7.75 0.90 33.63
C VAL B 453 -9.00 0.11 33.33
N LEU B 454 -9.33 0.00 32.04
CA LEU B 454 -10.52 -0.76 31.65
C LEU B 454 -10.45 -2.21 32.13
N ALA B 455 -9.30 -2.86 31.96
CA ALA B 455 -9.10 -4.24 32.39
C ALA B 455 -9.21 -4.35 33.89
N ASP B 456 -8.62 -3.38 34.61
CA ASP B 456 -8.68 -3.37 36.08
C ASP B 456 -10.09 -3.22 36.59
N VAL B 457 -10.86 -2.28 36.02
CA VAL B 457 -12.22 -2.01 36.48
C VAL B 457 -13.15 -3.22 36.30
N PHE B 458 -13.08 -3.93 35.17
CA PHE B 458 -13.92 -5.10 34.92
C PHE B 458 -13.30 -6.39 35.45
N ASP B 459 -12.00 -6.37 35.82
CA ASP B 459 -11.25 -7.56 36.24
C ASP B 459 -11.32 -8.61 35.13
N ALA B 460 -11.11 -8.17 33.90
CA ALA B 460 -11.14 -9.03 32.72
C ALA B 460 -10.16 -8.53 31.66
N PRO B 461 -9.65 -9.43 30.80
CA PRO B 461 -8.69 -9.03 29.77
C PRO B 461 -9.32 -8.18 28.68
N VAL B 462 -8.58 -7.21 28.20
CA VAL B 462 -8.98 -6.26 27.17
C VAL B 462 -8.22 -6.60 25.91
N TYR B 463 -8.93 -6.69 24.79
CA TYR B 463 -8.41 -6.96 23.47
C TYR B 463 -8.66 -5.79 22.58
N VAL B 464 -7.79 -5.56 21.60
CA VAL B 464 -7.94 -4.47 20.66
C VAL B 464 -7.97 -5.01 19.26
N ILE B 465 -8.69 -4.29 18.42
CA ILE B 465 -8.73 -4.53 17.01
C ILE B 465 -9.25 -3.25 16.36
N ASP B 466 -8.77 -3.01 15.15
CA ASP B 466 -9.26 -1.90 14.33
C ASP B 466 -10.63 -2.29 13.84
N THR B 467 -11.56 -1.37 13.88
CA THR B 467 -12.94 -1.60 13.53
C THR B 467 -13.41 -0.56 12.54
N ALA B 468 -12.47 0.01 11.74
CA ALA B 468 -12.83 0.97 10.70
C ALA B 468 -13.90 0.35 9.78
N ASN B 469 -13.81 -0.95 9.51
CA ASN B 469 -14.76 -1.62 8.66
C ASN B 469 -15.53 -2.71 9.41
N SER B 470 -15.79 -2.57 10.73
CA SER B 470 -16.38 -3.68 11.49
C SER B 470 -17.78 -4.04 11.01
N ALA B 471 -18.61 -3.06 10.58
CA ALA B 471 -19.94 -3.42 10.10
C ALA B 471 -19.86 -4.18 8.76
N CYS B 472 -18.99 -3.76 7.84
CA CYS B 472 -18.76 -4.46 6.56
C CYS B 472 -18.25 -5.87 6.82
N VAL B 473 -17.17 -5.98 7.59
CA VAL B 473 -16.53 -7.29 7.87
C VAL B 473 -17.50 -8.19 8.62
N GLY B 474 -18.18 -7.65 9.61
CA GLY B 474 -19.18 -8.40 10.33
C GLY B 474 -20.27 -8.94 9.41
N SER B 475 -20.69 -8.16 8.42
CA SER B 475 -21.70 -8.59 7.47
C SER B 475 -21.17 -9.74 6.57
N ALA B 476 -19.90 -9.64 6.14
CA ALA B 476 -19.29 -10.73 5.35
C ALA B 476 -19.20 -12.03 6.21
N TYR B 477 -18.86 -11.89 7.50
CA TYR B 477 -18.84 -13.02 8.42
C TYR B 477 -20.23 -13.66 8.54
N ARG B 478 -21.24 -12.83 8.68
CA ARG B 478 -22.63 -13.27 8.77
C ARG B 478 -23.05 -13.97 7.47
N ALA B 479 -22.60 -13.49 6.30
CA ALA B 479 -22.89 -14.15 5.01
C ALA B 479 -22.26 -15.57 5.03
N PHE B 480 -20.97 -15.67 5.43
CA PHE B 480 -20.34 -16.98 5.56
C PHE B 480 -21.09 -17.90 6.54
N HIS B 481 -21.55 -17.35 7.65
CA HIS B 481 -22.30 -18.13 8.66
C HIS B 481 -23.59 -18.67 8.04
N GLY B 482 -24.24 -17.89 7.18
CA GLY B 482 -25.39 -18.37 6.40
C GLY B 482 -25.03 -19.50 5.47
N LEU B 483 -23.87 -19.44 4.79
CA LEU B 483 -23.41 -20.52 3.93
C LEU B 483 -22.96 -21.77 4.71
N ALA B 484 -22.44 -21.61 5.93
CA ALA B 484 -21.86 -22.68 6.71
C ALA B 484 -22.90 -23.42 7.55
N GLY B 485 -24.18 -23.00 7.52
CA GLY B 485 -25.26 -23.65 8.24
C GLY B 485 -26.24 -22.84 9.03
N GLY B 486 -25.99 -21.55 9.21
CA GLY B 486 -26.90 -20.65 9.88
C GLY B 486 -27.35 -21.03 11.27
N THR B 487 -28.66 -21.07 11.52
CA THR B 487 -29.17 -21.40 12.86
C THR B 487 -28.83 -22.85 13.27
N ASP B 488 -28.32 -23.71 12.36
CA ASP B 488 -27.89 -25.06 12.72
C ASP B 488 -26.51 -25.07 13.38
N VAL B 489 -25.70 -24.00 13.20
CA VAL B 489 -24.32 -23.98 13.71
C VAL B 489 -24.02 -22.71 14.52
N PRO B 490 -23.07 -22.77 15.47
CA PRO B 490 -22.71 -21.55 16.21
C PRO B 490 -21.85 -20.61 15.39
N PHE B 491 -22.23 -19.35 15.34
CA PHE B 491 -21.46 -18.28 14.66
C PHE B 491 -19.98 -18.30 15.10
N SER B 492 -19.72 -18.41 16.39
CA SER B 492 -18.36 -18.39 16.93
C SER B 492 -17.46 -19.45 16.31
N GLU B 493 -18.02 -20.63 16.01
CA GLU B 493 -17.26 -21.72 15.39
C GLU B 493 -16.94 -21.39 13.93
N VAL B 494 -17.84 -20.72 13.21
CA VAL B 494 -17.59 -20.31 11.83
C VAL B 494 -16.47 -19.27 11.76
N VAL B 495 -16.43 -18.32 12.70
CA VAL B 495 -15.46 -17.19 12.70
C VAL B 495 -14.20 -17.46 13.45
N LYS B 496 -14.01 -18.69 13.97
CA LYS B 496 -12.75 -19.09 14.61
C LYS B 496 -11.58 -18.84 13.65
N LEU B 497 -11.82 -18.97 12.33
CA LEU B 497 -10.80 -18.78 11.30
C LEU B 497 -10.40 -17.32 11.10
N ALA B 498 -11.23 -16.36 11.52
CA ALA B 498 -10.98 -14.95 11.25
C ALA B 498 -9.76 -14.38 12.02
N PRO B 499 -9.17 -13.24 11.56
CA PRO B 499 -8.05 -12.62 12.30
C PRO B 499 -8.40 -12.33 13.77
N ASN B 500 -7.47 -12.59 14.66
CA ASN B 500 -7.66 -12.46 16.09
C ASN B 500 -7.32 -11.06 16.58
N PRO B 501 -8.08 -10.52 17.54
CA PRO B 501 -7.72 -9.23 18.14
C PRO B 501 -6.46 -9.37 19.04
N ARG B 502 -5.82 -8.27 19.36
CA ARG B 502 -4.57 -8.25 20.15
C ARG B 502 -4.86 -8.08 21.64
N LEU B 503 -4.31 -8.93 22.51
CA LEU B 503 -4.42 -8.73 23.94
C LEU B 503 -3.66 -7.48 24.29
N ALA B 504 -4.32 -6.50 24.92
CA ALA B 504 -3.70 -5.20 25.28
C ALA B 504 -3.46 -5.07 26.77
N ALA B 505 -4.33 -5.65 27.61
CA ALA B 505 -4.15 -5.53 29.04
C ALA B 505 -4.86 -6.63 29.79
N THR B 506 -4.24 -7.07 30.87
CA THR B 506 -4.85 -8.03 31.80
C THR B 506 -4.94 -7.32 33.16
N PRO B 507 -5.96 -7.61 33.97
CA PRO B 507 -6.11 -6.89 35.24
C PRO B 507 -4.92 -7.07 36.15
N SER B 508 -4.50 -6.00 36.81
CA SER B 508 -3.35 -6.06 37.70
C SER B 508 -3.71 -6.79 38.98
N PRO B 509 -2.74 -7.42 39.68
CA PRO B 509 -3.08 -8.05 40.96
C PRO B 509 -3.68 -7.04 41.94
N GLY B 510 -4.75 -7.42 42.60
CA GLY B 510 -5.43 -6.56 43.56
C GLY B 510 -6.54 -5.71 42.96
N ALA B 511 -6.73 -5.77 41.63
CA ALA B 511 -7.79 -5.01 40.96
C ALA B 511 -9.17 -5.36 41.51
N SER B 512 -9.45 -6.64 41.68
CA SER B 512 -10.75 -7.11 42.20
C SER B 512 -11.10 -6.47 43.56
N GLN B 513 -10.14 -6.43 44.48
CA GLN B 513 -10.36 -5.88 45.83
C GLN B 513 -10.59 -4.37 45.80
N VAL B 514 -9.86 -3.65 44.94
CA VAL B 514 -9.99 -2.19 44.84
C VAL B 514 -11.37 -1.82 44.30
N TYR B 515 -11.75 -2.34 43.13
CA TYR B 515 -13.01 -1.89 42.51
C TYR B 515 -14.26 -2.54 43.11
N GLU B 516 -14.13 -3.68 43.81
CA GLU B 516 -15.29 -4.28 44.49
C GLU B 516 -15.82 -3.29 45.55
N ALA B 517 -14.90 -2.56 46.19
CA ALA B 517 -15.24 -1.56 47.19
C ALA B 517 -15.57 -0.18 46.58
N LEU B 518 -14.86 0.21 45.50
CA LEU B 518 -15.06 1.54 44.92
C LEU B 518 -16.28 1.63 43.99
N LEU B 519 -16.64 0.56 43.28
CA LEU B 519 -17.76 0.60 42.35
C LEU B 519 -19.08 1.00 43.02
N PRO B 520 -19.48 0.39 44.16
CA PRO B 520 -20.74 0.81 44.83
C PRO B 520 -20.68 2.25 45.35
N GLN B 521 -19.49 2.74 45.69
CA GLN B 521 -19.32 4.12 46.15
C GLN B 521 -19.57 5.09 44.99
N TYR B 522 -19.01 4.77 43.81
CA TYR B 522 -19.21 5.59 42.62
C TYR B 522 -20.68 5.58 42.22
N ALA B 523 -21.32 4.41 42.27
CA ALA B 523 -22.74 4.29 41.96
C ALA B 523 -23.58 5.13 42.92
N LYS B 524 -23.24 5.13 44.21
CA LYS B 524 -23.95 5.91 45.22
C LYS B 524 -23.83 7.41 44.93
N LEU B 525 -22.62 7.89 44.59
CA LEU B 525 -22.41 9.31 44.27
C LEU B 525 -23.16 9.69 42.99
N GLU B 526 -23.30 8.75 42.02
CA GLU B 526 -24.04 9.04 40.78
C GLU B 526 -25.52 9.25 41.07
N GLN B 527 -26.10 8.42 41.96
CA GLN B 527 -27.52 8.55 42.39
C GLN B 527 -27.73 9.82 43.18
N ARG B 528 -26.79 10.15 44.05
CA ARG B 528 -26.81 11.40 44.81
C ARG B 528 -26.88 12.59 43.83
N ILE B 529 -25.97 12.65 42.83
CA ILE B 529 -26.00 13.74 41.87
C ILE B 529 -27.38 13.76 41.17
N LEU B 530 -27.90 12.59 40.76
CA LEU B 530 -29.22 12.51 40.12
C LEU B 530 -30.35 13.01 41.01
N SER B 531 -30.30 12.70 42.31
CA SER B 531 -31.33 13.14 43.26
C SER B 531 -31.31 14.67 43.44
N GLN B 532 -30.14 15.31 43.31
CA GLN B 532 -30.01 16.77 43.43
C GLN B 532 -30.54 17.51 42.19
N THR B 533 -30.73 16.81 41.05
CA THR B 533 -31.26 17.42 39.83
C THR B 533 -32.79 17.57 39.94
N PRO C 8 -0.02 -28.90 -17.42
CA PRO C 8 1.23 -28.36 -17.99
C PRO C 8 0.98 -26.94 -18.50
N ARG C 9 1.41 -25.90 -17.74
CA ARG C 9 1.13 -24.50 -18.03
C ARG C 9 2.21 -23.81 -18.86
N ARG C 10 2.00 -23.83 -20.15
CA ARG C 10 2.87 -23.15 -21.10
C ARG C 10 2.41 -21.72 -21.21
N CYS C 11 3.33 -20.80 -21.48
CA CYS C 11 2.92 -19.40 -21.56
C CYS C 11 3.75 -18.61 -22.54
N CYS C 12 3.29 -17.40 -22.82
CA CYS C 12 4.03 -16.37 -23.52
C CYS C 12 4.17 -15.15 -22.62
N LEU C 13 5.27 -14.40 -22.76
CA LEU C 13 5.47 -13.16 -22.03
C LEU C 13 5.15 -11.99 -22.96
N GLY C 14 4.55 -10.96 -22.40
CA GLY C 14 4.20 -9.73 -23.09
C GLY C 14 4.83 -8.59 -22.33
N TRP C 15 5.84 -7.94 -22.92
CA TRP C 15 6.59 -6.85 -22.30
C TRP C 15 6.05 -5.49 -22.72
N ASP C 16 6.28 -4.48 -21.88
CA ASP C 16 5.93 -3.09 -22.24
C ASP C 16 7.01 -2.18 -21.68
N PHE C 17 7.86 -1.66 -22.55
CA PHE C 17 8.91 -0.70 -22.22
C PHE C 17 8.26 0.66 -22.38
N SER C 18 7.62 1.11 -21.32
CA SER C 18 6.80 2.32 -21.29
C SER C 18 7.58 3.51 -20.75
N THR C 19 6.94 4.68 -20.75
CA THR C 19 7.60 5.92 -20.33
C THR C 19 8.04 5.88 -18.86
N GLN C 20 7.16 5.42 -17.97
CA GLN C 20 7.39 5.44 -16.51
C GLN C 20 7.81 4.14 -15.90
N GLN C 21 7.76 3.05 -16.68
CA GLN C 21 8.08 1.74 -16.15
C GLN C 21 8.33 0.73 -17.22
N VAL C 22 8.89 -0.41 -16.81
CA VAL C 22 9.00 -1.63 -17.62
C VAL C 22 8.02 -2.60 -16.94
N LYS C 23 7.10 -3.15 -17.73
CA LYS C 23 6.08 -4.07 -17.21
C LYS C 23 6.08 -5.37 -18.01
N VAL C 24 5.65 -6.47 -17.37
CA VAL C 24 5.54 -7.76 -18.05
C VAL C 24 4.31 -8.47 -17.54
N VAL C 25 3.69 -9.24 -18.42
CA VAL C 25 2.62 -10.17 -18.08
C VAL C 25 2.99 -11.54 -18.66
N ALA C 26 2.59 -12.62 -17.98
CA ALA C 26 2.68 -13.98 -18.48
C ALA C 26 1.25 -14.41 -18.74
N VAL C 27 0.97 -14.85 -19.97
CA VAL C 27 -0.35 -15.29 -20.39
C VAL C 27 -0.28 -16.77 -20.71
N ASP C 28 -1.16 -17.57 -20.11
CA ASP C 28 -1.15 -19.02 -20.38
C ASP C 28 -1.79 -19.32 -21.76
N ALA C 29 -1.68 -20.60 -22.21
CA ALA C 29 -2.16 -21.01 -23.54
C ALA C 29 -3.70 -20.98 -23.68
N GLU C 30 -4.46 -20.84 -22.59
CA GLU C 30 -5.91 -20.58 -22.65
C GLU C 30 -6.19 -19.05 -22.75
N LEU C 31 -5.12 -18.21 -22.83
CA LEU C 31 -5.13 -16.78 -22.95
C LEU C 31 -5.63 -16.07 -21.67
N ASN C 32 -5.19 -16.57 -20.55
CA ASN C 32 -5.46 -15.91 -19.30
C ASN C 32 -4.14 -15.39 -18.73
N VAL C 33 -4.19 -14.17 -18.24
CA VAL C 33 -3.07 -13.50 -17.58
C VAL C 33 -2.94 -14.13 -16.19
N PHE C 34 -1.82 -14.70 -15.84
CA PHE C 34 -1.67 -15.30 -14.50
C PHE C 34 -0.53 -14.69 -13.69
N TYR C 35 0.23 -13.76 -14.28
CA TYR C 35 1.36 -13.15 -13.60
C TYR C 35 1.61 -11.78 -14.18
N GLU C 36 1.97 -10.83 -13.34
CA GLU C 36 2.32 -9.48 -13.76
C GLU C 36 3.41 -8.95 -12.84
N GLU C 37 4.35 -8.19 -13.40
CA GLU C 37 5.41 -7.58 -12.60
C GLU C 37 5.84 -6.28 -13.27
N SER C 38 6.42 -5.38 -12.49
CA SER C 38 6.87 -4.09 -13.05
C SER C 38 8.00 -3.49 -12.23
N VAL C 39 8.76 -2.65 -12.89
CA VAL C 39 9.85 -1.85 -12.34
C VAL C 39 9.52 -0.41 -12.72
N HIS C 40 9.41 0.46 -11.73
CA HIS C 40 9.02 1.87 -11.88
C HIS C 40 10.29 2.72 -11.85
N PHE C 41 10.51 3.53 -12.86
CA PHE C 41 11.78 4.23 -13.01
C PHE C 41 12.09 5.23 -11.91
N ASP C 42 11.22 6.22 -11.65
CA ASP C 42 11.51 7.20 -10.59
C ASP C 42 11.69 6.53 -9.24
N ARG C 43 10.79 5.57 -8.91
CA ARG C 43 10.82 4.91 -7.62
C ARG C 43 12.00 3.93 -7.48
N ASP C 44 12.25 3.06 -8.48
CA ASP C 44 13.23 1.97 -8.38
C ASP C 44 14.61 2.27 -8.93
N LEU C 45 14.76 3.29 -9.77
CA LEU C 45 16.07 3.74 -10.26
C LEU C 45 16.14 5.26 -10.06
N PRO C 46 15.94 5.73 -8.82
CA PRO C 46 15.91 7.20 -8.56
C PRO C 46 17.21 7.94 -8.86
N GLU C 47 18.33 7.22 -8.93
CA GLU C 47 19.63 7.81 -9.19
C GLU C 47 19.74 8.51 -10.55
N PHE C 48 18.88 8.15 -11.52
CA PHE C 48 18.89 8.85 -12.80
C PHE C 48 18.26 10.24 -12.72
N GLY C 49 17.53 10.54 -11.64
CA GLY C 49 16.94 11.85 -11.45
C GLY C 49 15.78 12.15 -12.38
N THR C 50 15.09 11.09 -12.89
CA THR C 50 13.96 11.31 -13.76
C THR C 50 12.73 11.74 -12.95
N GLN C 51 11.78 12.36 -13.65
CA GLN C 51 10.46 12.69 -13.14
C GLN C 51 9.49 12.22 -14.19
N GLY C 52 8.63 11.28 -13.84
CA GLY C 52 7.76 10.65 -14.82
C GLY C 52 8.52 9.79 -15.82
N GLY C 53 9.69 9.29 -15.41
CA GLY C 53 10.57 8.48 -16.24
C GLY C 53 11.40 9.21 -17.26
N VAL C 54 11.30 10.56 -17.29
CA VAL C 54 11.99 11.39 -18.28
C VAL C 54 12.72 12.58 -17.64
N HIS C 55 13.53 13.24 -18.46
CA HIS C 55 14.21 14.49 -18.14
C HIS C 55 13.70 15.54 -19.08
N VAL C 56 12.99 16.55 -18.58
CA VAL C 56 12.57 17.71 -19.40
C VAL C 56 13.76 18.66 -19.31
N HIS C 57 14.35 19.02 -20.43
CA HIS C 57 15.56 19.84 -20.38
C HIS C 57 15.21 21.34 -20.13
N LYS C 58 16.26 22.15 -19.89
CA LYS C 58 16.13 23.60 -19.60
C LYS C 58 15.28 24.35 -20.66
N ASP C 59 15.37 23.97 -21.95
CA ASP C 59 14.59 24.63 -23.00
C ASP C 59 13.07 24.39 -22.89
N GLY C 60 12.62 23.41 -22.09
CA GLY C 60 11.21 23.07 -21.94
C GLY C 60 10.61 22.27 -23.10
N LEU C 61 11.42 21.92 -24.09
CA LEU C 61 11.01 21.22 -25.32
C LEU C 61 11.69 19.86 -25.48
N THR C 62 12.97 19.77 -25.12
CA THR C 62 13.73 18.54 -25.22
C THR C 62 13.34 17.65 -24.06
N VAL C 63 13.01 16.36 -24.36
CA VAL C 63 12.61 15.39 -23.34
C VAL C 63 13.28 14.08 -23.68
N THR C 64 14.01 13.51 -22.71
CA THR C 64 14.77 12.29 -22.93
C THR C 64 14.69 11.38 -21.77
N SER C 65 15.16 10.15 -21.99
CA SER C 65 15.34 9.14 -20.95
C SER C 65 16.70 8.48 -21.12
N PRO C 66 17.40 8.16 -20.04
CA PRO C 66 18.71 7.48 -20.19
C PRO C 66 18.53 6.04 -20.68
N VAL C 67 19.17 5.66 -21.79
CA VAL C 67 19.07 4.28 -22.33
C VAL C 67 19.52 3.23 -21.30
N LEU C 68 20.59 3.51 -20.52
CA LEU C 68 21.05 2.55 -19.52
C LEU C 68 20.06 2.35 -18.39
N MSE C 69 19.14 3.31 -18.16
CA MSE C 69 18.07 3.12 -17.16
C MSE C 69 17.12 2.02 -17.64
O MSE C 69 16.69 1.19 -16.84
CB MSE C 69 17.31 4.41 -16.91
CG MSE C 69 16.22 4.30 -15.87
SE MSE C 69 15.31 6.00 -15.74
CE MSE C 69 14.33 5.96 -17.33
H MSE C 69 19.11 4.22 -18.62
HA MSE C 69 18.52 2.81 -16.21
HB2 MSE C 69 18.01 5.16 -16.58
HB3 MSE C 69 16.83 4.74 -17.84
HG2 MSE C 69 15.49 3.54 -16.15
HG3 MSE C 69 16.66 4.07 -14.90
HE1 MSE C 69 13.81 5.00 -17.42
HE2 MSE C 69 13.59 6.77 -17.29
HE3 MSE C 69 14.98 6.10 -18.19
N TRP C 70 16.76 2.02 -18.94
CA TRP C 70 15.89 0.99 -19.51
C TRP C 70 16.56 -0.39 -19.44
N VAL C 71 17.87 -0.44 -19.72
CA VAL C 71 18.63 -1.71 -19.66
C VAL C 71 18.66 -2.21 -18.21
N GLN C 72 19.07 -1.35 -17.28
CA GLN C 72 19.13 -1.75 -15.86
C GLN C 72 17.75 -2.17 -15.34
N ALA C 73 16.67 -1.51 -15.81
CA ALA C 73 15.29 -1.85 -15.40
C ALA C 73 14.93 -3.27 -15.84
N LEU C 74 15.41 -3.71 -17.02
CA LEU C 74 15.20 -5.09 -17.50
C LEU C 74 15.94 -6.06 -16.60
N ASP C 75 17.19 -5.74 -16.20
CA ASP C 75 17.93 -6.60 -15.22
C ASP C 75 17.14 -6.76 -13.92
N ILE C 76 16.60 -5.64 -13.44
CA ILE C 76 15.88 -5.66 -12.16
C ILE C 76 14.61 -6.52 -12.28
N ILE C 77 13.80 -6.32 -13.32
CA ILE C 77 12.54 -7.06 -13.43
C ILE C 77 12.79 -8.57 -13.62
N LEU C 78 13.85 -8.96 -14.35
CA LEU C 78 14.16 -10.38 -14.49
C LEU C 78 14.58 -10.96 -13.16
N GLU C 79 15.32 -10.18 -12.39
CA GLU C 79 15.76 -10.63 -11.06
C GLU C 79 14.56 -10.72 -10.11
N LYS C 80 13.60 -9.80 -10.20
CA LYS C 80 12.37 -9.89 -9.41
C LYS C 80 11.56 -11.12 -9.76
N MSE C 81 11.38 -11.37 -11.05
CA MSE C 81 10.63 -12.55 -11.56
C MSE C 81 11.25 -13.84 -11.04
O MSE C 81 10.56 -14.69 -10.49
CB MSE C 81 10.59 -12.55 -13.11
CG MSE C 81 9.71 -11.49 -13.67
SE MSE C 81 10.02 -11.37 -15.59
CE MSE C 81 8.88 -12.80 -16.10
H MSE C 81 11.75 -10.78 -11.79
HA MSE C 81 9.60 -12.48 -11.19
HB2 MSE C 81 11.60 -12.35 -13.49
HB3 MSE C 81 10.23 -13.51 -13.47
HG2 MSE C 81 8.68 -11.80 -13.52
HG3 MSE C 81 9.89 -10.52 -13.22
HE1 MSE C 81 7.86 -12.59 -15.77
HE2 MSE C 81 8.88 -12.92 -17.18
HE3 MSE C 81 9.21 -13.73 -15.62
N LYS C 82 12.59 -13.97 -11.15
CA LYS C 82 13.35 -15.15 -10.69
C LYS C 82 13.19 -15.30 -9.19
N ALA C 83 13.33 -14.20 -8.43
CA ALA C 83 13.20 -14.22 -6.97
C ALA C 83 11.81 -14.67 -6.53
N SER C 84 10.75 -14.30 -7.28
CA SER C 84 9.37 -14.68 -6.92
C SER C 84 9.06 -16.15 -7.25
N GLY C 85 9.96 -16.84 -7.94
CA GLY C 85 9.78 -18.25 -8.30
C GLY C 85 9.14 -18.46 -9.66
N PHE C 86 9.14 -17.42 -10.54
CA PHE C 86 8.58 -17.52 -11.88
C PHE C 86 9.30 -18.66 -12.62
N ASP C 87 8.53 -19.53 -13.26
CA ASP C 87 9.07 -20.70 -13.95
C ASP C 87 9.32 -20.33 -15.41
N PHE C 88 10.55 -19.91 -15.71
CA PHE C 88 10.92 -19.49 -17.05
C PHE C 88 10.97 -20.65 -18.05
N SER C 89 11.11 -21.92 -17.59
CA SER C 89 11.14 -23.06 -18.50
C SER C 89 9.81 -23.23 -19.28
N GLN C 90 8.71 -22.61 -18.81
CA GLN C 90 7.39 -22.73 -19.45
C GLN C 90 7.15 -21.71 -20.56
N VAL C 91 8.11 -20.80 -20.80
CA VAL C 91 7.90 -19.73 -21.77
C VAL C 91 8.18 -20.23 -23.19
N LEU C 92 7.14 -20.27 -24.02
CA LEU C 92 7.24 -20.69 -25.43
C LEU C 92 7.72 -19.59 -26.34
N ALA C 93 7.26 -18.37 -26.07
CA ALA C 93 7.64 -17.20 -26.86
C ALA C 93 7.39 -15.93 -26.09
N LEU C 94 7.94 -14.85 -26.61
CA LEU C 94 7.74 -13.55 -26.02
C LEU C 94 7.73 -12.49 -27.08
N SER C 95 7.01 -11.43 -26.78
CA SER C 95 7.01 -10.23 -27.61
C SER C 95 6.81 -9.05 -26.68
N GLY C 96 6.78 -7.88 -27.25
CA GLY C 96 6.65 -6.69 -26.43
C GLY C 96 6.32 -5.47 -27.20
N ALA C 97 6.11 -4.41 -26.43
CA ALA C 97 5.82 -3.13 -26.92
C ALA C 97 6.79 -2.15 -26.35
N GLY C 98 7.02 -1.10 -27.12
CA GLY C 98 7.82 0.03 -26.66
C GLY C 98 7.04 1.31 -26.89
N GLN C 99 7.19 2.25 -25.95
CA GLN C 99 6.73 3.62 -26.11
C GLN C 99 7.18 4.05 -27.52
N GLN C 100 6.27 4.57 -28.33
CA GLN C 100 6.56 4.86 -29.72
C GLN C 100 7.53 5.99 -29.91
N HIS C 101 8.12 6.03 -31.10
CA HIS C 101 8.98 7.11 -31.62
C HIS C 101 10.36 7.20 -30.99
N GLY C 102 10.51 6.96 -29.68
CA GLY C 102 11.79 7.04 -29.00
C GLY C 102 12.86 6.22 -29.69
N SER C 103 14.13 6.70 -29.67
CA SER C 103 15.20 6.03 -30.40
C SER C 103 16.48 5.81 -29.59
N ILE C 104 17.18 4.72 -29.93
CA ILE C 104 18.41 4.27 -29.31
C ILE C 104 19.52 4.27 -30.35
N TYR C 105 20.72 4.76 -29.98
CA TYR C 105 21.86 4.91 -30.85
C TYR C 105 22.93 4.00 -30.35
N TRP C 106 23.17 2.91 -31.08
CA TRP C 106 24.16 1.92 -30.67
C TRP C 106 25.52 2.28 -31.20
N LYS C 107 26.54 2.27 -30.34
CA LYS C 107 27.91 2.60 -30.71
C LYS C 107 28.55 1.50 -31.53
N ALA C 108 29.47 1.87 -32.43
CA ALA C 108 30.22 0.90 -33.24
C ALA C 108 30.87 -0.12 -32.31
N GLY C 109 30.68 -1.41 -32.63
CA GLY C 109 31.16 -2.52 -31.80
C GLY C 109 30.13 -3.08 -30.83
N ALA C 110 28.95 -2.42 -30.66
CA ALA C 110 27.94 -2.90 -29.70
C ALA C 110 27.40 -4.29 -30.05
N GLN C 111 27.26 -4.64 -31.35
CA GLN C 111 26.70 -5.96 -31.66
C GLN C 111 27.61 -7.07 -31.16
N GLN C 112 28.94 -6.85 -31.16
CA GLN C 112 29.88 -7.85 -30.63
C GLN C 112 29.63 -8.06 -29.14
N ALA C 113 29.29 -6.98 -28.40
CA ALA C 113 28.95 -7.08 -26.98
C ALA C 113 27.62 -7.83 -26.80
N LEU C 114 26.61 -7.57 -27.65
CA LEU C 114 25.32 -8.28 -27.55
C LEU C 114 25.45 -9.78 -27.82
N THR C 115 26.24 -10.14 -28.84
CA THR C 115 26.38 -11.55 -29.22
C THR C 115 27.33 -12.32 -28.30
N SER C 116 28.07 -11.62 -27.42
CA SER C 116 29.00 -12.27 -26.49
C SER C 116 28.57 -12.09 -25.03
N LEU C 117 27.27 -11.84 -24.74
CA LEU C 117 26.83 -11.69 -23.36
C LEU C 117 27.15 -12.92 -22.54
N SER C 118 27.70 -12.72 -21.36
CA SER C 118 28.00 -13.80 -20.41
C SER C 118 26.86 -13.91 -19.42
N PRO C 119 26.32 -15.11 -19.14
CA PRO C 119 25.24 -15.23 -18.15
C PRO C 119 25.65 -14.99 -16.70
N ASP C 120 26.97 -14.84 -16.41
CA ASP C 120 27.45 -14.56 -15.05
C ASP C 120 27.31 -13.07 -14.68
N LEU C 121 26.97 -12.21 -15.66
CA LEU C 121 26.86 -10.77 -15.40
C LEU C 121 25.51 -10.23 -15.82
N ARG C 122 25.19 -9.04 -15.34
CA ARG C 122 23.95 -8.40 -15.72
C ARG C 122 24.12 -7.73 -17.06
N LEU C 123 23.01 -7.38 -17.69
CA LEU C 123 23.04 -6.69 -18.96
C LEU C 123 23.71 -5.32 -18.85
N HIS C 124 23.33 -4.47 -17.84
CA HIS C 124 23.84 -3.08 -17.66
C HIS C 124 25.35 -3.05 -17.64
N GLN C 125 25.95 -3.95 -16.86
CA GLN C 125 27.41 -4.04 -16.76
C GLN C 125 28.05 -4.29 -18.09
N GLN C 126 27.49 -5.22 -18.89
CA GLN C 126 28.07 -5.63 -20.17
C GLN C 126 27.81 -4.66 -21.31
N LEU C 127 26.74 -3.87 -21.25
CA LEU C 127 26.37 -2.93 -22.32
C LEU C 127 26.61 -1.46 -21.91
N GLN C 128 27.32 -1.22 -20.79
CA GLN C 128 27.54 0.12 -20.28
C GLN C 128 28.22 1.06 -21.28
N ASP C 129 29.08 0.54 -22.17
CA ASP C 129 29.78 1.36 -23.17
C ASP C 129 29.25 1.18 -24.60
N CYS C 130 28.02 0.63 -24.77
CA CYS C 130 27.46 0.31 -26.10
C CYS C 130 26.59 1.38 -26.74
N PHE C 131 26.37 2.54 -26.10
CA PHE C 131 25.47 3.55 -26.65
C PHE C 131 26.23 4.82 -26.96
N SER C 132 26.06 5.32 -28.20
CA SER C 132 26.72 6.53 -28.66
C SER C 132 25.98 7.78 -28.15
N ILE C 133 24.71 7.62 -27.73
CA ILE C 133 23.86 8.66 -27.15
C ILE C 133 23.33 8.10 -25.84
N SER C 134 23.59 8.77 -24.72
CA SER C 134 23.14 8.25 -23.43
C SER C 134 21.71 8.69 -23.16
N ASP C 135 21.31 9.93 -23.55
CA ASP C 135 19.96 10.47 -23.31
C ASP C 135 19.12 10.38 -24.57
N CYS C 136 18.22 9.41 -24.62
CA CYS C 136 17.39 9.15 -25.79
C CYS C 136 16.22 10.06 -25.89
N PRO C 137 15.92 10.58 -27.08
CA PRO C 137 14.69 11.36 -27.23
C PRO C 137 13.49 10.43 -27.17
N VAL C 138 12.42 10.87 -26.51
CA VAL C 138 11.21 10.09 -26.34
C VAL C 138 10.03 10.83 -26.97
N TRP C 139 8.86 10.22 -26.93
CA TRP C 139 7.64 10.72 -27.59
C TRP C 139 7.17 12.10 -27.14
N MSE C 140 7.58 12.52 -25.95
CA MSE C 140 7.17 13.82 -25.40
C MSE C 140 8.02 14.97 -25.93
O MSE C 140 7.65 16.11 -25.72
CB MSE C 140 7.27 13.77 -23.86
CG MSE C 140 6.39 12.72 -23.26
SE MSE C 140 6.63 12.62 -21.32
CE MSE C 140 6.50 14.43 -20.90
H MSE C 140 8.21 12.02 -25.33
HA MSE C 140 6.13 14.01 -25.65
HB2 MSE C 140 8.30 13.56 -23.56
HB3 MSE C 140 6.97 14.75 -23.48
HG2 MSE C 140 5.35 12.94 -23.50
HG3 MSE C 140 6.67 11.74 -23.64
HE1 MSE C 140 5.68 14.84 -21.50
HE2 MSE C 140 6.28 14.54 -19.84
HE3 MSE C 140 7.44 14.92 -21.15
N ASP C 141 9.12 14.67 -26.64
CA ASP C 141 10.00 15.72 -27.18
C ASP C 141 9.29 16.57 -28.27
N SER C 142 9.42 17.91 -28.15
CA SER C 142 8.80 18.82 -29.15
C SER C 142 9.84 19.87 -29.62
N SER C 143 11.11 19.47 -29.66
CA SER C 143 12.23 20.38 -29.93
C SER C 143 12.73 20.40 -31.38
N THR C 144 12.09 19.67 -32.30
CA THR C 144 12.61 19.49 -33.65
C THR C 144 11.79 20.17 -34.74
N THR C 145 11.15 21.30 -34.43
CA THR C 145 10.35 22.00 -35.45
C THR C 145 11.17 22.33 -36.70
N ALA C 146 12.42 22.80 -36.55
CA ALA C 146 13.26 23.15 -37.70
C ALA C 146 13.48 21.93 -38.61
N GLN C 147 13.73 20.77 -38.00
CA GLN C 147 13.94 19.53 -38.75
C GLN C 147 12.66 19.09 -39.46
N CYS C 148 11.50 19.24 -38.83
CA CYS C 148 10.21 18.89 -39.43
C CYS C 148 10.00 19.68 -40.71
N ARG C 149 10.23 21.00 -40.65
CA ARG C 149 10.03 21.86 -41.82
C ARG C 149 11.06 21.52 -42.91
N GLN C 150 12.31 21.15 -42.55
CA GLN C 150 13.33 20.81 -43.57
C GLN C 150 12.99 19.48 -44.25
N LEU C 151 12.40 18.53 -43.51
CA LEU C 151 12.01 17.25 -44.10
C LEU C 151 10.86 17.44 -45.07
N GLU C 152 9.83 18.18 -44.69
CA GLU C 152 8.70 18.45 -45.57
C GLU C 152 9.17 19.20 -46.84
N ALA C 153 10.08 20.16 -46.70
CA ALA C 153 10.61 20.87 -47.88
C ALA C 153 11.41 19.94 -48.80
N ALA C 154 12.17 19.02 -48.21
CA ALA C 154 12.98 18.09 -49.00
C ALA C 154 12.16 17.07 -49.82
N VAL C 155 10.93 16.74 -49.40
CA VAL C 155 10.15 15.71 -50.12
C VAL C 155 8.94 16.25 -50.87
N GLY C 156 8.80 17.56 -50.97
CA GLY C 156 7.72 18.16 -51.72
C GLY C 156 6.52 18.66 -50.95
N GLY C 157 6.66 18.80 -49.62
CA GLY C 157 5.63 19.33 -48.75
C GLY C 157 5.04 18.36 -47.75
N ALA C 158 4.25 18.92 -46.85
CA ALA C 158 3.61 18.18 -45.76
C ALA C 158 2.74 17.05 -46.28
N GLN C 159 1.91 17.33 -47.31
CA GLN C 159 1.03 16.29 -47.84
C GLN C 159 1.82 15.20 -48.56
N ALA C 160 2.91 15.57 -49.26
CA ALA C 160 3.79 14.59 -49.93
C ALA C 160 4.39 13.64 -48.90
N LEU C 161 4.83 14.20 -47.77
CA LEU C 161 5.42 13.38 -46.70
C LEU C 161 4.34 12.46 -46.11
N SER C 162 3.08 12.93 -46.05
CA SER C 162 1.97 12.11 -45.49
C SER C 162 1.64 11.00 -46.45
N CYS C 163 1.60 11.29 -47.74
CA CYS C 163 1.34 10.27 -48.76
C CYS C 163 2.36 9.15 -48.64
N LEU C 164 3.63 9.52 -48.47
CA LEU C 164 4.70 8.52 -48.36
C LEU C 164 4.65 7.73 -47.06
N THR C 165 4.57 8.44 -45.90
CA THR C 165 4.80 7.83 -44.60
C THR C 165 3.62 7.73 -43.65
N GLY C 166 2.45 8.19 -44.07
CA GLY C 166 1.24 8.12 -43.26
C GLY C 166 0.96 9.30 -42.35
N SER C 167 1.97 10.19 -42.19
CA SER C 167 1.89 11.41 -41.38
C SER C 167 2.69 12.51 -42.04
N ARG C 168 2.28 13.76 -41.82
CA ARG C 168 3.14 14.89 -42.14
C ARG C 168 4.25 14.88 -41.07
N ALA C 169 5.14 15.88 -41.05
CA ALA C 169 6.21 15.85 -40.05
C ALA C 169 5.71 16.26 -38.66
N TYR C 170 5.95 15.41 -37.65
CA TYR C 170 5.64 15.66 -36.25
C TYR C 170 6.97 15.63 -35.48
N GLU C 171 7.12 16.56 -34.55
CA GLU C 171 8.36 16.75 -33.80
C GLU C 171 8.85 15.46 -33.14
N ARG C 172 7.95 14.69 -32.57
CA ARG C 172 8.37 13.47 -31.86
C ARG C 172 8.76 12.32 -32.81
N PHE C 173 8.35 12.38 -34.10
CA PHE C 173 8.62 11.30 -35.05
C PHE C 173 10.12 11.16 -35.23
N THR C 174 10.56 9.91 -35.25
CA THR C 174 11.98 9.53 -35.15
C THR C 174 12.90 10.14 -36.16
N GLY C 175 12.52 10.21 -37.43
CA GLY C 175 13.40 10.82 -38.43
C GLY C 175 13.86 12.23 -38.07
N ASN C 176 12.97 13.03 -37.48
CA ASN C 176 13.24 14.41 -37.11
C ASN C 176 14.19 14.45 -35.90
N GLN C 177 14.06 13.47 -35.00
CA GLN C 177 14.96 13.35 -33.85
C GLN C 177 16.35 12.91 -34.30
N ILE C 178 16.40 11.96 -35.26
CA ILE C 178 17.68 11.50 -35.82
C ILE C 178 18.37 12.69 -36.50
N ALA C 179 17.61 13.48 -37.27
CA ALA C 179 18.17 14.66 -37.96
C ALA C 179 18.80 15.62 -36.94
N LYS C 180 18.11 15.87 -35.83
CA LYS C 180 18.62 16.79 -34.79
C LYS C 180 19.94 16.26 -34.17
N ILE C 181 20.03 14.94 -33.94
CA ILE C 181 21.25 14.31 -33.41
C ILE C 181 22.40 14.40 -34.42
N TYR C 182 22.12 14.16 -35.69
CA TYR C 182 23.12 14.30 -36.73
C TYR C 182 23.65 15.74 -36.75
N GLN C 183 22.75 16.71 -36.64
CA GLN C 183 23.11 18.13 -36.71
C GLN C 183 23.86 18.59 -35.45
N GLN C 184 23.37 18.20 -34.27
CA GLN C 184 23.96 18.67 -33.00
C GLN C 184 25.03 17.77 -32.43
N ASN C 185 25.08 16.47 -32.81
CA ASN C 185 26.12 15.58 -32.31
C ASN C 185 26.65 14.70 -33.42
N PRO C 186 27.23 15.31 -34.51
CA PRO C 186 27.70 14.49 -35.66
C PRO C 186 28.79 13.48 -35.33
N GLU C 187 29.60 13.75 -34.29
CA GLU C 187 30.63 12.79 -33.90
C GLU C 187 29.96 11.55 -33.35
N ALA C 188 28.99 11.72 -32.45
CA ALA C 188 28.25 10.59 -31.91
C ALA C 188 27.52 9.85 -33.06
N TYR C 189 26.93 10.59 -33.98
CA TYR C 189 26.24 10.00 -35.12
C TYR C 189 27.23 9.19 -35.97
N SER C 190 28.43 9.72 -36.24
CA SER C 190 29.42 8.97 -37.03
C SER C 190 29.86 7.68 -36.33
N HIS C 191 29.79 7.63 -34.98
CA HIS C 191 30.14 6.44 -34.18
C HIS C 191 28.95 5.51 -33.94
N THR C 192 27.79 5.77 -34.59
CA THR C 192 26.58 4.94 -34.43
C THR C 192 26.52 3.91 -35.54
N GLU C 193 26.52 2.62 -35.20
CA GLU C 193 26.43 1.54 -36.19
C GLU C 193 24.98 1.11 -36.39
N ARG C 194 24.10 1.38 -35.42
CA ARG C 194 22.71 0.93 -35.53
C ARG C 194 21.80 1.88 -34.77
N ILE C 195 20.61 2.12 -35.31
CA ILE C 195 19.58 2.94 -34.67
C ILE C 195 18.34 2.08 -34.53
N SER C 196 17.79 2.05 -33.33
CA SER C 196 16.61 1.29 -32.98
C SER C 196 15.51 2.19 -32.44
N LEU C 197 14.27 1.70 -32.52
CA LEU C 197 13.15 2.26 -31.77
C LEU C 197 13.20 1.63 -30.39
N VAL C 198 12.43 2.13 -29.41
CA VAL C 198 12.43 1.50 -28.08
C VAL C 198 11.98 0.05 -28.23
N SER C 199 10.94 -0.19 -29.04
CA SER C 199 10.44 -1.55 -29.29
C SER C 199 11.55 -2.48 -29.82
N SER C 200 12.28 -2.07 -30.88
CA SER C 200 13.29 -2.96 -31.52
C SER C 200 14.56 -3.03 -30.68
N PHE C 201 14.84 -2.01 -29.86
CA PHE C 201 15.94 -2.02 -28.89
C PHE C 201 15.67 -3.14 -27.86
N ALA C 202 14.45 -3.20 -27.33
CA ALA C 202 14.10 -4.21 -26.34
C ALA C 202 14.16 -5.62 -26.96
N ALA C 203 13.68 -5.76 -28.20
CA ALA C 203 13.77 -7.04 -28.90
C ALA C 203 15.24 -7.47 -29.05
N SER C 204 16.12 -6.52 -29.35
CA SER C 204 17.56 -6.77 -29.49
C SER C 204 18.15 -7.28 -28.21
N LEU C 205 17.71 -6.75 -27.06
CA LEU C 205 18.22 -7.20 -25.78
C LEU C 205 17.88 -8.69 -25.56
N PHE C 206 16.65 -9.13 -25.94
CA PHE C 206 16.24 -10.53 -25.79
C PHE C 206 16.94 -11.48 -26.80
N LEU C 207 17.17 -11.01 -28.02
CA LEU C 207 17.87 -11.78 -29.05
C LEU C 207 19.37 -11.94 -28.77
N GLY C 208 19.98 -10.95 -28.12
CA GLY C 208 21.42 -10.91 -28.00
C GLY C 208 22.04 -10.59 -29.35
N SER C 209 21.30 -9.85 -30.19
CA SER C 209 21.71 -9.41 -31.54
C SER C 209 20.68 -8.38 -31.99
N TYR C 210 20.97 -7.61 -33.03
CA TYR C 210 20.05 -6.55 -33.42
C TYR C 210 18.78 -7.09 -34.02
N SER C 211 17.67 -6.64 -33.51
CA SER C 211 16.39 -6.95 -34.07
C SER C 211 16.07 -5.97 -35.17
N PRO C 212 15.36 -6.40 -36.21
CA PRO C 212 14.83 -5.41 -37.16
C PRO C 212 13.68 -4.62 -36.51
N ILE C 213 13.32 -3.50 -37.14
CA ILE C 213 12.16 -2.67 -36.82
C ILE C 213 10.96 -3.26 -37.54
N ASP C 214 9.79 -3.27 -36.91
CA ASP C 214 8.60 -3.84 -37.56
C ASP C 214 7.90 -2.78 -38.43
N TYR C 215 7.04 -3.21 -39.34
CA TYR C 215 6.33 -2.24 -40.18
C TYR C 215 5.47 -1.27 -39.38
N SER C 216 4.82 -1.73 -38.29
CA SER C 216 3.87 -0.89 -37.58
C SER C 216 4.57 0.21 -36.77
N ASP C 217 5.49 -0.12 -35.84
CA ASP C 217 6.23 0.92 -35.11
C ASP C 217 7.15 1.68 -36.07
N GLY C 218 7.67 1.00 -37.11
CA GLY C 218 8.46 1.63 -38.15
C GLY C 218 7.74 2.73 -38.92
N SER C 219 6.39 2.75 -38.84
CA SER C 219 5.55 3.79 -39.46
C SER C 219 5.50 5.10 -38.64
N GLY C 220 6.08 5.13 -37.43
CA GLY C 220 6.08 6.29 -36.54
C GLY C 220 7.37 7.10 -36.62
N MSE C 221 8.00 7.15 -37.82
CA MSE C 221 9.29 7.78 -37.98
C MSE C 221 9.40 8.83 -39.04
O MSE C 221 10.46 9.47 -39.12
CB MSE C 221 10.34 6.68 -38.32
CG MSE C 221 10.33 5.51 -37.35
SE MSE C 221 11.59 4.12 -37.90
CE MSE C 221 13.20 4.85 -37.06
H MSE C 221 7.63 6.75 -38.68
HA MSE C 221 9.63 8.22 -37.04
HB2 MSE C 221 10.14 6.29 -39.32
HB3 MSE C 221 11.35 7.09 -38.31
HG2 MSE C 221 10.60 5.86 -36.36
HG3 MSE C 221 9.34 5.04 -37.32
HE1 MSE C 221 13.34 5.88 -37.38
HE2 MSE C 221 13.07 4.80 -35.98
HE3 MSE C 221 14.06 4.25 -37.35
N ASN C 222 8.38 9.02 -39.91
CA ASN C 222 8.47 9.86 -41.12
C ASN C 222 9.60 9.32 -42.03
N LEU C 223 9.80 7.98 -42.06
CA LEU C 223 10.83 7.37 -42.93
C LEU C 223 10.34 6.20 -43.79
N LEU C 224 9.40 5.39 -43.27
CA LEU C 224 8.93 4.21 -43.98
C LEU C 224 7.89 4.56 -45.03
N GLN C 225 8.01 3.96 -46.19
CA GLN C 225 7.01 4.09 -47.27
C GLN C 225 5.95 3.04 -46.88
N ILE C 226 4.84 3.49 -46.29
CA ILE C 226 3.85 2.55 -45.71
C ILE C 226 3.20 1.63 -46.77
N GLN C 227 3.10 2.07 -48.01
CA GLN C 227 2.46 1.28 -49.07
C GLN C 227 3.36 0.10 -49.48
N ASP C 228 4.56 0.41 -49.90
CA ASP C 228 5.53 -0.56 -50.37
C ASP C 228 6.36 -1.19 -49.27
N LYS C 229 6.31 -0.65 -48.05
CA LYS C 229 6.97 -1.29 -46.88
C LYS C 229 8.46 -1.32 -47.03
N VAL C 230 9.00 -0.27 -47.59
CA VAL C 230 10.45 -0.08 -47.74
C VAL C 230 10.75 1.30 -47.21
N TRP C 231 11.98 1.56 -46.80
CA TRP C 231 12.33 2.91 -46.36
C TRP C 231 12.23 3.87 -47.56
N SER C 232 11.77 5.09 -47.31
CA SER C 232 11.72 6.10 -48.36
C SER C 232 13.12 6.68 -48.49
N GLN C 233 13.77 6.50 -49.64
CA GLN C 233 15.14 7.02 -49.83
C GLN C 233 15.18 8.55 -49.70
N ALA C 234 14.14 9.22 -50.15
CA ALA C 234 14.05 10.67 -50.06
C ALA C 234 14.00 11.13 -48.59
N CYS C 235 13.21 10.42 -47.75
CA CYS C 235 13.12 10.76 -46.33
C CYS C 235 14.40 10.44 -45.61
N LEU C 236 14.98 9.27 -45.87
CA LEU C 236 16.24 8.89 -45.23
C LEU C 236 17.32 9.96 -45.47
N GLY C 237 17.53 10.30 -46.74
CA GLY C 237 18.53 11.28 -47.15
C GLY C 237 18.30 12.67 -46.60
N ALA C 238 17.05 13.03 -46.38
CA ALA C 238 16.72 14.35 -45.86
C ALA C 238 16.91 14.42 -44.33
N CYS C 239 17.02 13.27 -43.65
CA CYS C 239 17.19 13.24 -42.20
C CYS C 239 18.66 13.15 -41.82
N ALA C 240 19.34 12.09 -42.23
CA ALA C 240 20.76 11.95 -41.88
C ALA C 240 21.41 10.97 -42.81
N PRO C 241 22.74 11.12 -43.03
CA PRO C 241 23.40 10.28 -44.02
C PRO C 241 23.66 8.89 -43.51
N HIS C 242 23.79 7.95 -44.45
CA HIS C 242 24.05 6.53 -44.17
C HIS C 242 23.02 5.95 -43.24
N LEU C 243 21.78 6.43 -43.34
CA LEU C 243 20.76 6.04 -42.38
C LEU C 243 20.17 4.68 -42.69
N GLU C 244 20.09 4.29 -43.98
CA GLU C 244 19.55 2.98 -44.31
C GLU C 244 20.33 1.85 -43.64
N GLU C 245 21.67 1.93 -43.71
CA GLU C 245 22.58 0.94 -43.13
C GLU C 245 22.34 0.80 -41.63
N LYS C 246 22.02 1.91 -40.96
CA LYS C 246 21.85 1.92 -39.50
C LYS C 246 20.49 1.36 -39.09
N LEU C 247 19.50 1.47 -39.96
CA LEU C 247 18.17 0.95 -39.62
C LEU C 247 17.97 -0.50 -39.98
N SER C 248 18.54 -0.93 -41.12
CA SER C 248 18.37 -2.28 -41.66
C SER C 248 16.93 -2.45 -42.21
N PRO C 249 16.66 -3.45 -43.07
CA PRO C 249 15.31 -3.56 -43.62
C PRO C 249 14.24 -3.85 -42.55
N PRO C 250 13.06 -3.23 -42.69
CA PRO C 250 11.97 -3.49 -41.74
C PRO C 250 11.29 -4.83 -42.04
N VAL C 251 10.54 -5.38 -41.08
CA VAL C 251 9.89 -6.68 -41.22
C VAL C 251 8.42 -6.64 -40.84
N PRO C 252 7.62 -7.62 -41.30
CA PRO C 252 6.23 -7.72 -40.83
C PRO C 252 6.20 -7.90 -39.32
N SER C 253 5.24 -7.28 -38.67
CA SER C 253 5.13 -7.31 -37.20
C SER C 253 5.04 -8.73 -36.68
N CYS C 254 4.36 -9.60 -37.42
CA CYS C 254 4.22 -10.98 -37.01
C CYS C 254 5.33 -11.82 -37.62
N SER C 255 6.56 -11.51 -37.23
CA SER C 255 7.76 -12.22 -37.64
C SER C 255 8.44 -12.77 -36.44
N VAL C 256 8.95 -13.99 -36.52
CA VAL C 256 9.85 -14.51 -35.51
C VAL C 256 11.21 -13.91 -35.89
N VAL C 257 11.80 -13.10 -35.01
CA VAL C 257 13.08 -12.43 -35.31
C VAL C 257 14.29 -13.25 -34.84
N GLY C 258 14.05 -14.29 -34.07
CA GLY C 258 15.10 -15.22 -33.65
C GLY C 258 14.69 -15.97 -32.40
N ALA C 259 15.60 -16.81 -31.94
CA ALA C 259 15.43 -17.52 -30.67
C ALA C 259 15.95 -16.57 -29.58
N ILE C 260 15.53 -16.80 -28.36
CA ILE C 260 16.03 -16.02 -27.23
C ILE C 260 17.55 -16.29 -27.10
N SER C 261 18.32 -15.30 -26.66
CA SER C 261 19.77 -15.47 -26.46
C SER C 261 20.02 -16.57 -25.44
N SER C 262 21.12 -17.33 -25.63
CA SER C 262 21.56 -18.32 -24.65
C SER C 262 21.82 -17.64 -23.29
N TYR C 263 22.09 -16.31 -23.29
CA TYR C 263 22.23 -15.52 -22.05
C TYR C 263 21.07 -15.79 -21.10
N TYR C 264 19.84 -15.69 -21.62
CA TYR C 264 18.62 -15.86 -20.81
C TYR C 264 18.36 -17.32 -20.47
N VAL C 265 18.75 -18.25 -21.36
CA VAL C 265 18.59 -19.67 -21.10
C VAL C 265 19.43 -20.04 -19.88
N GLN C 266 20.67 -19.60 -19.88
CA GLN C 266 21.63 -19.94 -18.83
C GLN C 266 21.44 -19.14 -17.54
N ARG C 267 21.14 -17.85 -17.64
CA ARG C 267 21.00 -17.04 -16.43
C ARG C 267 19.62 -17.22 -15.73
N TYR C 268 18.55 -17.34 -16.50
CA TYR C 268 17.19 -17.38 -15.95
C TYR C 268 16.43 -18.68 -16.17
N GLY C 269 16.87 -19.56 -17.05
CA GLY C 269 16.18 -20.83 -17.27
C GLY C 269 15.11 -20.81 -18.33
N PHE C 270 15.16 -19.83 -19.26
CA PHE C 270 14.26 -19.87 -20.40
C PHE C 270 14.59 -21.12 -21.22
N PRO C 271 13.64 -21.73 -21.95
CA PRO C 271 14.02 -22.87 -22.79
C PRO C 271 14.76 -22.39 -24.03
N PRO C 272 15.72 -23.17 -24.55
CA PRO C 272 16.46 -22.72 -25.74
C PRO C 272 15.59 -22.46 -26.99
N GLY C 273 14.46 -23.15 -27.12
CA GLY C 273 13.56 -22.96 -28.25
C GLY C 273 12.62 -21.77 -28.12
N CYS C 274 12.72 -20.99 -27.03
CA CYS C 274 11.84 -19.83 -26.83
C CYS C 274 12.00 -18.84 -27.98
N LYS C 275 10.90 -18.50 -28.66
CA LYS C 275 10.94 -17.59 -29.81
C LYS C 275 10.72 -16.13 -29.43
N VAL C 276 11.43 -15.23 -30.08
CA VAL C 276 11.24 -13.81 -29.94
C VAL C 276 10.45 -13.33 -31.16
N VAL C 277 9.23 -12.87 -30.95
CA VAL C 277 8.38 -12.34 -32.02
C VAL C 277 8.64 -10.82 -32.07
N ALA C 278 8.76 -10.26 -33.28
CA ALA C 278 9.10 -8.85 -33.42
C ALA C 278 8.28 -7.96 -32.49
N PHE C 279 8.95 -7.03 -31.85
CA PHE C 279 8.27 -6.10 -30.97
C PHE C 279 7.57 -5.02 -31.81
N THR C 280 6.64 -4.30 -31.21
CA THR C 280 5.99 -3.22 -31.92
C THR C 280 5.72 -2.05 -30.98
N GLY C 281 5.06 -1.03 -31.49
CA GLY C 281 4.79 0.15 -30.69
C GLY C 281 3.72 -0.15 -29.66
N ASP C 282 3.62 0.63 -28.56
CA ASP C 282 2.60 0.37 -27.55
C ASP C 282 1.17 0.60 -28.10
N ASN C 283 0.94 1.61 -28.94
CA ASN C 283 -0.43 1.82 -29.49
C ASN C 283 -0.77 0.71 -30.48
N PRO C 284 0.15 0.29 -31.37
CA PRO C 284 -0.15 -0.90 -32.19
C PRO C 284 -0.43 -2.16 -31.34
N ALA C 285 0.35 -2.37 -30.25
CA ALA C 285 0.16 -3.53 -29.36
C ALA C 285 -1.17 -3.49 -28.66
N SER C 286 -1.64 -2.28 -28.30
CA SER C 286 -2.94 -2.12 -27.64
C SER C 286 -4.07 -2.44 -28.62
N LEU C 287 -3.91 -2.10 -29.91
CA LEU C 287 -4.90 -2.48 -30.94
C LEU C 287 -5.07 -4.00 -30.99
N ALA C 288 -3.95 -4.72 -30.92
CA ALA C 288 -3.92 -6.18 -30.87
C ALA C 288 -4.56 -6.68 -29.56
N GLY C 289 -4.24 -6.03 -28.44
CA GLY C 289 -4.78 -6.39 -27.13
C GLY C 289 -6.28 -6.18 -27.04
N MSE C 290 -6.78 -5.17 -27.78
CA MSE C 290 -8.20 -4.88 -27.83
C MSE C 290 -8.92 -5.69 -28.91
O MSE C 290 -10.13 -5.56 -28.99
CB MSE C 290 -8.39 -3.36 -28.06
CG MSE C 290 -7.99 -2.57 -26.83
SE MSE C 290 -8.31 -0.64 -27.02
CE MSE C 290 -7.23 -0.26 -28.55
H MSE C 290 -6.21 -4.56 -28.34
HA MSE C 290 -8.67 -5.11 -26.87
HB2 MSE C 290 -7.79 -3.04 -28.90
HB3 MSE C 290 -9.44 -3.14 -28.26
HG2 MSE C 290 -8.56 -2.92 -25.97
HG3 MSE C 290 -6.92 -2.72 -26.64
HE1 MSE C 290 -6.22 -0.61 -28.34
HE2 MSE C 290 -7.65 -0.77 -29.41
HE3 MSE C 290 -7.22 0.81 -28.72
N ARG C 291 -8.22 -6.50 -29.70
CA ARG C 291 -8.75 -7.39 -30.73
C ARG C 291 -9.60 -6.67 -31.78
N LEU C 292 -9.14 -5.48 -32.19
CA LEU C 292 -9.82 -4.79 -33.27
C LEU C 292 -9.74 -5.55 -34.57
N GLU C 293 -10.81 -5.43 -35.34
CA GLU C 293 -10.88 -5.99 -36.68
C GLU C 293 -11.32 -4.95 -37.65
N GLU C 294 -11.43 -5.35 -38.91
CA GLU C 294 -11.96 -4.50 -39.95
C GLU C 294 -13.28 -3.89 -39.48
N GLY C 295 -13.40 -2.59 -39.65
CA GLY C 295 -14.59 -1.83 -39.26
C GLY C 295 -14.62 -1.35 -37.82
N ASP C 296 -13.67 -1.72 -36.99
CA ASP C 296 -13.71 -1.33 -35.59
C ASP C 296 -12.91 -0.08 -35.27
N ILE C 297 -13.22 0.51 -34.11
CA ILE C 297 -12.51 1.66 -33.57
C ILE C 297 -12.35 1.48 -32.09
N ALA C 298 -11.41 2.17 -31.51
CA ALA C 298 -11.28 2.23 -30.05
C ALA C 298 -11.01 3.64 -29.63
N VAL C 299 -11.54 4.04 -28.48
CA VAL C 299 -11.31 5.37 -27.94
C VAL C 299 -10.61 5.19 -26.64
N SER C 300 -9.39 5.70 -26.53
CA SER C 300 -8.66 5.72 -25.27
C SER C 300 -8.84 7.13 -24.66
N LEU C 301 -9.60 7.21 -23.58
CA LEU C 301 -9.96 8.48 -22.93
C LEU C 301 -9.00 8.80 -21.79
N GLY C 302 -8.42 9.97 -21.83
CA GLY C 302 -7.46 10.41 -20.81
C GLY C 302 -7.16 11.88 -20.96
N THR C 303 -6.03 12.32 -20.38
CA THR C 303 -5.56 13.73 -20.47
C THR C 303 -5.54 14.11 -21.94
N SER C 304 -5.08 13.18 -22.77
CA SER C 304 -5.22 13.24 -24.21
C SER C 304 -6.17 12.10 -24.57
N ASP C 305 -7.07 12.30 -25.55
CA ASP C 305 -7.90 11.19 -26.03
C ASP C 305 -7.22 10.67 -27.30
N THR C 306 -7.18 9.35 -27.47
CA THR C 306 -6.58 8.71 -28.65
C THR C 306 -7.62 7.83 -29.31
N LEU C 307 -7.87 8.10 -30.58
CA LEU C 307 -8.80 7.32 -31.37
C LEU C 307 -7.98 6.35 -32.22
N PHE C 308 -8.31 5.06 -32.17
CA PHE C 308 -7.71 3.97 -32.94
C PHE C 308 -8.67 3.55 -34.01
N LEU C 309 -8.20 3.43 -35.24
CA LEU C 309 -9.05 3.01 -36.34
C LEU C 309 -8.39 1.89 -37.09
N TRP C 310 -9.17 0.94 -37.54
CA TRP C 310 -8.73 -0.06 -38.52
C TRP C 310 -8.97 0.58 -39.89
N LEU C 311 -8.00 0.51 -40.83
CA LEU C 311 -8.19 1.05 -42.19
C LEU C 311 -7.71 0.07 -43.23
N GLN C 312 -8.61 -0.34 -44.12
CA GLN C 312 -8.26 -1.19 -45.24
C GLN C 312 -7.53 -0.33 -46.25
N GLU C 313 -8.13 0.85 -46.56
CA GLU C 313 -7.75 1.83 -47.60
C GLU C 313 -7.62 3.25 -46.96
N PRO C 314 -6.49 3.51 -46.33
CA PRO C 314 -6.30 4.84 -45.69
C PRO C 314 -6.07 6.00 -46.67
N MSE C 315 -6.50 7.21 -46.24
CA MSE C 315 -6.30 8.46 -46.93
C MSE C 315 -5.38 9.30 -46.04
O MSE C 315 -5.89 10.05 -45.22
CB MSE C 315 -7.66 9.17 -47.18
CG MSE C 315 -8.64 8.40 -48.03
SE MSE C 315 -8.03 8.38 -49.86
CE MSE C 315 -8.22 6.42 -50.17
H MSE C 315 -6.96 7.34 -45.35
HA MSE C 315 -5.83 8.31 -47.90
HB2 MSE C 315 -8.15 9.37 -46.22
HB3 MSE C 315 -7.46 10.13 -47.67
HG2 MSE C 315 -8.73 7.38 -47.67
HG3 MSE C 315 -9.60 8.90 -48.05
HE1 MSE C 315 -7.71 5.90 -49.35
HE2 MSE C 315 -9.27 6.16 -50.19
HE3 MSE C 315 -7.77 6.17 -51.13
N PRO C 316 -4.02 9.20 -46.16
CA PRO C 316 -3.14 10.01 -45.30
C PRO C 316 -3.43 11.50 -45.49
N ALA C 317 -3.36 12.26 -44.41
CA ALA C 317 -3.74 13.68 -44.38
C ALA C 317 -2.74 14.50 -43.59
N LEU C 318 -3.07 15.79 -43.42
CA LEU C 318 -2.30 16.73 -42.62
C LEU C 318 -2.61 16.56 -41.13
N GLU C 319 -3.57 15.70 -40.80
CA GLU C 319 -3.86 15.29 -39.43
C GLU C 319 -3.90 13.77 -39.32
N GLY C 320 -3.69 13.28 -38.12
CA GLY C 320 -3.67 11.87 -37.82
C GLY C 320 -2.42 11.17 -38.30
N HIS C 321 -2.35 9.88 -37.99
CA HIS C 321 -1.21 9.07 -38.30
C HIS C 321 -1.62 7.74 -38.81
N ILE C 322 -1.22 7.41 -40.05
CA ILE C 322 -1.51 6.10 -40.62
C ILE C 322 -0.27 5.25 -40.40
N PHE C 323 -0.47 4.06 -39.84
CA PHE C 323 0.59 3.08 -39.67
C PHE C 323 0.21 1.79 -40.34
N CYS C 324 1.22 1.02 -40.72
CA CYS C 324 1.00 -0.36 -41.13
C CYS C 324 0.34 -1.09 -39.93
N ASN C 325 -0.62 -1.94 -40.20
CA ASN C 325 -1.39 -2.63 -39.15
C ASN C 325 -0.53 -3.75 -38.53
N PRO C 326 -0.44 -3.81 -37.20
CA PRO C 326 0.41 -4.83 -36.57
C PRO C 326 -0.11 -6.26 -36.69
N VAL C 327 -1.43 -6.46 -36.84
CA VAL C 327 -1.98 -7.81 -36.89
C VAL C 327 -2.47 -8.20 -38.28
N ASP C 328 -2.25 -7.34 -39.29
CA ASP C 328 -2.54 -7.63 -40.69
C ASP C 328 -1.65 -6.69 -41.51
N SER C 329 -0.45 -7.16 -41.87
CA SER C 329 0.56 -6.35 -42.54
C SER C 329 0.14 -5.85 -43.94
N GLN C 330 -0.92 -6.37 -44.54
CA GLN C 330 -1.37 -5.84 -45.83
C GLN C 330 -2.31 -4.62 -45.65
N HIS C 331 -2.75 -4.34 -44.41
CA HIS C 331 -3.70 -3.26 -44.18
C HIS C 331 -3.10 -2.28 -43.16
N TYR C 332 -3.92 -1.33 -42.71
CA TYR C 332 -3.43 -0.23 -41.90
C TYR C 332 -4.29 0.03 -40.67
N MSE C 333 -3.74 0.90 -39.83
CA MSE C 333 -4.43 1.43 -38.67
C MSE C 333 -4.18 2.93 -38.67
O MSE C 333 -3.22 3.41 -39.30
CB MSE C 333 -3.95 0.81 -37.36
CG MSE C 333 -2.50 1.04 -37.11
SE MSE C 333 -1.95 0.46 -35.34
CE MSE C 333 -2.82 1.85 -34.18
H MSE C 333 -2.78 1.23 -39.90
HA MSE C 333 -5.49 1.23 -38.77
HB2 MSE C 333 -4.51 1.24 -36.52
HB3 MSE C 333 -4.11 -0.27 -37.40
HG2 MSE C 333 -1.91 0.47 -37.84
HG3 MSE C 333 -2.27 2.10 -37.19
HE1 MSE C 333 -3.04 2.73 -34.79
HE2 MSE C 333 -3.74 1.41 -33.79
HE3 MSE C 333 -2.15 2.12 -33.37
N ALA C 334 -4.95 3.65 -37.91
CA ALA C 334 -4.66 5.08 -37.73
C ALA C 334 -4.85 5.47 -36.29
N LEU C 335 -4.07 6.46 -35.86
CA LEU C 335 -4.23 7.13 -34.58
C LEU C 335 -4.65 8.58 -34.86
N LEU C 336 -5.67 9.10 -34.15
CA LEU C 336 -6.04 10.52 -34.17
C LEU C 336 -5.96 10.97 -32.71
N CYS C 337 -5.22 12.04 -32.44
CA CYS C 337 -4.92 12.53 -31.11
C CYS C 337 -5.68 13.80 -30.84
N PHE C 338 -6.26 13.89 -29.62
CA PHE C 338 -7.06 15.03 -29.19
C PHE C 338 -6.48 15.52 -27.88
N LYS C 339 -5.97 16.76 -27.86
CA LYS C 339 -5.35 17.35 -26.67
C LYS C 339 -6.38 17.66 -25.56
N ASN C 340 -7.60 18.05 -25.93
CA ASN C 340 -8.63 18.43 -24.96
C ASN C 340 -9.47 17.22 -24.64
N GLY C 341 -9.08 16.52 -23.60
CA GLY C 341 -9.73 15.31 -23.15
C GLY C 341 -10.31 15.41 -21.76
N SER C 342 -9.74 14.65 -20.84
CA SER C 342 -10.24 14.51 -19.48
C SER C 342 -10.24 15.83 -18.70
N LEU C 343 -9.25 16.72 -18.91
CA LEU C 343 -9.24 18.00 -18.18
C LEU C 343 -10.44 18.86 -18.61
N MSE C 344 -10.90 18.75 -19.86
CA MSE C 344 -12.08 19.50 -20.34
C MSE C 344 -13.32 18.91 -19.74
O MSE C 344 -14.20 19.65 -19.27
CB MSE C 344 -12.19 19.45 -21.86
CG MSE C 344 -11.16 20.29 -22.53
SE MSE C 344 -11.06 22.13 -21.87
CE MSE C 344 -12.92 22.38 -22.04
H MSE C 344 -10.46 18.17 -20.58
HA MSE C 344 -12.01 20.53 -20.00
HB2 MSE C 344 -12.05 18.43 -22.20
HB3 MSE C 344 -13.19 19.77 -22.17
HG2 MSE C 344 -10.19 19.80 -22.45
HG3 MSE C 344 -11.48 20.37 -23.58
HE1 MSE C 344 -13.20 21.85 -22.95
HE2 MSE C 344 -13.46 21.95 -21.19
HE3 MSE C 344 -13.15 23.44 -22.13
N ARG C 345 -13.38 17.60 -19.68
CA ARG C 345 -14.55 16.94 -19.07
C ARG C 345 -14.65 17.30 -17.58
N GLU C 346 -13.52 17.33 -16.87
CA GLU C 346 -13.52 17.69 -15.45
C GLU C 346 -13.89 19.16 -15.26
N LYS C 347 -13.42 20.06 -16.15
CA LYS C 347 -13.74 21.49 -16.05
C LYS C 347 -15.24 21.74 -16.25
N ILE C 348 -15.85 21.09 -17.24
CA ILE C 348 -17.29 21.26 -17.45
C ILE C 348 -18.05 20.67 -16.26
N ARG C 349 -17.61 19.51 -15.73
CA ARG C 349 -18.25 18.94 -14.54
C ARG C 349 -18.26 19.95 -13.40
N ASN C 350 -17.10 20.54 -13.14
CA ASN C 350 -16.90 21.51 -12.06
C ASN C 350 -17.71 22.80 -12.24
N GLU C 351 -17.76 23.31 -13.48
CA GLU C 351 -18.47 24.54 -13.81
C GLU C 351 -19.98 24.39 -13.85
N SER C 352 -20.48 23.29 -14.45
CA SER C 352 -21.90 23.15 -14.71
C SER C 352 -22.67 22.12 -13.86
N VAL C 353 -22.04 21.11 -13.27
CA VAL C 353 -22.79 20.10 -12.51
C VAL C 353 -22.13 19.75 -11.16
N SER C 354 -21.91 20.75 -10.35
CA SER C 354 -21.49 20.59 -8.94
C SER C 354 -20.26 19.71 -8.71
N ARG C 355 -19.29 19.64 -9.62
CA ARG C 355 -18.08 18.83 -9.41
C ARG C 355 -18.43 17.35 -9.17
N SER C 356 -19.51 16.87 -9.79
CA SER C 356 -20.01 15.53 -9.60
C SER C 356 -20.12 14.72 -10.88
N TRP C 357 -19.52 13.53 -10.92
CA TRP C 357 -19.69 12.66 -12.09
C TRP C 357 -21.11 12.08 -12.08
N SER C 358 -21.70 11.99 -10.89
CA SER C 358 -23.08 11.55 -10.71
C SER C 358 -24.05 12.56 -11.37
N ASP C 359 -23.87 13.84 -11.08
CA ASP C 359 -24.70 14.90 -11.67
C ASP C 359 -24.40 15.02 -13.18
N PHE C 360 -23.16 14.78 -13.58
CA PHE C 360 -22.76 14.76 -14.99
C PHE C 360 -23.58 13.69 -15.71
N SER C 361 -23.67 12.47 -15.11
CA SER C 361 -24.48 11.38 -15.68
C SER C 361 -25.95 11.82 -15.77
N LYS C 362 -26.46 12.46 -14.71
CA LYS C 362 -27.86 12.91 -14.67
C LYS C 362 -28.11 13.99 -15.73
N ALA C 363 -27.13 14.86 -15.99
CA ALA C 363 -27.27 15.85 -17.07
C ALA C 363 -27.48 15.14 -18.41
N LEU C 364 -26.66 14.13 -18.70
CA LEU C 364 -26.76 13.36 -19.94
C LEU C 364 -28.09 12.59 -20.02
N GLN C 365 -28.56 12.02 -18.89
CA GLN C 365 -29.83 11.29 -18.85
C GLN C 365 -31.03 12.19 -19.09
N SER C 366 -30.96 13.43 -18.60
CA SER C 366 -32.08 14.39 -18.64
C SER C 366 -32.11 15.25 -19.93
N THR C 367 -31.18 15.03 -20.89
CA THR C 367 -31.16 15.76 -22.16
C THR C 367 -31.33 14.74 -23.29
N GLU C 368 -31.99 15.14 -24.37
CA GLU C 368 -32.25 14.27 -25.51
C GLU C 368 -31.06 14.16 -26.44
N MSE C 369 -31.03 13.09 -27.24
CA MSE C 369 -30.01 12.91 -28.27
C MSE C 369 -30.13 14.08 -29.22
O MSE C 369 -31.24 14.47 -29.57
CB MSE C 369 -30.19 11.58 -29.05
CG MSE C 369 -30.01 10.33 -28.21
SE MSE C 369 -30.20 8.76 -29.35
CE MSE C 369 -32.08 8.95 -29.84
H MSE C 369 -31.71 12.34 -27.21
HA MSE C 369 -29.03 12.91 -27.81
HB2 MSE C 369 -31.19 11.58 -29.45
HB3 MSE C 369 -29.46 11.54 -29.86
HG2 MSE C 369 -29.02 10.32 -27.77
HG3 MSE C 369 -30.79 10.28 -27.44
HE1 MSE C 369 -32.66 9.14 -28.94
HE2 MSE C 369 -32.20 9.78 -30.54
HE3 MSE C 369 -32.41 8.03 -30.32
N GLY C 370 -28.99 14.68 -29.56
CA GLY C 370 -28.97 15.85 -30.43
C GLY C 370 -29.03 17.17 -29.70
N ASN C 371 -29.36 17.15 -28.39
CA ASN C 371 -29.28 18.28 -27.49
C ASN C 371 -30.09 19.50 -27.94
N GLY C 372 -31.24 19.24 -28.56
CA GLY C 372 -32.09 20.29 -29.11
C GLY C 372 -31.43 21.13 -30.20
N GLY C 373 -30.37 20.61 -30.83
CA GLY C 373 -29.63 21.34 -31.86
C GLY C 373 -28.53 22.25 -31.34
N ASN C 374 -28.28 22.26 -30.02
CA ASN C 374 -27.20 23.05 -29.42
C ASN C 374 -25.90 22.30 -29.60
N LEU C 375 -24.89 22.95 -30.18
CA LEU C 375 -23.58 22.34 -30.49
C LEU C 375 -22.47 23.14 -29.90
N GLY C 376 -21.44 22.45 -29.44
CA GLY C 376 -20.28 23.08 -28.82
C GLY C 376 -18.95 22.42 -29.10
N PHE C 377 -17.92 23.27 -29.13
CA PHE C 377 -16.51 22.93 -29.29
C PHE C 377 -15.80 23.46 -28.08
N TYR C 378 -15.02 22.61 -27.39
CA TYR C 378 -14.39 22.99 -26.14
C TYR C 378 -12.90 22.74 -26.14
N PHE C 379 -12.13 23.79 -26.49
CA PHE C 379 -10.67 23.72 -26.61
C PHE C 379 -9.97 24.78 -25.77
N ASP C 380 -9.83 24.56 -24.46
CA ASP C 380 -9.13 25.53 -23.60
C ASP C 380 -7.63 25.59 -23.92
N VAL C 381 -7.05 24.50 -24.48
CA VAL C 381 -5.67 24.52 -24.98
C VAL C 381 -5.79 24.30 -26.48
N MSE C 382 -4.80 24.76 -27.24
CA MSE C 382 -4.78 24.62 -28.68
C MSE C 382 -4.94 23.14 -29.02
O MSE C 382 -4.19 22.30 -28.54
CB MSE C 382 -3.48 25.21 -29.29
CG MSE C 382 -3.31 24.99 -30.76
SE MSE C 382 -4.66 25.84 -31.88
CE MSE C 382 -4.06 27.73 -31.73
H MSE C 382 -4.00 25.25 -26.86
HA MSE C 382 -5.63 25.18 -29.08
HB2 MSE C 382 -3.48 26.30 -29.12
HB3 MSE C 382 -2.64 24.76 -28.78
HG2 MSE C 382 -2.34 25.40 -31.06
HG3 MSE C 382 -3.32 23.92 -30.99
HE1 MSE C 382 -3.00 27.79 -32.00
HE2 MSE C 382 -4.64 28.33 -32.42
HE3 MSE C 382 -4.21 28.09 -30.71
N GLU C 383 -5.95 22.84 -29.80
CA GLU C 383 -6.24 21.45 -30.17
C GLU C 383 -5.34 21.05 -31.33
N ILE C 384 -5.09 19.74 -31.45
CA ILE C 384 -4.28 19.10 -32.50
C ILE C 384 -5.19 18.76 -33.67
N THR C 385 -6.31 18.09 -33.38
CA THR C 385 -7.27 17.59 -34.35
C THR C 385 -8.65 18.23 -34.11
N PRO C 386 -9.02 19.30 -34.82
CA PRO C 386 -8.23 20.14 -35.73
C PRO C 386 -7.49 21.22 -34.93
N GLU C 387 -6.78 22.11 -35.63
CA GLU C 387 -6.02 23.18 -35.00
C GLU C 387 -6.89 24.40 -34.70
N ILE C 388 -7.62 24.34 -33.60
CA ILE C 388 -8.53 25.38 -33.13
C ILE C 388 -8.31 25.56 -31.65
N ILE C 389 -8.56 26.78 -31.16
CA ILE C 389 -8.50 27.08 -29.74
C ILE C 389 -9.78 27.82 -29.37
N GLY C 390 -10.16 27.69 -28.10
CA GLY C 390 -11.31 28.36 -27.52
C GLY C 390 -12.54 27.50 -27.40
N ARG C 391 -13.53 28.04 -26.70
CA ARG C 391 -14.85 27.40 -26.59
C ARG C 391 -15.76 28.10 -27.58
N HIS C 392 -16.50 27.34 -28.37
CA HIS C 392 -17.40 27.87 -29.41
C HIS C 392 -18.72 27.16 -29.29
N ARG C 393 -19.79 27.89 -28.98
CA ARG C 393 -21.12 27.34 -28.75
C ARG C 393 -22.09 27.92 -29.75
N PHE C 394 -22.99 27.07 -30.25
CA PHE C 394 -23.99 27.48 -31.24
C PHE C 394 -25.34 26.94 -30.85
N ASN C 395 -26.38 27.73 -31.09
CA ASN C 395 -27.76 27.31 -30.76
C ASN C 395 -28.35 26.58 -32.00
N THR C 396 -29.61 26.15 -31.95
CA THR C 396 -30.19 25.40 -33.07
C THR C 396 -30.29 26.19 -34.41
N GLU C 397 -30.26 27.55 -34.38
CA GLU C 397 -30.26 28.36 -35.62
C GLU C 397 -28.83 28.61 -36.12
N ASN C 398 -27.84 27.95 -35.51
CA ASN C 398 -26.41 28.09 -35.81
C ASN C 398 -25.90 29.51 -35.53
N HIS C 399 -26.53 30.18 -34.55
CA HIS C 399 -26.08 31.47 -34.07
C HIS C 399 -25.12 31.20 -32.94
N LYS C 400 -24.02 31.92 -32.89
CA LYS C 400 -23.03 31.69 -31.85
C LYS C 400 -23.55 32.31 -30.55
N VAL C 401 -23.43 31.59 -29.44
CA VAL C 401 -23.96 32.00 -28.15
C VAL C 401 -22.82 31.98 -27.14
N ALA C 402 -22.98 32.73 -26.06
CA ALA C 402 -21.97 32.88 -25.01
C ALA C 402 -21.95 31.72 -24.03
N ALA C 403 -23.09 31.08 -23.80
CA ALA C 403 -23.20 30.00 -22.84
C ALA C 403 -24.45 29.17 -23.10
N PHE C 404 -24.52 28.02 -22.47
CA PHE C 404 -25.66 27.12 -22.48
C PHE C 404 -26.16 26.90 -21.08
N PRO C 405 -27.43 26.45 -20.90
CA PRO C 405 -27.82 25.90 -19.58
C PRO C 405 -26.87 24.74 -19.21
N GLY C 406 -26.70 24.49 -17.91
CA GLY C 406 -25.77 23.48 -17.40
C GLY C 406 -25.84 22.09 -18.03
N ASP C 407 -27.04 21.50 -18.08
CA ASP C 407 -27.20 20.15 -18.65
C ASP C 407 -26.90 20.13 -20.17
N VAL C 408 -27.27 21.22 -20.86
CA VAL C 408 -27.05 21.38 -22.30
C VAL C 408 -25.53 21.49 -22.56
N GLU C 409 -24.80 22.15 -21.65
CA GLU C 409 -23.33 22.22 -21.76
C GLU C 409 -22.66 20.84 -21.67
N VAL C 410 -23.11 20.04 -20.72
CA VAL C 410 -22.55 18.68 -20.50
C VAL C 410 -22.75 17.84 -21.77
N ARG C 411 -23.97 17.84 -22.32
CA ARG C 411 -24.22 17.05 -23.53
C ARG C 411 -23.47 17.64 -24.71
N ALA C 412 -23.41 18.98 -24.87
CA ALA C 412 -22.68 19.61 -25.98
C ALA C 412 -21.21 19.16 -25.94
N LEU C 413 -20.63 19.07 -24.76
CA LEU C 413 -19.23 18.66 -24.64
C LEU C 413 -19.05 17.23 -25.12
N ILE C 414 -19.83 16.31 -24.55
CA ILE C 414 -19.67 14.86 -24.82
C ILE C 414 -20.09 14.51 -26.25
N GLU C 415 -21.31 14.93 -26.70
CA GLU C 415 -21.71 14.72 -28.09
C GLU C 415 -20.71 15.31 -29.05
N GLY C 416 -20.26 16.52 -28.78
CA GLY C 416 -19.31 17.20 -29.66
C GLY C 416 -17.99 16.45 -29.74
N GLN C 417 -17.47 16.01 -28.60
CA GLN C 417 -16.19 15.24 -28.60
C GLN C 417 -16.31 13.96 -29.44
N PHE C 418 -17.44 13.25 -29.32
CA PHE C 418 -17.62 12.00 -30.06
C PHE C 418 -17.98 12.25 -31.53
N MSE C 419 -18.74 13.30 -31.82
CA MSE C 419 -19.03 13.65 -33.21
C MSE C 419 -17.73 14.05 -33.92
O MSE C 419 -17.54 13.67 -35.08
CB MSE C 419 -20.10 14.75 -33.30
CG MSE C 419 -21.48 14.22 -33.09
SE MSE C 419 -22.81 15.56 -33.59
CE MSE C 419 -22.46 16.81 -32.17
H MSE C 419 -19.17 13.92 -31.14
HA MSE C 419 -19.42 12.77 -33.71
HB2 MSE C 419 -19.91 15.52 -32.56
HB3 MSE C 419 -20.05 15.20 -34.29
HG2 MSE C 419 -21.65 13.34 -33.72
HG3 MSE C 419 -21.63 13.94 -32.05
HE1 MSE C 419 -22.17 16.23 -31.29
HE2 MSE C 419 -21.64 17.46 -32.48
HE3 MSE C 419 -23.36 17.39 -31.96
N ALA C 420 -16.83 14.75 -33.23
CA ALA C 420 -15.55 15.13 -33.80
C ALA C 420 -14.74 13.88 -34.12
N LYS C 421 -14.73 12.90 -33.20
CA LYS C 421 -14.02 11.64 -33.44
C LYS C 421 -14.55 10.95 -34.69
N ARG C 422 -15.90 10.89 -34.86
CA ARG C 422 -16.46 10.27 -36.07
C ARG C 422 -16.11 11.04 -37.36
N ILE C 423 -16.24 12.37 -37.34
CA ILE C 423 -15.97 13.19 -38.53
C ILE C 423 -14.51 13.08 -38.97
N HIS C 424 -13.58 13.15 -38.04
CA HIS C 424 -12.15 13.09 -38.35
C HIS C 424 -11.73 11.65 -38.74
N ALA C 425 -12.32 10.62 -38.13
CA ALA C 425 -12.08 9.23 -38.53
C ALA C 425 -12.51 9.04 -39.99
N GLU C 426 -13.69 9.59 -40.34
CA GLU C 426 -14.21 9.47 -41.70
C GLU C 426 -13.32 10.21 -42.71
N GLY C 427 -12.67 11.28 -42.29
CA GLY C 427 -11.74 12.00 -43.15
C GLY C 427 -10.52 11.17 -43.54
N LEU C 428 -10.14 10.20 -42.71
CA LEU C 428 -9.02 9.29 -43.02
C LEU C 428 -9.45 8.03 -43.79
N GLY C 429 -10.74 7.90 -44.12
CA GLY C 429 -11.27 6.76 -44.87
C GLY C 429 -12.11 5.78 -44.08
N TYR C 430 -12.22 5.97 -42.75
CA TYR C 430 -12.98 5.05 -41.93
C TYR C 430 -14.49 5.15 -42.23
N ARG C 431 -15.23 4.03 -42.13
CA ARG C 431 -16.67 3.97 -42.29
C ARG C 431 -17.24 2.99 -41.29
N VAL C 432 -18.35 3.35 -40.66
CA VAL C 432 -19.02 2.41 -39.79
C VAL C 432 -19.58 1.32 -40.65
N MSE C 433 -19.46 0.08 -40.19
CA MSE C 433 -19.94 -1.09 -40.92
C MSE C 433 -20.92 -1.84 -40.08
O MSE C 433 -20.98 -1.63 -38.86
CB MSE C 433 -18.75 -2.01 -41.28
CG MSE C 433 -17.81 -1.41 -42.29
SE MSE C 433 -16.22 -2.52 -42.51
CE MSE C 433 -16.95 -4.06 -43.42
H MSE C 433 -19.04 -0.17 -39.31
HA MSE C 433 -20.42 -0.81 -41.86
HB2 MSE C 433 -18.18 -2.22 -40.37
HB3 MSE C 433 -19.13 -2.94 -41.70
HG2 MSE C 433 -18.31 -1.34 -43.26
HG3 MSE C 433 -17.49 -0.43 -41.95
HE1 MSE C 433 -17.72 -3.72 -44.10
HE2 MSE C 433 -16.14 -4.55 -43.98
HE3 MSE C 433 -17.38 -4.74 -42.68
N SER C 434 -21.66 -2.74 -40.70
CA SER C 434 -22.63 -3.54 -39.92
C SER C 434 -21.93 -4.35 -38.81
N LYS C 435 -20.69 -4.82 -39.05
CA LYS C 435 -19.93 -5.58 -38.06
C LYS C 435 -19.24 -4.72 -36.98
N THR C 436 -19.19 -3.40 -37.12
CA THR C 436 -18.43 -2.52 -36.24
C THR C 436 -18.70 -2.72 -34.75
N LYS C 437 -17.62 -2.81 -33.99
CA LYS C 437 -17.65 -2.74 -32.54
C LYS C 437 -16.75 -1.55 -32.16
N ILE C 438 -17.12 -0.87 -31.10
CA ILE C 438 -16.34 0.18 -30.53
C ILE C 438 -15.79 -0.28 -29.21
N LEU C 439 -14.50 -0.12 -29.00
CA LEU C 439 -13.91 -0.35 -27.68
C LEU C 439 -13.58 0.99 -26.98
N ALA C 440 -13.92 1.12 -25.70
CA ALA C 440 -13.62 2.36 -24.94
C ALA C 440 -12.82 2.00 -23.72
N THR C 441 -11.79 2.79 -23.43
CA THR C 441 -10.93 2.59 -22.26
C THR C 441 -10.54 3.94 -21.66
N GLY C 442 -10.01 3.91 -20.44
CA GLY C 442 -9.64 5.13 -19.69
C GLY C 442 -10.70 5.60 -18.72
N GLY C 443 -10.41 6.70 -18.00
CA GLY C 443 -11.27 7.20 -16.95
C GLY C 443 -12.73 7.39 -17.35
N ALA C 444 -12.96 8.04 -18.50
CA ALA C 444 -14.32 8.33 -18.93
C ALA C 444 -15.06 7.08 -19.42
N SER C 445 -14.33 5.96 -19.71
CA SER C 445 -15.00 4.72 -20.07
C SER C 445 -15.70 4.09 -18.85
N HIS C 446 -15.44 4.57 -17.64
CA HIS C 446 -16.10 4.07 -16.42
C HIS C 446 -17.49 4.75 -16.19
N ASN C 447 -18.00 5.58 -17.13
CA ASN C 447 -19.29 6.26 -17.01
C ASN C 447 -20.21 5.78 -18.13
N ARG C 448 -21.27 5.06 -17.78
CA ARG C 448 -22.23 4.49 -18.76
C ARG C 448 -22.88 5.53 -19.64
N GLU C 449 -23.21 6.71 -19.09
CA GLU C 449 -23.89 7.77 -19.81
C GLU C 449 -22.97 8.33 -20.88
N ILE C 450 -21.69 8.47 -20.58
CA ILE C 450 -20.76 8.93 -21.60
C ILE C 450 -20.71 7.89 -22.73
N LEU C 451 -20.56 6.61 -22.35
CA LEU C 451 -20.48 5.52 -23.33
C LEU C 451 -21.75 5.42 -24.16
N GLN C 452 -22.89 5.77 -23.60
CA GLN C 452 -24.14 5.74 -24.34
C GLN C 452 -24.10 6.75 -25.48
N VAL C 453 -23.52 7.96 -25.24
CA VAL C 453 -23.44 8.99 -26.27
C VAL C 453 -22.53 8.45 -27.39
N LEU C 454 -21.41 7.83 -27.04
CA LEU C 454 -20.49 7.22 -28.02
C LEU C 454 -21.21 6.23 -28.91
N ALA C 455 -21.98 5.30 -28.27
CA ALA C 455 -22.75 4.31 -29.00
C ALA C 455 -23.75 4.98 -29.95
N ASP C 456 -24.46 6.02 -29.46
CA ASP C 456 -25.47 6.74 -30.24
C ASP C 456 -24.85 7.46 -31.44
N VAL C 457 -23.74 8.18 -31.23
CA VAL C 457 -23.11 8.95 -32.30
C VAL C 457 -22.62 8.04 -33.46
N PHE C 458 -22.00 6.88 -33.14
CA PHE C 458 -21.51 5.96 -34.17
C PHE C 458 -22.57 4.94 -34.63
N ASP C 459 -23.70 4.84 -33.88
CA ASP C 459 -24.74 3.86 -34.16
C ASP C 459 -24.13 2.44 -34.14
N ALA C 460 -23.33 2.14 -33.10
CA ALA C 460 -22.64 0.86 -32.98
C ALA C 460 -22.43 0.54 -31.51
N PRO C 461 -22.34 -0.76 -31.17
CA PRO C 461 -22.18 -1.15 -29.78
C PRO C 461 -20.80 -0.83 -29.23
N VAL C 462 -20.78 -0.54 -27.94
CA VAL C 462 -19.58 -0.14 -27.21
C VAL C 462 -19.26 -1.19 -26.19
N TYR C 463 -17.98 -1.58 -26.11
CA TYR C 463 -17.49 -2.53 -25.14
C TYR C 463 -16.36 -1.92 -24.35
N VAL C 464 -16.15 -2.41 -23.14
CA VAL C 464 -15.06 -1.98 -22.25
C VAL C 464 -14.26 -3.21 -21.81
N ILE C 465 -13.00 -3.00 -21.46
CA ILE C 465 -12.12 -4.04 -20.91
C ILE C 465 -11.87 -3.65 -19.47
N ASP C 466 -12.19 -4.51 -18.48
CA ASP C 466 -12.02 -4.12 -17.07
C ASP C 466 -10.56 -4.33 -16.54
N THR C 467 -9.54 -3.92 -17.33
CA THR C 467 -8.11 -3.95 -17.01
C THR C 467 -7.43 -2.75 -17.69
N ALA C 468 -6.11 -2.53 -17.44
CA ALA C 468 -5.30 -1.44 -18.04
C ALA C 468 -3.87 -1.92 -18.42
N ASN C 469 -3.75 -3.05 -19.10
CA ASN C 469 -2.46 -3.64 -19.48
C ASN C 469 -2.51 -4.06 -20.95
N SER C 470 -3.18 -3.25 -21.77
CA SER C 470 -3.46 -3.64 -23.14
C SER C 470 -2.21 -3.80 -23.99
N ALA C 471 -1.15 -3.00 -23.80
CA ALA C 471 0.05 -3.18 -24.61
C ALA C 471 0.77 -4.48 -24.21
N CYS C 472 0.84 -4.77 -22.90
CA CYS C 472 1.43 -6.03 -22.39
C CYS C 472 0.67 -7.24 -22.94
N VAL C 473 -0.63 -7.25 -22.69
CA VAL C 473 -1.49 -8.37 -23.08
C VAL C 473 -1.51 -8.51 -24.61
N GLY C 474 -1.61 -7.39 -25.34
CA GLY C 474 -1.55 -7.43 -26.80
C GLY C 474 -0.26 -8.05 -27.29
N SER C 475 0.84 -7.75 -26.60
CA SER C 475 2.12 -8.32 -26.93
C SER C 475 2.11 -9.83 -26.73
N ALA C 476 1.58 -10.33 -25.61
CA ALA C 476 1.52 -11.76 -25.36
C ALA C 476 0.60 -12.44 -26.43
N TYR C 477 -0.50 -11.78 -26.81
CA TYR C 477 -1.37 -12.30 -27.88
C TYR C 477 -0.62 -12.41 -29.19
N ARG C 478 0.13 -11.37 -29.53
CA ARG C 478 0.92 -11.37 -30.75
C ARG C 478 1.99 -12.48 -30.71
N ALA C 479 2.61 -12.75 -29.53
CA ALA C 479 3.57 -13.87 -29.38
C ALA C 479 2.84 -15.21 -29.68
N PHE C 480 1.65 -15.41 -29.08
CA PHE C 480 0.86 -16.62 -29.37
C PHE C 480 0.52 -16.72 -30.86
N HIS C 481 0.16 -15.60 -31.51
CA HIS C 481 -0.17 -15.60 -32.93
C HIS C 481 1.05 -16.06 -33.75
N GLY C 482 2.26 -15.66 -33.34
CA GLY C 482 3.51 -16.14 -33.93
C GLY C 482 3.67 -17.64 -33.78
N LEU C 483 3.32 -18.20 -32.61
CA LEU C 483 3.38 -19.65 -32.40
C LEU C 483 2.24 -20.43 -33.09
N ALA C 484 1.07 -19.81 -33.29
CA ALA C 484 -0.11 -20.49 -33.81
C ALA C 484 -0.22 -20.49 -35.33
N GLY C 485 0.69 -19.82 -36.02
CA GLY C 485 0.66 -19.80 -37.47
C GLY C 485 1.07 -18.51 -38.15
N GLY C 486 1.21 -17.42 -37.41
CA GLY C 486 1.67 -16.16 -37.95
C GLY C 486 0.89 -15.67 -39.14
N THR C 487 1.60 -15.24 -40.20
CA THR C 487 0.99 -14.69 -41.42
C THR C 487 0.14 -15.73 -42.16
N ASP C 488 0.19 -17.04 -41.78
CA ASP C 488 -0.67 -18.05 -42.38
C ASP C 488 -2.09 -18.06 -41.80
N VAL C 489 -2.28 -17.47 -40.61
CA VAL C 489 -3.57 -17.53 -39.91
C VAL C 489 -4.04 -16.15 -39.50
N PRO C 490 -5.36 -15.92 -39.44
CA PRO C 490 -5.83 -14.61 -38.99
C PRO C 490 -5.65 -14.43 -37.49
N PHE C 491 -5.08 -13.30 -37.10
CA PHE C 491 -4.90 -12.95 -35.68
C PHE C 491 -6.22 -13.10 -34.89
N SER C 492 -7.33 -12.63 -35.45
CA SER C 492 -8.65 -12.67 -34.79
C SER C 492 -9.06 -14.08 -34.38
N GLU C 493 -8.72 -15.08 -35.21
CA GLU C 493 -9.04 -16.48 -34.92
C GLU C 493 -8.18 -17.01 -33.78
N VAL C 494 -6.93 -16.56 -33.64
CA VAL C 494 -6.07 -16.97 -32.52
C VAL C 494 -6.59 -16.40 -31.20
N VAL C 495 -7.04 -15.14 -31.19
CA VAL C 495 -7.47 -14.43 -29.95
C VAL C 495 -8.95 -14.62 -29.63
N LYS C 496 -9.69 -15.46 -30.41
CA LYS C 496 -11.09 -15.84 -30.11
C LYS C 496 -11.19 -16.41 -28.68
N LEU C 497 -10.15 -17.15 -28.23
CA LEU C 497 -10.12 -17.75 -26.89
C LEU C 497 -9.96 -16.75 -25.77
N ALA C 498 -9.39 -15.55 -26.02
CA ALA C 498 -9.12 -14.60 -24.95
C ALA C 498 -10.43 -14.09 -24.33
N PRO C 499 -10.35 -13.53 -23.09
CA PRO C 499 -11.55 -12.97 -22.44
C PRO C 499 -12.26 -11.95 -23.35
N ASN C 500 -13.58 -12.01 -23.40
CA ASN C 500 -14.38 -11.07 -24.19
C ASN C 500 -14.64 -9.78 -23.42
N PRO C 501 -14.63 -8.62 -24.12
CA PRO C 501 -14.93 -7.35 -23.44
C PRO C 501 -16.41 -7.31 -23.10
N ARG C 502 -16.81 -6.58 -22.07
CA ARG C 502 -18.24 -6.59 -21.78
C ARG C 502 -18.95 -5.47 -22.46
N LEU C 503 -20.15 -5.78 -22.91
CA LEU C 503 -21.00 -4.83 -23.62
C LEU C 503 -21.47 -3.77 -22.63
N ALA C 504 -21.07 -2.53 -22.84
CA ALA C 504 -21.39 -1.40 -21.96
C ALA C 504 -22.62 -0.62 -22.44
N ALA C 505 -22.79 -0.48 -23.79
CA ALA C 505 -23.94 0.27 -24.33
C ALA C 505 -24.21 -0.08 -25.80
N THR C 506 -25.49 0.01 -26.20
CA THR C 506 -25.94 -0.19 -27.60
C THR C 506 -26.70 1.07 -28.00
N PRO C 507 -26.66 1.46 -29.29
CA PRO C 507 -27.31 2.71 -29.70
C PRO C 507 -28.79 2.71 -29.42
N SER C 508 -29.32 3.84 -28.93
CA SER C 508 -30.74 3.93 -28.62
C SER C 508 -31.56 4.00 -29.89
N PRO C 509 -32.84 3.59 -29.86
CA PRO C 509 -33.68 3.73 -31.07
C PRO C 509 -33.76 5.20 -31.50
N GLY C 510 -33.59 5.45 -32.79
CA GLY C 510 -33.65 6.80 -33.33
C GLY C 510 -32.30 7.50 -33.38
N ALA C 511 -31.23 6.87 -32.86
CA ALA C 511 -29.89 7.46 -32.89
C ALA C 511 -29.43 7.75 -34.32
N SER C 512 -29.62 6.81 -35.24
CA SER C 512 -29.21 6.99 -36.63
C SER C 512 -29.82 8.26 -37.27
N GLN C 513 -31.10 8.51 -37.03
CA GLN C 513 -31.82 9.65 -37.63
C GLN C 513 -31.34 10.98 -37.04
N VAL C 514 -31.06 11.00 -35.73
CA VAL C 514 -30.59 12.22 -35.06
C VAL C 514 -29.21 12.62 -35.57
N TYR C 515 -28.21 11.73 -35.49
CA TYR C 515 -26.84 12.12 -35.85
C TYR C 515 -26.58 12.15 -37.35
N GLU C 516 -27.41 11.49 -38.18
CA GLU C 516 -27.25 11.59 -39.64
C GLU C 516 -27.45 13.05 -40.06
N ALA C 517 -28.35 13.76 -39.38
CA ALA C 517 -28.64 15.17 -39.65
C ALA C 517 -27.69 16.11 -38.89
N LEU C 518 -27.30 15.76 -37.66
CA LEU C 518 -26.47 16.64 -36.85
C LEU C 518 -24.98 16.58 -37.19
N LEU C 519 -24.46 15.42 -37.61
CA LEU C 519 -23.02 15.29 -37.92
C LEU C 519 -22.55 16.28 -39.00
N PRO C 520 -23.24 16.41 -40.15
CA PRO C 520 -22.79 17.40 -41.16
C PRO C 520 -22.89 18.84 -40.66
N GLN C 521 -23.83 19.12 -39.76
CA GLN C 521 -23.97 20.46 -39.22
C GLN C 521 -22.77 20.80 -38.33
N TYR C 522 -22.36 19.83 -37.49
CA TYR C 522 -21.19 20.00 -36.63
C TYR C 522 -19.93 20.17 -37.46
N ALA C 523 -19.79 19.37 -38.52
CA ALA C 523 -18.64 19.47 -39.43
C ALA C 523 -18.60 20.84 -40.10
N LYS C 524 -19.78 21.37 -40.50
CA LYS C 524 -19.87 22.69 -41.16
C LYS C 524 -19.41 23.79 -40.20
N LEU C 525 -19.86 23.72 -38.93
CA LEU C 525 -19.47 24.73 -37.93
C LEU C 525 -17.97 24.64 -37.61
N GLU C 526 -17.40 23.45 -37.64
CA GLU C 526 -15.96 23.28 -37.45
C GLU C 526 -15.23 23.99 -38.60
N GLN C 527 -15.63 23.72 -39.88
CA GLN C 527 -14.97 24.38 -41.03
C GLN C 527 -15.15 25.91 -40.92
N ARG C 528 -16.29 26.37 -40.38
CA ARG C 528 -16.57 27.80 -40.18
C ARG C 528 -15.60 28.41 -39.15
N ILE C 529 -15.34 27.73 -38.05
CA ILE C 529 -14.37 28.20 -37.05
C ILE C 529 -12.96 28.21 -37.65
N LEU C 530 -12.57 27.15 -38.38
CA LEU C 530 -11.25 27.07 -39.02
C LEU C 530 -11.04 28.21 -40.03
N SER C 531 -12.08 28.56 -40.82
CA SER C 531 -11.97 29.62 -41.82
C SER C 531 -11.76 31.00 -41.15
N GLN C 532 -12.31 31.20 -39.94
CA GLN C 532 -12.17 32.46 -39.21
C GLN C 532 -10.77 32.61 -38.58
N THR C 533 -9.97 31.52 -38.49
CA THR C 533 -8.61 31.56 -37.92
C THR C 533 -7.64 32.09 -38.98
C1 EDO D . 19.60 -1.32 15.52
O1 EDO D . 19.46 -1.77 14.18
C2 EDO D . 21.05 -1.47 15.98
O2 EDO D . 21.35 -2.89 16.00
C1 EDO E . 20.64 -23.02 27.06
O1 EDO E . 21.24 -21.75 27.21
C2 EDO E . 20.39 -23.59 28.47
O2 EDO E . 19.45 -22.77 29.17
C1 EDO F . 4.17 -17.27 -0.60
O1 EDO F . 4.87 -18.46 -0.56
C2 EDO F . 2.95 -17.47 0.32
O2 EDO F . 2.34 -16.23 0.46
C1 EDO G . 24.29 -0.61 16.88
O1 EDO G . 23.94 0.48 17.77
C2 EDO G . 25.80 -0.71 16.61
O2 EDO G . 26.48 -0.79 17.84
H11 EDO G . 23.77 -0.38 15.95
H12 EDO G . 23.89 -1.56 17.23
HO1 EDO G . 22.99 0.40 17.99
H21 EDO G . 26.14 0.12 16.01
H22 EDO G . 26.04 -1.63 16.09
HO2 EDO G . 27.24 -1.41 17.73
C1 EDO H . 45.41 -0.38 34.07
O1 EDO H . 44.33 -0.85 33.30
C2 EDO H . 44.91 -0.07 35.49
O2 EDO H . 44.26 1.17 35.46
H11 EDO H . 45.75 0.53 33.58
H12 EDO H . 46.24 -1.07 34.09
HO1 EDO H . 43.96 -0.08 32.81
H21 EDO H . 45.72 -0.10 36.21
H22 EDO H . 44.16 -0.79 35.81
HO2 EDO H . 44.96 1.86 35.40
C1 EDO I . -27.57 4.28 17.07
O1 EDO I . -28.39 5.45 17.04
C2 EDO I . -27.79 3.42 18.36
O2 EDO I . -29.19 3.33 18.65
C1 EDO J . -25.55 5.17 12.87
O1 EDO J . -24.37 4.47 12.53
C2 EDO J . -26.34 4.41 13.94
O2 EDO J . -26.73 3.13 13.44
C1 EDO K . 1.25 8.32 -30.72
O1 EDO K . 1.96 8.83 -31.86
C2 EDO K . 2.19 8.38 -29.49
O2 EDO K . 2.82 9.66 -29.32
C1 EDO L . 3.89 6.69 -25.34
O1 EDO L . 3.13 5.71 -24.66
C2 EDO L . 3.40 6.89 -26.79
O2 EDO L . 3.69 5.68 -27.52
C1 EDO M . 18.37 -8.03 -38.48
O1 EDO M . 17.86 -6.71 -38.63
C2 EDO M . 19.72 -8.14 -39.18
O2 EDO M . 20.62 -7.17 -38.65
H11 EDO M . 17.63 -8.67 -38.95
H12 EDO M . 18.44 -8.34 -37.43
HO1 EDO M . 17.67 -6.57 -39.59
H21 EDO M . 19.61 -8.05 -40.26
H22 EDO M . 20.18 -9.10 -38.98
HO2 EDO M . 21.35 -7.67 -38.19
#